data_9BIC
# 
_entry.id   9BIC 
# 
_audit_conform.dict_name       mmcif_pdbx.dic 
_audit_conform.dict_version    5.396 
_audit_conform.dict_location   http://mmcif.pdb.org/dictionaries/ascii/mmcif_pdbx.dic 
# 
loop_
_database_2.database_id 
_database_2.database_code 
_database_2.pdbx_database_accession 
_database_2.pdbx_DOI 
PDB   9BIC         pdb_00009bic 10.2210/pdb9bic/pdb 
WWPDB D_1000283437 ?            ?                   
# 
_pdbx_audit_revision_history.ordinal             1 
_pdbx_audit_revision_history.data_content_type   'Structure model' 
_pdbx_audit_revision_history.major_revision      1 
_pdbx_audit_revision_history.minor_revision      0 
_pdbx_audit_revision_history.revision_date       2024-09-18 
# 
_pdbx_audit_revision_details.ordinal             1 
_pdbx_audit_revision_details.revision_ordinal    1 
_pdbx_audit_revision_details.data_content_type   'Structure model' 
_pdbx_audit_revision_details.provider            repository 
_pdbx_audit_revision_details.type                'Initial release' 
_pdbx_audit_revision_details.description         ? 
_pdbx_audit_revision_details.details             ? 
# 
_pdbx_database_status.status_code                     REL 
_pdbx_database_status.status_code_sf                  REL 
_pdbx_database_status.status_code_mr                  ? 
_pdbx_database_status.entry_id                        9BIC 
_pdbx_database_status.recvd_initial_deposition_date   2024-04-23 
_pdbx_database_status.SG_entry                        N 
_pdbx_database_status.deposit_site                    RCSB 
_pdbx_database_status.process_site                    RCSB 
_pdbx_database_status.status_code_cs                  ? 
_pdbx_database_status.status_code_nmr_data            ? 
_pdbx_database_status.methods_development_category    ? 
_pdbx_database_status.pdb_format_compatible           Y 
# 
_pdbx_contact_author.id                 4 
_pdbx_contact_author.email              jsnowick@uci.edu 
_pdbx_contact_author.name_first         James 
_pdbx_contact_author.name_last          Nowick 
_pdbx_contact_author.name_mi            ? 
_pdbx_contact_author.role               'principal investigator/group leader' 
_pdbx_contact_author.identifier_ORCID   0000-0002-2273-1029 
# 
loop_
_audit_author.name 
_audit_author.pdbx_ordinal 
_audit_author.identifier_ORCID 
'Kreutzer, A.G.' 1 0000-0002-9724-6298 
'Griffin, J.G.'  2 ?                   
'Nowick, J.S.'   3 0000-0002-2273-1029 
# 
_citation.abstract                  ? 
_citation.abstract_id_CAS           ? 
_citation.book_id_ISBN              ? 
_citation.book_publisher            ? 
_citation.book_publisher_city       ? 
_citation.book_title                ? 
_citation.coordinate_linkage        ? 
_citation.country                   US 
_citation.database_id_Medline       ? 
_citation.details                   ? 
_citation.id                        primary 
_citation.journal_abbrev            J.Org.Chem. 
_citation.journal_id_ASTM           JOCEAH 
_citation.journal_id_CSD            0035 
_citation.journal_id_ISSN           0022-3263 
_citation.journal_full              ? 
_citation.journal_issue             ? 
_citation.journal_volume            89 
_citation.language                  ? 
_citation.page_first                12479 
_citation.page_last                 12484 
_citation.title                     'Structure-Activity Relationship Studies of the Peptide Antibiotic Clovibactin.' 
_citation.year                      2024 
_citation.database_id_CSD           ? 
_citation.pdbx_database_id_DOI      10.1021/acs.joc.4c01414 
_citation.pdbx_database_id_PubMed   39178334 
_citation.pdbx_database_id_patent   ? 
_citation.unpublished_flag          ? 
# 
loop_
_citation_author.citation_id 
_citation_author.name 
_citation_author.ordinal 
_citation_author.identifier_ORCID 
primary 'Brunicardi, J.E.H.' 1 0000-0002-3661-9476 
primary 'Griffin, J.H.'      2 0009-0004-9448-1526 
primary 'Ferracane, M.J.'    3 ?                   
primary 'Kreutzer, A.G.'     4 0000-0002-9724-6298 
primary 'Small, J.'          5 ?                   
primary 'Mendoza, A.T.'      6 0009-0000-3799-1897 
primary 'Ziller, J.W.'       7 0000-0001-7404-950X 
primary 'Nowick, J.S.'       8 0000-0002-2273-1029 
# 
loop_
_entity.id 
_entity.type 
_entity.src_method 
_entity.pdbx_description 
_entity.formula_weight 
_entity.pdbx_number_of_molecules 
_entity.pdbx_ec 
_entity.pdbx_mutation 
_entity.pdbx_fragment 
_entity.details 
1 polymer     syn PHE-MLU-DLY-SER-DTH-ALA-LEU-LEU 906.121 8  ? ? ? ? 
2 non-polymer syn 'CADMIUM ION'                   112.411 4  ? ? ? ? 
3 non-polymer syn 'SULFATE ION'                   96.063  3  ? ? ? ? 
4 water       nat water                           18.015  79 ? ? ? ? 
# 
_entity_poly.entity_id                      1 
_entity_poly.type                           'polypeptide(L)' 
_entity_poly.nstd_linkage                   no 
_entity_poly.nstd_monomer                   yes 
_entity_poly.pdbx_seq_one_letter_code       'F(MLU)(DLY)S(DTH)ALL' 
_entity_poly.pdbx_seq_one_letter_code_can   FXKSTALL 
_entity_poly.pdbx_strand_id                 A,B,C,D,E,F,G,H 
_entity_poly.pdbx_target_identifier         ? 
# 
loop_
_pdbx_entity_nonpoly.entity_id 
_pdbx_entity_nonpoly.name 
_pdbx_entity_nonpoly.comp_id 
2 'CADMIUM ION' CD  
3 'SULFATE ION' SO4 
4 water         HOH 
# 
loop_
_entity_poly_seq.entity_id 
_entity_poly_seq.num 
_entity_poly_seq.mon_id 
_entity_poly_seq.hetero 
1 1 PHE n 
1 2 MLU n 
1 3 DLY n 
1 4 SER n 
1 5 DTH n 
1 6 ALA n 
1 7 LEU n 
1 8 LEU n 
# 
_pdbx_entity_src_syn.entity_id              1 
_pdbx_entity_src_syn.pdbx_src_id            1 
_pdbx_entity_src_syn.pdbx_alt_source_flag   sample 
_pdbx_entity_src_syn.pdbx_beg_seq_num       1 
_pdbx_entity_src_syn.pdbx_end_seq_num       8 
_pdbx_entity_src_syn.organism_scientific    Eleftheria 
_pdbx_entity_src_syn.organism_common_name   ? 
_pdbx_entity_src_syn.ncbi_taxonomy_id       1597779 
_pdbx_entity_src_syn.details                ? 
# 
loop_
_chem_comp.id 
_chem_comp.type 
_chem_comp.mon_nstd_flag 
_chem_comp.name 
_chem_comp.pdbx_synonyms 
_chem_comp.formula 
_chem_comp.formula_weight 
ALA 'L-peptide linking' y ALANINE            ? 'C3 H7 N O2'   89.093  
CD  non-polymer         . 'CADMIUM ION'      ? 'Cd 2'         112.411 
DLY 'D-peptide linking' . D-LYSINE           ? 'C6 H14 N2 O2' 146.188 
DTH 'D-peptide linking' . D-THREONINE        ? 'C4 H9 N O3'   119.119 
HOH non-polymer         . WATER              ? 'H2 O'         18.015  
LEU 'L-peptide linking' y LEUCINE            ? 'C6 H13 N O2'  131.173 
MLU 'D-peptide linking' . N-methyl-D-leucine ? 'C7 H15 N O2'  145.199 
PHE 'L-peptide linking' y PHENYLALANINE      ? 'C9 H11 N O2'  165.189 
SER 'L-peptide linking' y SERINE             ? 'C3 H7 N O3'   105.093 
SO4 non-polymer         . 'SULFATE ION'      ? 'O4 S -2'      96.063  
# 
loop_
_pdbx_poly_seq_scheme.asym_id 
_pdbx_poly_seq_scheme.entity_id 
_pdbx_poly_seq_scheme.seq_id 
_pdbx_poly_seq_scheme.mon_id 
_pdbx_poly_seq_scheme.ndb_seq_num 
_pdbx_poly_seq_scheme.pdb_seq_num 
_pdbx_poly_seq_scheme.auth_seq_num 
_pdbx_poly_seq_scheme.pdb_mon_id 
_pdbx_poly_seq_scheme.auth_mon_id 
_pdbx_poly_seq_scheme.pdb_strand_id 
_pdbx_poly_seq_scheme.pdb_ins_code 
_pdbx_poly_seq_scheme.hetero 
A 1 1 PHE 1 1 1 PHE PHE A . n 
A 1 2 MLU 2 2 2 MLU MLU A . n 
A 1 3 DLY 3 3 3 DLY DLY A . n 
A 1 4 SER 4 4 4 SER SER A . n 
A 1 5 DTH 5 5 5 DTH DTH A . n 
A 1 6 ALA 6 6 6 ALA ALA A . n 
A 1 7 LEU 7 7 7 LEU LEU A . n 
A 1 8 LEU 8 8 8 LEU LEU A . n 
B 1 1 PHE 1 1 1 PHE PHE B . n 
B 1 2 MLU 2 2 2 MLU MLU B . n 
B 1 3 DLY 3 3 3 DLY DLY B . n 
B 1 4 SER 4 4 4 SER SER B . n 
B 1 5 DTH 5 5 5 DTH DTH B . n 
B 1 6 ALA 6 6 6 ALA ALA B . n 
B 1 7 LEU 7 7 7 LEU LEU B . n 
B 1 8 LEU 8 8 8 LEU LEU B . n 
C 1 1 PHE 1 1 1 PHE PHE C . n 
C 1 2 MLU 2 2 2 MLU MLU C . n 
C 1 3 DLY 3 3 3 DLY DLY C . n 
C 1 4 SER 4 4 4 SER SER C . n 
C 1 5 DTH 5 5 5 DTH DTH C . n 
C 1 6 ALA 6 6 6 ALA ALA C . n 
C 1 7 LEU 7 7 7 LEU LEU C . n 
C 1 8 LEU 8 8 8 LEU LEU C . n 
D 1 1 PHE 1 1 1 PHE PHE D . n 
D 1 2 MLU 2 2 2 MLU MLU D . n 
D 1 3 DLY 3 3 3 DLY DLY D . n 
D 1 4 SER 4 4 4 SER SER D . n 
D 1 5 DTH 5 5 5 DTH DTH D . n 
D 1 6 ALA 6 6 6 ALA ALA D . n 
D 1 7 LEU 7 7 7 LEU LEU D . n 
D 1 8 LEU 8 8 8 LEU LEU D . n 
E 1 1 PHE 1 1 1 PHE PHE E . n 
E 1 2 MLU 2 2 2 MLU MLU E . n 
E 1 3 DLY 3 3 3 DLY DLY E . n 
E 1 4 SER 4 4 4 SER SER E . n 
E 1 5 DTH 5 5 5 DTH DTH E . n 
E 1 6 ALA 6 6 6 ALA ALA E . n 
E 1 7 LEU 7 7 7 LEU LEU E . n 
E 1 8 LEU 8 8 8 LEU LEU E . n 
F 1 1 PHE 1 1 1 PHE PHE F . n 
F 1 2 MLU 2 2 2 MLU MLU F . n 
F 1 3 DLY 3 3 3 DLY DLY F . n 
F 1 4 SER 4 4 4 SER SER F . n 
F 1 5 DTH 5 5 5 DTH DTH F . n 
F 1 6 ALA 6 6 6 ALA ALA F . n 
F 1 7 LEU 7 7 7 LEU LEU F . n 
F 1 8 LEU 8 8 8 LEU LEU F . n 
G 1 1 PHE 1 1 1 PHE PHE G . n 
G 1 2 MLU 2 2 2 MLU MLU G . n 
G 1 3 DLY 3 3 3 DLY DLY G . n 
G 1 4 SER 4 4 4 SER SER G . n 
G 1 5 DTH 5 5 5 DTH DTH G . n 
G 1 6 ALA 6 6 6 ALA ALA G . n 
G 1 7 LEU 7 7 7 LEU LEU G . n 
G 1 8 LEU 8 8 8 LEU LEU G . n 
H 1 1 PHE 1 1 1 PHE PHE H . n 
H 1 2 MLU 2 2 2 MLU MLU H . n 
H 1 3 DLY 3 3 3 DLY DLY H . n 
H 1 4 SER 4 4 4 SER SER H . n 
H 1 5 DTH 5 5 5 DTH DTH H . n 
H 1 6 ALA 6 6 6 ALA ALA H . n 
H 1 7 LEU 7 7 7 LEU LEU H . n 
H 1 8 LEU 8 8 8 LEU LEU H . n 
# 
loop_
_pdbx_nonpoly_scheme.asym_id 
_pdbx_nonpoly_scheme.entity_id 
_pdbx_nonpoly_scheme.mon_id 
_pdbx_nonpoly_scheme.ndb_seq_num 
_pdbx_nonpoly_scheme.pdb_seq_num 
_pdbx_nonpoly_scheme.auth_seq_num 
_pdbx_nonpoly_scheme.pdb_mon_id 
_pdbx_nonpoly_scheme.auth_mon_id 
_pdbx_nonpoly_scheme.pdb_strand_id 
_pdbx_nonpoly_scheme.pdb_ins_code 
I 2 CD  1  101 3   CD  CD  A . 
J 2 CD  1  101 4   CD  CD  B . 
K 3 SO4 1  101 3   SO4 SO4 C . 
L 2 CD  1  102 1   CD  CD  C . 
M 2 CD  1  101 2   CD  CD  E . 
N 3 SO4 1  101 2   SO4 SO4 F . 
O 3 SO4 1  101 1   SO4 SO4 H . 
P 4 HOH 1  201 23  HOH HOH A . 
P 4 HOH 2  202 123 HOH HOH A . 
P 4 HOH 3  203 1   HOH HOH A . 
P 4 HOH 4  204 156 HOH HOH A . 
P 4 HOH 5  205 4   HOH HOH A . 
P 4 HOH 6  206 5   HOH HOH A . 
P 4 HOH 7  207 124 HOH HOH A . 
P 4 HOH 8  208 190 HOH HOH A . 
P 4 HOH 9  209 30  HOH HOH A . 
P 4 HOH 10 210 14  HOH HOH A . 
P 4 HOH 11 211 18  HOH HOH A . 
Q 4 HOH 1  201 40  HOH HOH B . 
Q 4 HOH 2  202 54  HOH HOH B . 
Q 4 HOH 3  203 38  HOH HOH B . 
Q 4 HOH 4  204 45  HOH HOH B . 
Q 4 HOH 5  205 27  HOH HOH B . 
Q 4 HOH 6  206 34  HOH HOH B . 
Q 4 HOH 7  207 43  HOH HOH B . 
Q 4 HOH 8  208 164 HOH HOH B . 
Q 4 HOH 9  209 36  HOH HOH B . 
Q 4 HOH 10 210 52  HOH HOH B . 
Q 4 HOH 11 211 139 HOH HOH B . 
Q 4 HOH 12 212 35  HOH HOH B . 
Q 4 HOH 13 213 37  HOH HOH B . 
Q 4 HOH 14 214 29  HOH HOH B . 
Q 4 HOH 15 215 133 HOH HOH B . 
Q 4 HOH 16 216 60  HOH HOH B . 
R 4 HOH 1  201 10  HOH HOH C . 
R 4 HOH 2  202 58  HOH HOH C . 
R 4 HOH 3  203 11  HOH HOH C . 
R 4 HOH 4  204 122 HOH HOH C . 
R 4 HOH 5  205 110 HOH HOH C . 
R 4 HOH 6  206 22  HOH HOH C . 
R 4 HOH 7  207 26  HOH HOH C . 
R 4 HOH 8  208 8   HOH HOH C . 
R 4 HOH 9  209 103 HOH HOH C . 
R 4 HOH 10 210 111 HOH HOH C . 
S 4 HOH 1  101 39  HOH HOH D . 
S 4 HOH 2  102 41  HOH HOH D . 
S 4 HOH 3  103 44  HOH HOH D . 
S 4 HOH 4  104 3   HOH HOH D . 
S 4 HOH 5  105 42  HOH HOH D . 
S 4 HOH 6  106 101 HOH HOH D . 
S 4 HOH 7  107 55  HOH HOH D . 
S 4 HOH 8  108 53  HOH HOH D . 
S 4 HOH 9  109 80  HOH HOH D . 
S 4 HOH 10 110 2   HOH HOH D . 
T 4 HOH 1  201 165 HOH HOH E . 
T 4 HOH 2  202 6   HOH HOH E . 
U 4 HOH 1  201 56  HOH HOH F . 
U 4 HOH 2  202 13  HOH HOH F . 
U 4 HOH 3  203 48  HOH HOH F . 
U 4 HOH 4  204 16  HOH HOH F . 
U 4 HOH 5  205 77  HOH HOH F . 
U 4 HOH 6  206 179 HOH HOH F . 
U 4 HOH 7  207 82  HOH HOH F . 
U 4 HOH 8  208 194 HOH HOH F . 
U 4 HOH 9  209 51  HOH HOH F . 
V 4 HOH 1  101 95  HOH HOH G . 
V 4 HOH 2  102 31  HOH HOH G . 
V 4 HOH 3  103 163 HOH HOH G . 
V 4 HOH 4  104 15  HOH HOH G . 
V 4 HOH 5  105 33  HOH HOH G . 
V 4 HOH 6  106 24  HOH HOH G . 
V 4 HOH 7  107 32  HOH HOH G . 
V 4 HOH 8  108 204 HOH HOH G . 
V 4 HOH 9  109 173 HOH HOH G . 
W 4 HOH 1  201 19  HOH HOH H . 
W 4 HOH 2  202 9   HOH HOH H . 
W 4 HOH 3  203 72  HOH HOH H . 
W 4 HOH 4  204 47  HOH HOH H . 
W 4 HOH 5  205 104 HOH HOH H . 
W 4 HOH 6  206 25  HOH HOH H . 
W 4 HOH 7  207 171 HOH HOH H . 
W 4 HOH 8  208 64  HOH HOH H . 
W 4 HOH 9  209 21  HOH HOH H . 
W 4 HOH 10 210 70  HOH HOH H . 
W 4 HOH 11 211 169 HOH HOH H . 
W 4 HOH 12 212 130 HOH HOH H . 
# 
loop_
_software.citation_id 
_software.classification 
_software.compiler_name 
_software.compiler_version 
_software.contact_author 
_software.contact_author_email 
_software.date 
_software.description 
_software.dependencies 
_software.hardware 
_software.language 
_software.location 
_software.mods 
_software.name 
_software.os 
_software.os_version 
_software.type 
_software.version 
_software.pdbx_ordinal 
? refinement       ? ? ? ? ? ? ? ? ? ? ? PHENIX  ? ? ? 1.21_5207 1 
? 'data reduction' ? ? ? ? ? ? ? ? ? ? ? XDS     ? ? ? .         2 
? 'data scaling'   ? ? ? ? ? ? ? ? ? ? ? Aimless ? ? ? .         3 
? phasing          ? ? ? ? ? ? ? ? ? ? ? PHASER  ? ? ? .         4 
# 
_cell.angle_alpha                  90.00 
_cell.angle_alpha_esd              ? 
_cell.angle_beta                   90.00 
_cell.angle_beta_esd               ? 
_cell.angle_gamma                  90.00 
_cell.angle_gamma_esd              ? 
_cell.entry_id                     9BIC 
_cell.details                      ? 
_cell.formula_units_Z              ? 
_cell.length_a                     23.504 
_cell.length_a_esd                 ? 
_cell.length_b                     47.773 
_cell.length_b_esd                 ? 
_cell.length_c                     54.078 
_cell.length_c_esd                 ? 
_cell.volume                       ? 
_cell.volume_esd                   ? 
_cell.Z_PDB                        32 
_cell.reciprocal_angle_alpha       ? 
_cell.reciprocal_angle_beta        ? 
_cell.reciprocal_angle_gamma       ? 
_cell.reciprocal_angle_alpha_esd   ? 
_cell.reciprocal_angle_beta_esd    ? 
_cell.reciprocal_angle_gamma_esd   ? 
_cell.reciprocal_length_a          ? 
_cell.reciprocal_length_b          ? 
_cell.reciprocal_length_c          ? 
_cell.reciprocal_length_a_esd      ? 
_cell.reciprocal_length_b_esd      ? 
_cell.reciprocal_length_c_esd      ? 
_cell.pdbx_unique_axis             ? 
_cell.pdbx_esd_method              ? 
# 
_symmetry.entry_id                         9BIC 
_symmetry.cell_setting                     ? 
_symmetry.Int_Tables_number                18 
_symmetry.space_group_name_Hall            ? 
_symmetry.space_group_name_H-M             'P 2 21 21' 
_symmetry.pdbx_full_space_group_name_H-M   ? 
# 
_exptl.absorpt_coefficient_mu     ? 
_exptl.absorpt_correction_T_max   ? 
_exptl.absorpt_correction_T_min   ? 
_exptl.absorpt_correction_type    ? 
_exptl.absorpt_process_details    ? 
_exptl.entry_id                   9BIC 
_exptl.crystals_number            1 
_exptl.details                    ? 
_exptl.method                     'X-RAY DIFFRACTION' 
_exptl.method_details             ? 
# 
_exptl_crystal.colour                       ? 
_exptl_crystal.density_diffrn               ? 
_exptl_crystal.density_Matthews             2.09 
_exptl_crystal.density_method               ? 
_exptl_crystal.density_percent_sol          41.27 
_exptl_crystal.description                  ? 
_exptl_crystal.F_000                        ? 
_exptl_crystal.id                           1 
_exptl_crystal.preparation                  ? 
_exptl_crystal.size_max                     ? 
_exptl_crystal.size_mid                     ? 
_exptl_crystal.size_min                     ? 
_exptl_crystal.size_rad                     ? 
_exptl_crystal.colour_lustre                ? 
_exptl_crystal.colour_modifier              ? 
_exptl_crystal.colour_primary               ? 
_exptl_crystal.density_meas                 ? 
_exptl_crystal.density_meas_esd             ? 
_exptl_crystal.density_meas_gt              ? 
_exptl_crystal.density_meas_lt              ? 
_exptl_crystal.density_meas_temp            ? 
_exptl_crystal.density_meas_temp_esd        ? 
_exptl_crystal.density_meas_temp_gt         ? 
_exptl_crystal.density_meas_temp_lt         ? 
_exptl_crystal.pdbx_crystal_image_url       ? 
_exptl_crystal.pdbx_crystal_image_format    ? 
_exptl_crystal.pdbx_mosaicity               ? 
_exptl_crystal.pdbx_mosaicity_esd           ? 
_exptl_crystal.pdbx_mosaic_method           ? 
_exptl_crystal.pdbx_mosaic_block_size       ? 
_exptl_crystal.pdbx_mosaic_block_size_esd   ? 
# 
_exptl_crystal_grow.apparatus       ? 
_exptl_crystal_grow.atmosphere      ? 
_exptl_crystal_grow.crystal_id      1 
_exptl_crystal_grow.details         ? 
_exptl_crystal_grow.method          'VAPOR DIFFUSION, HANGING DROP' 
_exptl_crystal_grow.method_ref      ? 
_exptl_crystal_grow.pH              ? 
_exptl_crystal_grow.pressure        ? 
_exptl_crystal_grow.pressure_esd    ? 
_exptl_crystal_grow.seeding         ? 
_exptl_crystal_grow.seeding_ref     ? 
_exptl_crystal_grow.temp_details    ? 
_exptl_crystal_grow.temp_esd        ? 
_exptl_crystal_grow.time            ? 
_exptl_crystal_grow.pdbx_details    
'0.05 M cadmium sulfate hydrate and 1.0 M sodium acetate trihydrate buffered to pH 7.5 with 0.1 M HEPES' 
_exptl_crystal_grow.pdbx_pH_range   ? 
_exptl_crystal_grow.temp            296.15 
# 
_diffrn.ambient_environment              ? 
_diffrn.ambient_temp                     123.15 
_diffrn.ambient_temp_details             ? 
_diffrn.ambient_temp_esd                 ? 
_diffrn.crystal_id                       1 
_diffrn.crystal_support                  ? 
_diffrn.crystal_treatment                ? 
_diffrn.details                          ? 
_diffrn.id                               1 
_diffrn.ambient_pressure                 ? 
_diffrn.ambient_pressure_esd             ? 
_diffrn.ambient_pressure_gt              ? 
_diffrn.ambient_pressure_lt              ? 
_diffrn.ambient_temp_gt                  ? 
_diffrn.ambient_temp_lt                  ? 
_diffrn.pdbx_serial_crystal_experiment   N 
# 
_diffrn_detector.details                      ? 
_diffrn_detector.detector                     PIXEL 
_diffrn_detector.diffrn_id                    1 
_diffrn_detector.type                         'RIGAKU HyPix-6000HE' 
_diffrn_detector.area_resol_mean              ? 
_diffrn_detector.dtime                        ? 
_diffrn_detector.pdbx_frames_total            ? 
_diffrn_detector.pdbx_collection_time_total   ? 
_diffrn_detector.pdbx_collection_date         2022-10-03 
_diffrn_detector.pdbx_frequency               ? 
_diffrn_detector.id                           ? 
_diffrn_detector.number_of_axes               ? 
# 
_diffrn_radiation.collimation                      ? 
_diffrn_radiation.diffrn_id                        1 
_diffrn_radiation.filter_edge                      ? 
_diffrn_radiation.inhomogeneity                    ? 
_diffrn_radiation.monochromator                    ? 
_diffrn_radiation.polarisn_norm                    ? 
_diffrn_radiation.polarisn_ratio                   ? 
_diffrn_radiation.probe                            ? 
_diffrn_radiation.type                             ? 
_diffrn_radiation.xray_symbol                      ? 
_diffrn_radiation.wavelength_id                    1 
_diffrn_radiation.pdbx_monochromatic_or_laue_m_l   M 
_diffrn_radiation.pdbx_wavelength_list             ? 
_diffrn_radiation.pdbx_wavelength                  ? 
_diffrn_radiation.pdbx_diffrn_protocol             'SINGLE WAVELENGTH' 
_diffrn_radiation.pdbx_analyzer                    ? 
_diffrn_radiation.pdbx_scattering_type             x-ray 
# 
_diffrn_radiation_wavelength.id           1 
_diffrn_radiation_wavelength.wavelength   1.54 
_diffrn_radiation_wavelength.wt           1.0 
# 
_diffrn_source.current                     ? 
_diffrn_source.details                     ? 
_diffrn_source.diffrn_id                   1 
_diffrn_source.power                       ? 
_diffrn_source.size                        ? 
_diffrn_source.source                      'ROTATING ANODE' 
_diffrn_source.target                      ? 
_diffrn_source.type                        'RIGAKU MICROMAX-007 HF' 
_diffrn_source.voltage                     ? 
_diffrn_source.take-off_angle              ? 
_diffrn_source.pdbx_wavelength_list        1.54 
_diffrn_source.pdbx_wavelength             ? 
_diffrn_source.pdbx_synchrotron_beamline   ? 
_diffrn_source.pdbx_synchrotron_site       ? 
# 
_reflns.B_iso_Wilson_estimate                          ? 
_reflns.entry_id                                       9BIC 
_reflns.data_reduction_details                         ? 
_reflns.data_reduction_method                          ? 
_reflns.d_resolution_high                              2.05 
_reflns.d_resolution_low                               27.04 
_reflns.details                                        ? 
_reflns.limit_h_max                                    ? 
_reflns.limit_h_min                                    ? 
_reflns.limit_k_max                                    ? 
_reflns.limit_k_min                                    ? 
_reflns.limit_l_max                                    ? 
_reflns.limit_l_min                                    ? 
_reflns.number_all                                     ? 
_reflns.number_obs                                     7382 
_reflns.observed_criterion                             ? 
_reflns.observed_criterion_F_max                       ? 
_reflns.observed_criterion_F_min                       ? 
_reflns.observed_criterion_I_max                       ? 
_reflns.observed_criterion_I_min                       ? 
_reflns.observed_criterion_sigma_F                     ? 
_reflns.observed_criterion_sigma_I                     ? 
_reflns.percent_possible_obs                           100 
_reflns.R_free_details                                 ? 
_reflns.Rmerge_F_all                                   ? 
_reflns.Rmerge_F_obs                                   ? 
_reflns.Friedel_coverage                               ? 
_reflns.number_gt                                      ? 
_reflns.threshold_expression                           ? 
_reflns.pdbx_redundancy                                24.5 
_reflns.pdbx_netI_over_av_sigmaI                       ? 
_reflns.pdbx_netI_over_sigmaI                          21.19 
_reflns.pdbx_res_netI_over_av_sigmaI_2                 ? 
_reflns.pdbx_res_netI_over_sigmaI_2                    ? 
_reflns.pdbx_chi_squared                               ? 
_reflns.pdbx_scaling_rejects                           ? 
_reflns.pdbx_d_res_high_opt                            ? 
_reflns.pdbx_d_res_low_opt                             ? 
_reflns.pdbx_d_res_opt_method                          ? 
_reflns.phase_calculation_details                      ? 
_reflns.pdbx_Rrim_I_all                                ? 
_reflns.pdbx_Rpim_I_all                                ? 
_reflns.pdbx_d_opt                                     ? 
_reflns.pdbx_number_measured_all                       ? 
_reflns.pdbx_diffrn_id                                 1 
_reflns.pdbx_ordinal                                   1 
_reflns.pdbx_CC_half                                   0.846 
_reflns.pdbx_CC_star                                   ? 
_reflns.pdbx_R_split                                   ? 
_reflns.pdbx_Rmerge_I_obs                              ? 
_reflns.pdbx_Rmerge_I_all                              ? 
_reflns.pdbx_Rsym_value                                ? 
_reflns.pdbx_CC_split_method                           ? 
_reflns.pdbx_aniso_diffraction_limit_axis_1_ortho[1]   ? 
_reflns.pdbx_aniso_diffraction_limit_axis_1_ortho[2]   ? 
_reflns.pdbx_aniso_diffraction_limit_axis_1_ortho[3]   ? 
_reflns.pdbx_aniso_diffraction_limit_axis_2_ortho[1]   ? 
_reflns.pdbx_aniso_diffraction_limit_axis_2_ortho[2]   ? 
_reflns.pdbx_aniso_diffraction_limit_axis_2_ortho[3]   ? 
_reflns.pdbx_aniso_diffraction_limit_axis_3_ortho[1]   ? 
_reflns.pdbx_aniso_diffraction_limit_axis_3_ortho[2]   ? 
_reflns.pdbx_aniso_diffraction_limit_axis_3_ortho[3]   ? 
_reflns.pdbx_aniso_diffraction_limit_1                 ? 
_reflns.pdbx_aniso_diffraction_limit_2                 ? 
_reflns.pdbx_aniso_diffraction_limit_3                 ? 
_reflns.pdbx_aniso_B_tensor_eigenvector_1_ortho[1]     ? 
_reflns.pdbx_aniso_B_tensor_eigenvector_1_ortho[2]     ? 
_reflns.pdbx_aniso_B_tensor_eigenvector_1_ortho[3]     ? 
_reflns.pdbx_aniso_B_tensor_eigenvector_2_ortho[1]     ? 
_reflns.pdbx_aniso_B_tensor_eigenvector_2_ortho[2]     ? 
_reflns.pdbx_aniso_B_tensor_eigenvector_2_ortho[3]     ? 
_reflns.pdbx_aniso_B_tensor_eigenvector_3_ortho[1]     ? 
_reflns.pdbx_aniso_B_tensor_eigenvector_3_ortho[2]     ? 
_reflns.pdbx_aniso_B_tensor_eigenvector_3_ortho[3]     ? 
_reflns.pdbx_aniso_B_tensor_eigenvalue_1               ? 
_reflns.pdbx_aniso_B_tensor_eigenvalue_2               ? 
_reflns.pdbx_aniso_B_tensor_eigenvalue_3               ? 
_reflns.pdbx_orthogonalization_convention              ? 
_reflns.pdbx_percent_possible_ellipsoidal              ? 
_reflns.pdbx_percent_possible_spherical                ? 
_reflns.pdbx_percent_possible_ellipsoidal_anomalous    ? 
_reflns.pdbx_percent_possible_spherical_anomalous      ? 
_reflns.pdbx_redundancy_anomalous                      ? 
_reflns.pdbx_CC_half_anomalous                         ? 
_reflns.pdbx_absDiff_over_sigma_anomalous              ? 
_reflns.pdbx_percent_possible_anomalous                ? 
_reflns.pdbx_observed_signal_threshold                 ? 
_reflns.pdbx_signal_type                               ? 
_reflns.pdbx_signal_details                            ? 
_reflns.pdbx_signal_software_id                        ? 
# 
_reflns_shell.d_res_high                                    2.05 
_reflns_shell.d_res_low                                     2.21 
_reflns_shell.meanI_over_sigI_all                           ? 
_reflns_shell.meanI_over_sigI_obs                           ? 
_reflns_shell.number_measured_all                           ? 
_reflns_shell.number_measured_obs                           ? 
_reflns_shell.number_possible                               ? 
_reflns_shell.number_unique_all                             ? 
_reflns_shell.number_unique_obs                             866 
_reflns_shell.percent_possible_obs                          ? 
_reflns_shell.Rmerge_F_all                                  ? 
_reflns_shell.Rmerge_F_obs                                  ? 
_reflns_shell.meanI_over_sigI_gt                            ? 
_reflns_shell.meanI_over_uI_all                             ? 
_reflns_shell.meanI_over_uI_gt                              ? 
_reflns_shell.number_measured_gt                            ? 
_reflns_shell.number_unique_gt                              ? 
_reflns_shell.percent_possible_gt                           ? 
_reflns_shell.Rmerge_F_gt                                   ? 
_reflns_shell.Rmerge_I_gt                                   ? 
_reflns_shell.pdbx_redundancy                               ? 
_reflns_shell.pdbx_chi_squared                              ? 
_reflns_shell.pdbx_netI_over_sigmaI_all                     ? 
_reflns_shell.pdbx_netI_over_sigmaI_obs                     ? 
_reflns_shell.pdbx_Rrim_I_all                               ? 
_reflns_shell.pdbx_Rpim_I_all                               ? 
_reflns_shell.pdbx_rejects                                  ? 
_reflns_shell.pdbx_ordinal                                  1 
_reflns_shell.pdbx_diffrn_id                                1 
_reflns_shell.pdbx_CC_half                                  0.94 
_reflns_shell.pdbx_CC_star                                  ? 
_reflns_shell.pdbx_R_split                                  ? 
_reflns_shell.percent_possible_all                          ? 
_reflns_shell.Rmerge_I_all                                  ? 
_reflns_shell.Rmerge_I_obs                                  ? 
_reflns_shell.pdbx_Rsym_value                               ? 
_reflns_shell.pdbx_percent_possible_ellipsoidal             ? 
_reflns_shell.pdbx_percent_possible_spherical               ? 
_reflns_shell.pdbx_percent_possible_ellipsoidal_anomalous   ? 
_reflns_shell.pdbx_percent_possible_spherical_anomalous     ? 
_reflns_shell.pdbx_redundancy_anomalous                     ? 
_reflns_shell.pdbx_CC_half_anomalous                        ? 
_reflns_shell.pdbx_absDiff_over_sigma_anomalous             ? 
_reflns_shell.pdbx_percent_possible_anomalous               ? 
# 
_refine.aniso_B[1][1]                            ? 
_refine.aniso_B[1][2]                            ? 
_refine.aniso_B[1][3]                            ? 
_refine.aniso_B[2][2]                            ? 
_refine.aniso_B[2][3]                            ? 
_refine.aniso_B[3][3]                            ? 
_refine.B_iso_max                                ? 
_refine.B_iso_mean                               ? 
_refine.B_iso_min                                ? 
_refine.correlation_coeff_Fo_to_Fc               ? 
_refine.correlation_coeff_Fo_to_Fc_free          ? 
_refine.details                                  ? 
_refine.diff_density_max                         ? 
_refine.diff_density_max_esd                     ? 
_refine.diff_density_min                         ? 
_refine.diff_density_min_esd                     ? 
_refine.diff_density_rms                         ? 
_refine.diff_density_rms_esd                     ? 
_refine.entry_id                                 9BIC 
_refine.pdbx_refine_id                           'X-RAY DIFFRACTION' 
_refine.ls_abs_structure_details                 ? 
_refine.ls_abs_structure_Flack                   ? 
_refine.ls_abs_structure_Flack_esd               ? 
_refine.ls_abs_structure_Rogers                  ? 
_refine.ls_abs_structure_Rogers_esd              ? 
_refine.ls_d_res_high                            2.05 
_refine.ls_d_res_low                             27.04 
_refine.ls_extinction_coef                       ? 
_refine.ls_extinction_coef_esd                   ? 
_refine.ls_extinction_expression                 ? 
_refine.ls_extinction_method                     ? 
_refine.ls_goodness_of_fit_all                   ? 
_refine.ls_goodness_of_fit_all_esd               ? 
_refine.ls_goodness_of_fit_obs                   ? 
_refine.ls_goodness_of_fit_obs_esd               ? 
_refine.ls_hydrogen_treatment                    ? 
_refine.ls_matrix_type                           ? 
_refine.ls_number_constraints                    ? 
_refine.ls_number_parameters                     ? 
_refine.ls_number_reflns_all                     ? 
_refine.ls_number_reflns_obs                     7382 
_refine.ls_number_reflns_R_free                  735 
_refine.ls_number_reflns_R_work                  ? 
_refine.ls_number_restraints                     ? 
_refine.ls_percent_reflns_obs                    100.00 
_refine.ls_percent_reflns_R_free                 9.96 
_refine.ls_R_factor_all                          ? 
_refine.ls_R_factor_obs                          0.1598 
_refine.ls_R_factor_R_free                       0.2038 
_refine.ls_R_factor_R_free_error                 ? 
_refine.ls_R_factor_R_free_error_details         ? 
_refine.ls_R_factor_R_work                       0.1550 
_refine.ls_R_Fsqd_factor_obs                     ? 
_refine.ls_R_I_factor_obs                        ? 
_refine.ls_redundancy_reflns_all                 ? 
_refine.ls_redundancy_reflns_obs                 ? 
_refine.ls_restrained_S_all                      ? 
_refine.ls_restrained_S_obs                      ? 
_refine.ls_shift_over_esd_max                    ? 
_refine.ls_shift_over_esd_mean                   ? 
_refine.ls_structure_factor_coef                 ? 
_refine.ls_weighting_details                     ? 
_refine.ls_weighting_scheme                      ? 
_refine.ls_wR_factor_all                         ? 
_refine.ls_wR_factor_obs                         ? 
_refine.ls_wR_factor_R_free                      ? 
_refine.ls_wR_factor_R_work                      ? 
_refine.occupancy_max                            ? 
_refine.occupancy_min                            ? 
_refine.solvent_model_details                    'FLAT BULK SOLVENT MODEL' 
_refine.solvent_model_param_bsol                 ? 
_refine.solvent_model_param_ksol                 ? 
_refine.pdbx_R_complete                          ? 
_refine.ls_R_factor_gt                           ? 
_refine.ls_goodness_of_fit_gt                    ? 
_refine.ls_goodness_of_fit_ref                   ? 
_refine.ls_shift_over_su_max                     ? 
_refine.ls_shift_over_su_max_lt                  ? 
_refine.ls_shift_over_su_mean                    ? 
_refine.ls_shift_over_su_mean_lt                 ? 
_refine.pdbx_ls_sigma_I                          ? 
_refine.pdbx_ls_sigma_F                          1.51 
_refine.pdbx_ls_sigma_Fsqd                       ? 
_refine.pdbx_data_cutoff_high_absF               ? 
_refine.pdbx_data_cutoff_high_rms_absF           ? 
_refine.pdbx_data_cutoff_low_absF                ? 
_refine.pdbx_isotropic_thermal_model             ? 
_refine.pdbx_ls_cross_valid_method               'FREE R-VALUE' 
_refine.pdbx_method_to_determine_struct          SAD 
_refine.pdbx_starting_model                      ? 
_refine.pdbx_stereochemistry_target_values       ML 
_refine.pdbx_R_Free_selection_details            ? 
_refine.pdbx_stereochem_target_val_spec_case     ? 
_refine.pdbx_overall_ESU_R                       ? 
_refine.pdbx_overall_ESU_R_Free                  ? 
_refine.pdbx_solvent_vdw_probe_radii             1.10 
_refine.pdbx_solvent_ion_probe_radii             ? 
_refine.pdbx_solvent_shrinkage_radii             0.90 
_refine.pdbx_real_space_R                        ? 
_refine.pdbx_density_correlation                 ? 
_refine.pdbx_pd_number_of_powder_patterns        ? 
_refine.pdbx_pd_number_of_points                 ? 
_refine.pdbx_pd_meas_number_of_points            ? 
_refine.pdbx_pd_proc_ls_prof_R_factor            ? 
_refine.pdbx_pd_proc_ls_prof_wR_factor           ? 
_refine.pdbx_pd_Marquardt_correlation_coeff      ? 
_refine.pdbx_pd_Fsqrd_R_factor                   ? 
_refine.pdbx_pd_ls_matrix_band_width             ? 
_refine.pdbx_overall_phase_error                 17.68 
_refine.pdbx_overall_SU_R_free_Cruickshank_DPI   ? 
_refine.pdbx_overall_SU_R_free_Blow_DPI          ? 
_refine.pdbx_overall_SU_R_Blow_DPI               ? 
_refine.pdbx_TLS_residual_ADP_flag               ? 
_refine.pdbx_diffrn_id                           1 
_refine.overall_SU_B                             ? 
_refine.overall_SU_ML                            0.18 
_refine.overall_SU_R_Cruickshank_DPI             ? 
_refine.overall_SU_R_free                        ? 
_refine.overall_FOM_free_R_set                   ? 
_refine.overall_FOM_work_R_set                   ? 
_refine.pdbx_average_fsc_overall                 ? 
_refine.pdbx_average_fsc_work                    ? 
_refine.pdbx_average_fsc_free                    ? 
# 
_refine_hist.pdbx_refine_id                   'X-RAY DIFFRACTION' 
_refine_hist.cycle_id                         LAST 
_refine_hist.pdbx_number_atoms_protein        504 
_refine_hist.pdbx_number_atoms_nucleic_acid   0 
_refine_hist.pdbx_number_atoms_ligand         19 
_refine_hist.number_atoms_solvent             79 
_refine_hist.number_atoms_total               602 
_refine_hist.d_res_high                       2.05 
_refine_hist.d_res_low                        27.04 
# 
loop_
_refine_ls_restr.pdbx_refine_id 
_refine_ls_restr.criterion 
_refine_ls_restr.dev_ideal 
_refine_ls_restr.dev_ideal_target 
_refine_ls_restr.number 
_refine_ls_restr.rejects 
_refine_ls_restr.type 
_refine_ls_restr.weight 
_refine_ls_restr.pdbx_restraint_function 
'X-RAY DIFFRACTION' ? 0.004  ? ?   ? f_bond_d           ? ? 
'X-RAY DIFFRACTION' ? 1.348  ? ?   ? f_angle_d          ? ? 
'X-RAY DIFFRACTION' ? 21.520 ? 152 ? f_dihedral_angle_d ? ? 
'X-RAY DIFFRACTION' ? 0.054  ? 88  ? f_chiral_restr     ? ? 
'X-RAY DIFFRACTION' ? 0.005  ? 72  ? f_plane_restr      ? ? 
# 
loop_
_refine_ls_shell.pdbx_refine_id 
_refine_ls_shell.d_res_high 
_refine_ls_shell.d_res_low 
_refine_ls_shell.number_reflns_all 
_refine_ls_shell.number_reflns_obs 
_refine_ls_shell.number_reflns_R_free 
_refine_ls_shell.number_reflns_R_work 
_refine_ls_shell.percent_reflns_obs 
_refine_ls_shell.percent_reflns_R_free 
_refine_ls_shell.R_factor_all 
_refine_ls_shell.R_factor_obs 
_refine_ls_shell.R_factor_R_free_error 
_refine_ls_shell.R_factor_R_work 
_refine_ls_shell.redundancy_reflns_all 
_refine_ls_shell.redundancy_reflns_obs 
_refine_ls_shell.wR_factor_all 
_refine_ls_shell.wR_factor_obs 
_refine_ls_shell.wR_factor_R_free 
_refine_ls_shell.wR_factor_R_work 
_refine_ls_shell.pdbx_R_complete 
_refine_ls_shell.pdbx_total_number_of_bins_used 
_refine_ls_shell.pdbx_phase_error 
_refine_ls_shell.pdbx_fsc_work 
_refine_ls_shell.pdbx_fsc_free 
_refine_ls_shell.R_factor_R_free 
'X-RAY DIFFRACTION' 2.05 2.21  . . 140 1316 100.00 . . . . 0.1519 . . . . . . . . . . . 0.2247 
'X-RAY DIFFRACTION' 2.21 2.43  . . 145 1329 100.00 . . . . 0.1531 . . . . . . . . . . . 0.2010 
'X-RAY DIFFRACTION' 2.43 2.78  . . 148 1341 100.00 . . . . 0.1589 . . . . . . . . . . . 0.2417 
'X-RAY DIFFRACTION' 2.78 3.50  . . 152 1324 100.00 . . . . 0.1584 . . . . . . . . . . . 0.1918 
'X-RAY DIFFRACTION' 3.50 27.04 . . 150 1337 100.00 . . . . 0.1525 . . . . . . . . . . . 0.1870 
# 
_struct.entry_id                     9BIC 
_struct.title                        N-Me-D-Leu2,D-Thr5-clovibactin 
_struct.pdbx_model_details           ? 
_struct.pdbx_formula_weight          ? 
_struct.pdbx_formula_weight_method   ? 
_struct.pdbx_model_type_details      ? 
_struct.pdbx_CASP_flag               N 
# 
_struct_keywords.entry_id        9BIC 
_struct_keywords.text            'depsipeptide, ANTIBIOTIC' 
_struct_keywords.pdbx_keywords   ANTIBIOTIC 
# 
loop_
_struct_asym.id 
_struct_asym.pdbx_blank_PDB_chainid_flag 
_struct_asym.pdbx_modified 
_struct_asym.entity_id 
_struct_asym.details 
A N N 1 ? 
B N N 1 ? 
C N N 1 ? 
D N N 1 ? 
E N N 1 ? 
F N N 1 ? 
G N N 1 ? 
H N N 1 ? 
I N N 2 ? 
J N N 2 ? 
K N N 3 ? 
L N N 2 ? 
M N N 2 ? 
N N N 3 ? 
O N N 3 ? 
P N N 4 ? 
Q N N 4 ? 
R N N 4 ? 
S N N 4 ? 
T N N 4 ? 
U N N 4 ? 
V N N 4 ? 
W N N 4 ? 
# 
_struct_ref.id                         1 
_struct_ref.db_name                    PDB 
_struct_ref.db_code                    9BIC 
_struct_ref.pdbx_db_accession          9BIC 
_struct_ref.pdbx_db_isoform            ? 
_struct_ref.entity_id                  1 
_struct_ref.pdbx_seq_one_letter_code   ? 
_struct_ref.pdbx_align_begin           1 
# 
loop_
_struct_ref_seq.align_id 
_struct_ref_seq.ref_id 
_struct_ref_seq.pdbx_PDB_id_code 
_struct_ref_seq.pdbx_strand_id 
_struct_ref_seq.seq_align_beg 
_struct_ref_seq.pdbx_seq_align_beg_ins_code 
_struct_ref_seq.seq_align_end 
_struct_ref_seq.pdbx_seq_align_end_ins_code 
_struct_ref_seq.pdbx_db_accession 
_struct_ref_seq.db_align_beg 
_struct_ref_seq.pdbx_db_align_beg_ins_code 
_struct_ref_seq.db_align_end 
_struct_ref_seq.pdbx_db_align_end_ins_code 
_struct_ref_seq.pdbx_auth_seq_align_beg 
_struct_ref_seq.pdbx_auth_seq_align_end 
1 1 9BIC A 1 ? 8 ? 9BIC 1 ? 8 ? 1 8 
2 1 9BIC B 1 ? 8 ? 9BIC 1 ? 8 ? 1 8 
3 1 9BIC C 1 ? 8 ? 9BIC 1 ? 8 ? 1 8 
4 1 9BIC D 1 ? 8 ? 9BIC 1 ? 8 ? 1 8 
5 1 9BIC E 1 ? 8 ? 9BIC 1 ? 8 ? 1 8 
6 1 9BIC F 1 ? 8 ? 9BIC 1 ? 8 ? 1 8 
7 1 9BIC G 1 ? 8 ? 9BIC 1 ? 8 ? 1 8 
8 1 9BIC H 1 ? 8 ? 9BIC 1 ? 8 ? 1 8 
# 
_pdbx_struct_assembly.id                   1 
_pdbx_struct_assembly.details              software_defined_assembly 
_pdbx_struct_assembly.method_details       PISA 
_pdbx_struct_assembly.oligomeric_details   hexadecameric 
_pdbx_struct_assembly.oligomeric_count     16 
# 
loop_
_pdbx_struct_assembly_prop.biol_id 
_pdbx_struct_assembly_prop.type 
_pdbx_struct_assembly_prop.value 
_pdbx_struct_assembly_prop.details 
1 'ABSA (A^2)' 8650  ? 
1 MORE         -204  ? 
1 'SSA (A^2)'  10620 ? 
# 
loop_
_pdbx_struct_assembly_gen.assembly_id 
_pdbx_struct_assembly_gen.oper_expression 
_pdbx_struct_assembly_gen.asym_id_list 
1 1,2 C,E,F,H,K,L,M,N,O,R,T,U,W 
1 3,4 A,B,D,G,I,J,P,Q,S,V       
# 
loop_
_pdbx_struct_oper_list.id 
_pdbx_struct_oper_list.type 
_pdbx_struct_oper_list.name 
_pdbx_struct_oper_list.symmetry_operation 
_pdbx_struct_oper_list.matrix[1][1] 
_pdbx_struct_oper_list.matrix[1][2] 
_pdbx_struct_oper_list.matrix[1][3] 
_pdbx_struct_oper_list.vector[1] 
_pdbx_struct_oper_list.matrix[2][1] 
_pdbx_struct_oper_list.matrix[2][2] 
_pdbx_struct_oper_list.matrix[2][3] 
_pdbx_struct_oper_list.vector[2] 
_pdbx_struct_oper_list.matrix[3][1] 
_pdbx_struct_oper_list.matrix[3][2] 
_pdbx_struct_oper_list.matrix[3][3] 
_pdbx_struct_oper_list.vector[3] 
1 'identity operation'         1_555 x,y,z             1.0000000000  0.0000000000  0.0000000000  0.0000000000   0.0000000000  1.0000000000  0.0000000000  0.0000000000  0.0000000000  0.0000000000  1.0000000000  0.0000000000   
2 'crystal symmetry operation' 2_575 x,-y+2,-z         -0.9811287501 -0.1336498222 0.1397286684  -29.2666454650 -0.1336498222 -0.0534662484 -0.9895853098 4.9487780498  0.1397286684  -0.9895853098 0.0345949985  8.6861307768   
3 'crystal symmetry operation' 3_744 -x+2,y-1/2,-z-1/2 -0.9989684146 -0.0327462325 -0.0314609414 -3.1316921617  -0.0327462325 0.0394832745  0.9986835111  20.2954149553 -0.0314609414 0.9986835111  -0.0405148598 13.2592010634  
4 'crystal symmetry operation' 4_775 -x+2,-y+5/2,z+1/2 0.9800971647  0.1663960546  -0.1082677270 -27.0538403403 0.1663960546  -0.9860170261 -0.0090982013 -8.8389021384 -0.1082677270 -0.0090982013 -0.9940801386 -11.3767988535  
# 
loop_
_struct_conn.id 
_struct_conn.conn_type_id 
_struct_conn.pdbx_leaving_atom_flag 
_struct_conn.pdbx_PDB_id 
_struct_conn.ptnr1_label_asym_id 
_struct_conn.ptnr1_label_comp_id 
_struct_conn.ptnr1_label_seq_id 
_struct_conn.ptnr1_label_atom_id 
_struct_conn.pdbx_ptnr1_label_alt_id 
_struct_conn.pdbx_ptnr1_PDB_ins_code 
_struct_conn.pdbx_ptnr1_standard_comp_id 
_struct_conn.ptnr1_symmetry 
_struct_conn.ptnr2_label_asym_id 
_struct_conn.ptnr2_label_comp_id 
_struct_conn.ptnr2_label_seq_id 
_struct_conn.ptnr2_label_atom_id 
_struct_conn.pdbx_ptnr2_label_alt_id 
_struct_conn.pdbx_ptnr2_PDB_ins_code 
_struct_conn.ptnr1_auth_asym_id 
_struct_conn.ptnr1_auth_comp_id 
_struct_conn.ptnr1_auth_seq_id 
_struct_conn.ptnr2_auth_asym_id 
_struct_conn.ptnr2_auth_comp_id 
_struct_conn.ptnr2_auth_seq_id 
_struct_conn.ptnr2_symmetry 
_struct_conn.pdbx_ptnr3_label_atom_id 
_struct_conn.pdbx_ptnr3_label_seq_id 
_struct_conn.pdbx_ptnr3_label_comp_id 
_struct_conn.pdbx_ptnr3_label_asym_id 
_struct_conn.pdbx_ptnr3_label_alt_id 
_struct_conn.pdbx_ptnr3_PDB_ins_code 
_struct_conn.details 
_struct_conn.pdbx_dist_value 
_struct_conn.pdbx_value_order 
_struct_conn.pdbx_role 
covale1  covale both ? A PHE 1 C   ? ? ? 1_555 A MLU 2 N  ? ? A PHE 1   A MLU 2   1_555 ? ? ? ? ? ? ? 1.336 ? ? 
covale2  covale both ? A MLU 2 C   ? ? ? 1_555 A DLY 3 N  ? ? A MLU 2   A DLY 3   1_555 ? ? ? ? ? ? ? 1.330 ? ? 
covale3  covale both ? A DLY 3 C   ? ? ? 1_555 A SER 4 N  ? ? A DLY 3   A SER 4   1_555 ? ? ? ? ? ? ? 1.332 ? ? 
covale4  covale both ? A SER 4 C   ? ? ? 1_555 A DTH 5 N  ? ? A SER 4   A DTH 5   1_555 ? ? ? ? ? ? ? 1.329 ? ? 
covale5  covale both ? A DTH 5 C   ? ? ? 1_555 A ALA 6 N  ? ? A DTH 5   A ALA 6   1_555 ? ? ? ? ? ? ? 1.333 ? ? 
covale6  covale one  ? A DTH 5 OG1 ? ? ? 1_555 A LEU 8 C  ? ? A DTH 5   A LEU 8   1_555 ? ? ? ? ? ? ? 1.325 ? ? 
covale7  covale both ? B PHE 1 C   ? ? ? 1_555 B MLU 2 N  ? ? B PHE 1   B MLU 2   1_555 ? ? ? ? ? ? ? 1.333 ? ? 
covale8  covale both ? B MLU 2 C   ? ? ? 1_555 B DLY 3 N  ? ? B MLU 2   B DLY 3   1_555 ? ? ? ? ? ? ? 1.326 ? ? 
covale9  covale both ? B DLY 3 C   ? ? ? 1_555 B SER 4 N  ? ? B DLY 3   B SER 4   1_555 ? ? ? ? ? ? ? 1.325 ? ? 
covale10 covale both ? B SER 4 C   ? ? ? 1_555 B DTH 5 N  ? ? B SER 4   B DTH 5   1_555 ? ? ? ? ? ? ? 1.330 ? ? 
covale11 covale both ? B DTH 5 C   ? ? ? 1_555 B ALA 6 N  ? ? B DTH 5   B ALA 6   1_555 ? ? ? ? ? ? ? 1.331 ? ? 
covale12 covale one  ? B DTH 5 OG1 ? ? ? 1_555 B LEU 8 C  ? ? B DTH 5   B LEU 8   1_555 ? ? ? ? ? ? ? 1.328 ? ? 
covale13 covale both ? C PHE 1 C   ? ? ? 1_555 C MLU 2 N  ? ? C PHE 1   C MLU 2   1_555 ? ? ? ? ? ? ? 1.333 ? ? 
covale14 covale both ? C MLU 2 C   ? ? ? 1_555 C DLY 3 N  ? ? C MLU 2   C DLY 3   1_555 ? ? ? ? ? ? ? 1.329 ? ? 
covale15 covale both ? C DLY 3 C   ? ? ? 1_555 C SER 4 N  ? ? C DLY 3   C SER 4   1_555 ? ? ? ? ? ? ? 1.329 ? ? 
covale16 covale both ? C SER 4 C   ? ? ? 1_555 C DTH 5 N  ? ? C SER 4   C DTH 5   1_555 ? ? ? ? ? ? ? 1.329 ? ? 
covale17 covale both ? C DTH 5 C   ? ? ? 1_555 C ALA 6 N  ? ? C DTH 5   C ALA 6   1_555 ? ? ? ? ? ? ? 1.327 ? ? 
covale18 covale one  ? C DTH 5 OG1 ? ? ? 1_555 C LEU 8 C  ? ? C DTH 5   C LEU 8   1_555 ? ? ? ? ? ? ? 1.325 ? ? 
covale19 covale both ? D PHE 1 C   ? ? ? 1_555 D MLU 2 N  ? ? D PHE 1   D MLU 2   1_555 ? ? ? ? ? ? ? 1.330 ? ? 
covale20 covale both ? D MLU 2 C   ? ? ? 1_555 D DLY 3 N  ? ? D MLU 2   D DLY 3   1_555 ? ? ? ? ? ? ? 1.329 ? ? 
covale21 covale both ? D DLY 3 C   ? ? ? 1_555 D SER 4 N  ? ? D DLY 3   D SER 4   1_555 ? ? ? ? ? ? ? 1.328 ? ? 
covale22 covale both ? D SER 4 C   ? ? ? 1_555 D DTH 5 N  ? ? D SER 4   D DTH 5   1_555 ? ? ? ? ? ? ? 1.333 ? ? 
covale23 covale both ? D DTH 5 C   ? ? ? 1_555 D ALA 6 N  ? ? D DTH 5   D ALA 6   1_555 ? ? ? ? ? ? ? 1.332 ? ? 
covale24 covale one  ? D DTH 5 OG1 ? ? ? 1_555 D LEU 8 C  ? ? D DTH 5   D LEU 8   1_555 ? ? ? ? ? ? ? 1.324 ? ? 
covale25 covale both ? E PHE 1 C   ? ? ? 1_555 E MLU 2 N  ? ? E PHE 1   E MLU 2   1_555 ? ? ? ? ? ? ? 1.332 ? ? 
covale26 covale both ? E MLU 2 C   ? ? ? 1_555 E DLY 3 N  ? ? E MLU 2   E DLY 3   1_555 ? ? ? ? ? ? ? 1.329 ? ? 
covale27 covale both ? E DLY 3 C   ? ? ? 1_555 E SER 4 N  ? ? E DLY 3   E SER 4   1_555 ? ? ? ? ? ? ? 1.328 ? ? 
covale28 covale both ? E SER 4 C   ? ? ? 1_555 E DTH 5 N  ? ? E SER 4   E DTH 5   1_555 ? ? ? ? ? ? ? 1.331 ? ? 
covale29 covale both ? E DTH 5 C   ? ? ? 1_555 E ALA 6 N  ? ? E DTH 5   E ALA 6   1_555 ? ? ? ? ? ? ? 1.331 ? ? 
covale30 covale one  ? E DTH 5 OG1 ? ? ? 1_555 E LEU 8 C  ? ? E DTH 5   E LEU 8   1_555 ? ? ? ? ? ? ? 1.325 ? ? 
covale31 covale both ? F PHE 1 C   ? ? ? 1_555 F MLU 2 N  ? ? F PHE 1   F MLU 2   1_555 ? ? ? ? ? ? ? 1.335 ? ? 
covale32 covale both ? F MLU 2 C   ? ? ? 1_555 F DLY 3 N  ? ? F MLU 2   F DLY 3   1_555 ? ? ? ? ? ? ? 1.325 ? ? 
covale33 covale both ? F DLY 3 C   ? ? ? 1_555 F SER 4 N  ? ? F DLY 3   F SER 4   1_555 ? ? ? ? ? ? ? 1.327 ? ? 
covale34 covale both ? F SER 4 C   ? ? ? 1_555 F DTH 5 N  ? ? F SER 4   F DTH 5   1_555 ? ? ? ? ? ? ? 1.330 ? ? 
covale35 covale both ? F DTH 5 C   ? ? ? 1_555 F ALA 6 N  ? ? F DTH 5   F ALA 6   1_555 ? ? ? ? ? ? ? 1.333 ? ? 
covale36 covale one  ? F DTH 5 OG1 ? ? ? 1_555 F LEU 8 C  ? ? F DTH 5   F LEU 8   1_555 ? ? ? ? ? ? ? 1.324 ? ? 
covale37 covale both ? G PHE 1 C   ? ? ? 1_555 G MLU 2 N  ? ? G PHE 1   G MLU 2   1_555 ? ? ? ? ? ? ? 1.334 ? ? 
covale38 covale both ? G MLU 2 C   ? ? ? 1_555 G DLY 3 N  ? ? G MLU 2   G DLY 3   1_555 ? ? ? ? ? ? ? 1.328 ? ? 
covale39 covale both ? G DLY 3 C   ? ? ? 1_555 G SER 4 N  ? ? G DLY 3   G SER 4   1_555 ? ? ? ? ? ? ? 1.327 ? ? 
covale40 covale both ? G SER 4 C   ? ? ? 1_555 G DTH 5 N  ? ? G SER 4   G DTH 5   1_555 ? ? ? ? ? ? ? 1.329 ? ? 
covale41 covale both ? G DTH 5 C   ? ? ? 1_555 G ALA 6 N  ? ? G DTH 5   G ALA 6   1_555 ? ? ? ? ? ? ? 1.333 ? ? 
covale42 covale one  ? G DTH 5 OG1 ? ? ? 1_555 G LEU 8 C  ? ? G DTH 5   G LEU 8   1_555 ? ? ? ? ? ? ? 1.327 ? ? 
covale43 covale both ? H PHE 1 C   ? ? ? 1_555 H MLU 2 N  ? ? H PHE 1   H MLU 2   1_555 ? ? ? ? ? ? ? 1.335 ? ? 
covale44 covale both ? H MLU 2 C   ? ? ? 1_555 H DLY 3 N  ? ? H MLU 2   H DLY 3   1_555 ? ? ? ? ? ? ? 1.327 ? ? 
covale45 covale both ? H DLY 3 C   ? ? ? 1_555 H SER 4 N  ? ? H DLY 3   H SER 4   1_555 ? ? ? ? ? ? ? 1.331 ? ? 
covale46 covale both ? H SER 4 C   ? ? ? 1_555 H DTH 5 N  ? ? H SER 4   H DTH 5   1_555 ? ? ? ? ? ? ? 1.328 ? ? 
covale47 covale both ? H DTH 5 C   ? ? ? 1_555 H ALA 6 N  ? ? H DTH 5   H ALA 6   1_555 ? ? ? ? ? ? ? 1.330 ? ? 
covale48 covale one  ? H DTH 5 OG1 ? ? ? 1_555 H LEU 8 C  ? ? H DTH 5   H LEU 8   1_555 ? ? ? ? ? ? ? 1.324 ? ? 
metalc1  metalc ?    ? A PHE 1 O   ? ? ? 1_555 I CD  . CD ? ? A PHE 1   A CD  101 1_555 ? ? ? ? ? ? ? 2.465 ? ? 
metalc2  metalc ?    ? I CD  . CD  ? ? ? 1_555 G PHE 1 N  ? ? A CD  101 G PHE 1   1_555 ? ? ? ? ? ? ? 2.654 ? ? 
metalc3  metalc ?    ? I CD  . CD  ? ? ? 1_555 G PHE 1 O  ? ? A CD  101 G PHE 1   1_555 ? ? ? ? ? ? ? 2.521 ? ? 
metalc4  metalc ?    ? B PHE 1 N   ? ? ? 1_555 J CD  . CD ? ? B PHE 1   B CD  101 1_555 ? ? ? ? ? ? ? 2.658 ? ? 
metalc5  metalc ?    ? B PHE 1 O   ? ? ? 1_555 J CD  . CD ? ? B PHE 1   B CD  101 1_555 ? ? ? ? ? ? ? 2.571 ? ? 
metalc6  metalc ?    ? J CD  . CD  ? ? ? 1_555 D PHE 1 N  ? ? B CD  101 D PHE 1   1_555 ? ? ? ? ? ? ? 2.678 ? ? 
metalc7  metalc ?    ? J CD  . CD  ? ? ? 1_555 D PHE 1 O  ? ? B CD  101 D PHE 1   1_555 ? ? ? ? ? ? ? 2.425 ? ? 
metalc8  metalc ?    ? C PHE 1 N   ? ? ? 1_555 L CD  . CD ? ? C PHE 1   C CD  102 1_555 ? ? ? ? ? ? ? 2.649 ? ? 
metalc9  metalc ?    ? C PHE 1 O   ? ? ? 1_555 L CD  . CD ? ? C PHE 1   C CD  102 1_555 ? ? ? ? ? ? ? 2.446 ? ? 
metalc10 metalc ?    ? L CD  . CD  ? ? ? 1_555 R HOH . O  ? ? C CD  102 C HOH 209 1_555 ? ? ? ? ? ? ? 2.680 ? ? 
metalc11 metalc ?    ? L CD  . CD  ? ? ? 1_555 H PHE 1 O  ? ? C CD  102 H PHE 1   1_555 ? ? ? ? ? ? ? 2.521 ? ? 
metalc12 metalc ?    ? E PHE 1 O   ? ? ? 1_555 M CD  . CD ? ? E PHE 1   E CD  101 1_555 ? ? ? ? ? ? ? 2.491 ? ? 
metalc13 metalc ?    ? M CD  . CD  ? ? ? 1_555 F PHE 1 N  ? ? E CD  101 F PHE 1   1_555 ? ? ? ? ? ? ? 2.698 ? ? 
metalc14 metalc ?    ? M CD  . CD  ? ? ? 1_555 F PHE 1 O  ? ? E CD  101 F PHE 1   1_555 ? ? ? ? ? ? ? 2.535 ? ? 
# 
loop_
_struct_conn_type.id 
_struct_conn_type.criteria 
_struct_conn_type.reference 
covale ? ? 
metalc ? ? 
# 
loop_
_pdbx_struct_conn_angle.id 
_pdbx_struct_conn_angle.ptnr1_label_atom_id 
_pdbx_struct_conn_angle.ptnr1_label_alt_id 
_pdbx_struct_conn_angle.ptnr1_label_asym_id 
_pdbx_struct_conn_angle.ptnr1_label_comp_id 
_pdbx_struct_conn_angle.ptnr1_label_seq_id 
_pdbx_struct_conn_angle.ptnr1_auth_atom_id 
_pdbx_struct_conn_angle.ptnr1_auth_asym_id 
_pdbx_struct_conn_angle.ptnr1_auth_comp_id 
_pdbx_struct_conn_angle.ptnr1_auth_seq_id 
_pdbx_struct_conn_angle.ptnr1_PDB_ins_code 
_pdbx_struct_conn_angle.ptnr1_symmetry 
_pdbx_struct_conn_angle.ptnr2_label_atom_id 
_pdbx_struct_conn_angle.ptnr2_label_alt_id 
_pdbx_struct_conn_angle.ptnr2_label_asym_id 
_pdbx_struct_conn_angle.ptnr2_label_comp_id 
_pdbx_struct_conn_angle.ptnr2_label_seq_id 
_pdbx_struct_conn_angle.ptnr2_auth_atom_id 
_pdbx_struct_conn_angle.ptnr2_auth_asym_id 
_pdbx_struct_conn_angle.ptnr2_auth_comp_id 
_pdbx_struct_conn_angle.ptnr2_auth_seq_id 
_pdbx_struct_conn_angle.ptnr2_PDB_ins_code 
_pdbx_struct_conn_angle.ptnr2_symmetry 
_pdbx_struct_conn_angle.ptnr3_label_atom_id 
_pdbx_struct_conn_angle.ptnr3_label_alt_id 
_pdbx_struct_conn_angle.ptnr3_label_asym_id 
_pdbx_struct_conn_angle.ptnr3_label_comp_id 
_pdbx_struct_conn_angle.ptnr3_label_seq_id 
_pdbx_struct_conn_angle.ptnr3_auth_atom_id 
_pdbx_struct_conn_angle.ptnr3_auth_asym_id 
_pdbx_struct_conn_angle.ptnr3_auth_comp_id 
_pdbx_struct_conn_angle.ptnr3_auth_seq_id 
_pdbx_struct_conn_angle.ptnr3_PDB_ins_code 
_pdbx_struct_conn_angle.ptnr3_symmetry 
_pdbx_struct_conn_angle.value 
_pdbx_struct_conn_angle.value_esd 
1  O ? A PHE 1 ? A PHE 1   ? 1_555 CD ? I CD . ? A CD 101 ? 1_555 N ? G PHE 1 ? G PHE 1   ? 1_555 106.9 ? 
2  O ? A PHE 1 ? A PHE 1   ? 1_555 CD ? I CD . ? A CD 101 ? 1_555 O ? G PHE 1 ? G PHE 1   ? 1_555 89.5  ? 
3  N ? G PHE 1 ? G PHE 1   ? 1_555 CD ? I CD . ? A CD 101 ? 1_555 O ? G PHE 1 ? G PHE 1   ? 1_555 65.3  ? 
4  N ? B PHE 1 ? B PHE 1   ? 1_555 CD ? J CD . ? B CD 101 ? 1_555 O ? B PHE 1 ? B PHE 1   ? 1_555 66.9  ? 
5  N ? B PHE 1 ? B PHE 1   ? 1_555 CD ? J CD . ? B CD 101 ? 1_555 N ? D PHE 1 ? D PHE 1   ? 1_555 168.1 ? 
6  O ? B PHE 1 ? B PHE 1   ? 1_555 CD ? J CD . ? B CD 101 ? 1_555 N ? D PHE 1 ? D PHE 1   ? 1_555 101.2 ? 
7  N ? B PHE 1 ? B PHE 1   ? 1_555 CD ? J CD . ? B CD 101 ? 1_555 O ? D PHE 1 ? D PHE 1   ? 1_555 109.9 ? 
8  O ? B PHE 1 ? B PHE 1   ? 1_555 CD ? J CD . ? B CD 101 ? 1_555 O ? D PHE 1 ? D PHE 1   ? 1_555 79.7  ? 
9  N ? D PHE 1 ? D PHE 1   ? 1_555 CD ? J CD . ? B CD 101 ? 1_555 O ? D PHE 1 ? D PHE 1   ? 1_555 66.6  ? 
10 N ? C PHE 1 ? C PHE 1   ? 1_555 CD ? L CD . ? C CD 102 ? 1_555 O ? C PHE 1 ? C PHE 1   ? 1_555 71.0  ? 
11 N ? C PHE 1 ? C PHE 1   ? 1_555 CD ? L CD . ? C CD 102 ? 1_555 O ? R HOH . ? C HOH 209 ? 1_555 87.2  ? 
12 O ? C PHE 1 ? C PHE 1   ? 1_555 CD ? L CD . ? C CD 102 ? 1_555 O ? R HOH . ? C HOH 209 ? 1_555 157.1 ? 
13 N ? C PHE 1 ? C PHE 1   ? 1_555 CD ? L CD . ? C CD 102 ? 1_555 O ? H PHE 1 ? H PHE 1   ? 1_555 92.1  ? 
14 O ? C PHE 1 ? C PHE 1   ? 1_555 CD ? L CD . ? C CD 102 ? 1_555 O ? H PHE 1 ? H PHE 1   ? 1_555 97.0  ? 
15 O ? R HOH . ? C HOH 209 ? 1_555 CD ? L CD . ? C CD 102 ? 1_555 O ? H PHE 1 ? H PHE 1   ? 1_555 90.6  ? 
16 O ? E PHE 1 ? E PHE 1   ? 1_555 CD ? M CD . ? E CD 101 ? 1_555 N ? F PHE 1 ? F PHE 1   ? 1_555 99.1  ? 
17 O ? E PHE 1 ? E PHE 1   ? 1_555 CD ? M CD . ? E CD 101 ? 1_555 O ? F PHE 1 ? F PHE 1   ? 1_555 89.7  ? 
18 N ? F PHE 1 ? F PHE 1   ? 1_555 CD ? M CD . ? E CD 101 ? 1_555 O ? F PHE 1 ? F PHE 1   ? 1_555 69.7  ? 
# 
_pdbx_entry_details.entry_id                   9BIC 
_pdbx_entry_details.has_ligand_of_interest     N 
_pdbx_entry_details.compound_details           ? 
_pdbx_entry_details.source_details             ? 
_pdbx_entry_details.nonpolymer_details         ? 
_pdbx_entry_details.sequence_details           ? 
_pdbx_entry_details.has_protein_modification   ? 
# 
loop_
_pdbx_validate_close_contact.id 
_pdbx_validate_close_contact.PDB_model_num 
_pdbx_validate_close_contact.auth_atom_id_1 
_pdbx_validate_close_contact.auth_asym_id_1 
_pdbx_validate_close_contact.auth_comp_id_1 
_pdbx_validate_close_contact.auth_seq_id_1 
_pdbx_validate_close_contact.PDB_ins_code_1 
_pdbx_validate_close_contact.label_alt_id_1 
_pdbx_validate_close_contact.auth_atom_id_2 
_pdbx_validate_close_contact.auth_asym_id_2 
_pdbx_validate_close_contact.auth_comp_id_2 
_pdbx_validate_close_contact.auth_seq_id_2 
_pdbx_validate_close_contact.PDB_ins_code_2 
_pdbx_validate_close_contact.label_alt_id_2 
_pdbx_validate_close_contact.dist 
1 1 O C HOH 209 ? ? O H HOH 209 ? ? 1.91 
2 1 O G HOH 103 ? ? O G HOH 109 ? ? 2.10 
# 
loop_
_pdbx_validate_torsion.id 
_pdbx_validate_torsion.PDB_model_num 
_pdbx_validate_torsion.auth_comp_id 
_pdbx_validate_torsion.auth_asym_id 
_pdbx_validate_torsion.auth_seq_id 
_pdbx_validate_torsion.PDB_ins_code 
_pdbx_validate_torsion.label_alt_id 
_pdbx_validate_torsion.phi 
_pdbx_validate_torsion.psi 
1 1 LEU C 7 ? ? -106.82 -66.14 
2 1 LEU D 7 ? ? -100.69 -63.61 
# 
_pdbx_struct_special_symmetry.id              1 
_pdbx_struct_special_symmetry.PDB_model_num   1 
_pdbx_struct_special_symmetry.auth_asym_id    A 
_pdbx_struct_special_symmetry.auth_comp_id    HOH 
_pdbx_struct_special_symmetry.auth_seq_id     201 
_pdbx_struct_special_symmetry.PDB_ins_code    ? 
_pdbx_struct_special_symmetry.label_asym_id   P 
_pdbx_struct_special_symmetry.label_comp_id   HOH 
_pdbx_struct_special_symmetry.label_seq_id    . 
# 
loop_
_pdbx_refine_tls.id 
_pdbx_refine_tls.pdbx_refine_id 
_pdbx_refine_tls.details 
_pdbx_refine_tls.method 
_pdbx_refine_tls.origin_x 
_pdbx_refine_tls.origin_y 
_pdbx_refine_tls.origin_z 
_pdbx_refine_tls.T[1][1] 
_pdbx_refine_tls.T[1][1]_esd 
_pdbx_refine_tls.T[1][2] 
_pdbx_refine_tls.T[1][2]_esd 
_pdbx_refine_tls.T[1][3] 
_pdbx_refine_tls.T[1][3]_esd 
_pdbx_refine_tls.T[2][2] 
_pdbx_refine_tls.T[2][2]_esd 
_pdbx_refine_tls.T[2][3] 
_pdbx_refine_tls.T[2][3]_esd 
_pdbx_refine_tls.T[3][3] 
_pdbx_refine_tls.T[3][3]_esd 
_pdbx_refine_tls.L[1][1] 
_pdbx_refine_tls.L[1][1]_esd 
_pdbx_refine_tls.L[1][2] 
_pdbx_refine_tls.L[1][2]_esd 
_pdbx_refine_tls.L[1][3] 
_pdbx_refine_tls.L[1][3]_esd 
_pdbx_refine_tls.L[2][2] 
_pdbx_refine_tls.L[2][2]_esd 
_pdbx_refine_tls.L[2][3] 
_pdbx_refine_tls.L[2][3]_esd 
_pdbx_refine_tls.L[3][3] 
_pdbx_refine_tls.L[3][3]_esd 
_pdbx_refine_tls.S[1][1] 
_pdbx_refine_tls.S[1][1]_esd 
_pdbx_refine_tls.S[1][2] 
_pdbx_refine_tls.S[1][2]_esd 
_pdbx_refine_tls.S[1][3] 
_pdbx_refine_tls.S[1][3]_esd 
_pdbx_refine_tls.S[2][1] 
_pdbx_refine_tls.S[2][1]_esd 
_pdbx_refine_tls.S[2][2] 
_pdbx_refine_tls.S[2][2]_esd 
_pdbx_refine_tls.S[2][3] 
_pdbx_refine_tls.S[2][3]_esd 
_pdbx_refine_tls.S[3][1] 
_pdbx_refine_tls.S[3][1]_esd 
_pdbx_refine_tls.S[3][2] 
_pdbx_refine_tls.S[3][2]_esd 
_pdbx_refine_tls.S[3][3] 
_pdbx_refine_tls.S[3][3]_esd 
1 'X-RAY DIFFRACTION' ? refined 6.2245  7.9123  2.0973  0.1199 ? 0.0074  ? -0.0071 ? 0.0587 ? -0.0143 ? 0.0988 ? 2.4495 ? 0.8491  ? 0.9147  ? 0.5529 ? 1.0822  ? 4.1017 ? -0.0154 ? 0.1587  ? -0.2310 ? -0.3296 ? 0.0856  ? -0.1610 ? 0.0688  ? -0.0030 ? -0.0705 ? 
2 'X-RAY DIFFRACTION' ? refined 9.1054  -5.7159 -1.9740 0.0654 ? -0.0001 ? -0.0065 ? 0.0952 ? -0.0123 ? 0.1562 ? 2.7391 ? 0.2023  ? -4.0030 ? 0.1375 ? -0.5144 ? 7.8876 ? -0.2590 ? -0.0409 ? -0.0133 ? -0.0897 ? -0.0579 ? 0.0311  ? 0.5094  ? -0.0011 ? 0.3568  ? 
3 'X-RAY DIFFRACTION' ? refined -2.9929 8.6874  -1.4496 0.0828 ? -0.0220 ? -0.0214 ? 0.0858 ? 0.0200  ? 0.1356 ? 0.1472 ? 0.7151  ? 0.1341  ? 3.5198 ? 0.4517  ? 0.7567 ? 0.0099  ? -0.1046 ? -0.0309 ? 0.1087  ? -0.2006 ? 0.3207  ? 0.0356  ? -0.1198 ? 0.1951  ? 
4 'X-RAY DIFFRACTION' ? refined 3.1286  0.3907  7.1190  0.1284 ? -0.0122 ? 0.0611  ? 0.0669 ? -0.0670 ? 0.0578 ? 1.9822 ? -0.7299 ? -1.0161 ? 0.2762 ? 0.3140  ? 1.0983 ? 0.0653  ? -0.0822 ? 0.1958  ? -0.0017 ? 0.1464  ? -0.0483 ? -0.1951 ? 0.2642  ? -0.1417 ? 
5 'X-RAY DIFFRACTION' ? refined -8.0505 2.5705  5.4296  0.0885 ? -0.0459 ? -0.0244 ? 0.2814 ? -0.0442 ? 0.2629 ? 3.6873 ? -2.0527 ? 1.5176  ? 1.7924 ? -0.4650 ? 0.8715 ? -0.0274 ? -0.2579 ? -0.1761 ? -0.0279 ? 0.1856  ? 0.4951  ? 0.0891  ? -0.3947 ? -0.1889 ? 
6 'X-RAY DIFFRACTION' ? refined -0.5268 -9.0008 0.9167  0.2121 ? -0.0072 ? -0.0358 ? 0.1766 ? -0.0023 ? 0.0685 ? 1.4002 ? -0.0205 ? -0.4604 ? 1.4068 ? -0.9297 ? 0.7764 ? -0.0764 ? 0.5114  ? 0.1137  ? -0.0500 ? -0.0114 ? 0.0450  ? -0.1447 ? 0.2626  ? 0.0819  ? 
7 'X-RAY DIFFRACTION' ? refined 2.4249  -0.1381 -7.4709 0.1789 ? 0.1028  ? -0.0485 ? 0.1558 ? -0.0262 ? 0.0753 ? 1.3727 ? 0.1542  ? 1.2035  ? 0.2478 ? 0.2041  ? 2.3210 ? 0.0810  ? 0.0599  ? -0.0591 ? -0.0569 ? -0.0518 ? 0.0049  ? 0.0999  ? 0.0955  ? -0.0437 ? 
8 'X-RAY DIFFRACTION' ? refined -8.0720 -4.4150 -5.1803 0.0561 ? 0.0194  ? 0.0003  ? 0.0774 ? 0.0192  ? 0.0683 ? 0.7324 ? 0.4479  ? -0.0633 ? 1.5468 ? 0.3500  ? 0.5409 ? 0.0063  ? -0.0855 ? 0.0717  ? 0.0479  ? -0.0677 ? -0.1802 ? -0.0576 ? -0.1189 ? 0.0092  ? 
# 
loop_
_pdbx_refine_tls_group.id 
_pdbx_refine_tls_group.pdbx_refine_id 
_pdbx_refine_tls_group.refine_tls_id 
_pdbx_refine_tls_group.beg_label_asym_id 
_pdbx_refine_tls_group.beg_label_seq_id 
_pdbx_refine_tls_group.beg_auth_asym_id 
_pdbx_refine_tls_group.beg_auth_seq_id 
_pdbx_refine_tls_group.beg_PDB_ins_code 
_pdbx_refine_tls_group.end_label_asym_id 
_pdbx_refine_tls_group.end_label_seq_id 
_pdbx_refine_tls_group.end_auth_asym_id 
_pdbx_refine_tls_group.end_auth_seq_id 
_pdbx_refine_tls_group.end_PDB_ins_code 
_pdbx_refine_tls_group.selection 
_pdbx_refine_tls_group.selection_details 
1 'X-RAY DIFFRACTION' 1 ? ? ? ? ? ? ? ? ? ? ? 
;chain 'A' and (resid 1 through 8 )
;
2 'X-RAY DIFFRACTION' 2 ? ? ? ? ? ? ? ? ? ? ? 
;chain 'B' and (resid 1 through 8 )
;
3 'X-RAY DIFFRACTION' 3 ? ? ? ? ? ? ? ? ? ? ? 
;chain 'C' and (resid 1 through 8 )
;
4 'X-RAY DIFFRACTION' 4 ? ? ? ? ? ? ? ? ? ? ? 
;chain 'D' and (resid 1 through 8 )
;
5 'X-RAY DIFFRACTION' 5 ? ? ? ? ? ? ? ? ? ? ? 
;chain 'E' and (resid 1 through 8 )
;
6 'X-RAY DIFFRACTION' 6 ? ? ? ? ? ? ? ? ? ? ? 
;chain 'F' and (resid 1 through 8 )
;
7 'X-RAY DIFFRACTION' 7 ? ? ? ? ? ? ? ? ? ? ? 
;chain 'G' and (resid 1 through 8 )
;
8 'X-RAY DIFFRACTION' 8 ? ? ? ? ? ? ? ? ? ? ? 
;chain 'H' and (resid 1 through 8 )
;
# 
loop_
_chem_comp_atom.comp_id 
_chem_comp_atom.atom_id 
_chem_comp_atom.type_symbol 
_chem_comp_atom.pdbx_aromatic_flag 
_chem_comp_atom.pdbx_stereo_config 
_chem_comp_atom.pdbx_ordinal 
ALA N    N  N N 1   
ALA CA   C  N S 2   
ALA C    C  N N 3   
ALA O    O  N N 4   
ALA CB   C  N N 5   
ALA OXT  O  N N 6   
ALA H    H  N N 7   
ALA H2   H  N N 8   
ALA HA   H  N N 9   
ALA HB1  H  N N 10  
ALA HB2  H  N N 11  
ALA HB3  H  N N 12  
ALA HXT  H  N N 13  
CD  CD   CD N N 14  
DLY N    N  N N 15  
DLY CA   C  N R 16  
DLY C    C  N N 17  
DLY O    O  N N 18  
DLY CB   C  N N 19  
DLY CG   C  N N 20  
DLY CD   C  N N 21  
DLY CE   C  N N 22  
DLY NZ   N  N N 23  
DLY OXT  O  N N 24  
DLY H    H  N N 25  
DLY H2   H  N N 26  
DLY HA   H  N N 27  
DLY HB2  H  N N 28  
DLY HB3  H  N N 29  
DLY HG2  H  N N 30  
DLY HG3  H  N N 31  
DLY HD2  H  N N 32  
DLY HD3  H  N N 33  
DLY HE2  H  N N 34  
DLY HE3  H  N N 35  
DLY HZ1  H  N N 36  
DLY HZ2  H  N N 37  
DLY HXT  H  N N 38  
DTH N    N  N N 39  
DTH CA   C  N R 40  
DTH CB   C  N S 41  
DTH CG2  C  N N 42  
DTH OG1  O  N N 43  
DTH C    C  N N 44  
DTH O    O  N N 45  
DTH OXT  O  N N 46  
DTH H    H  N N 47  
DTH H2   H  N N 48  
DTH HA   H  N N 49  
DTH HB   H  N N 50  
DTH HG21 H  N N 51  
DTH HG22 H  N N 52  
DTH HG23 H  N N 53  
DTH HG1  H  N N 54  
DTH HXT  H  N N 55  
HOH O    O  N N 56  
HOH H1   H  N N 57  
HOH H2   H  N N 58  
LEU N    N  N N 59  
LEU CA   C  N S 60  
LEU C    C  N N 61  
LEU O    O  N N 62  
LEU CB   C  N N 63  
LEU CG   C  N N 64  
LEU CD1  C  N N 65  
LEU CD2  C  N N 66  
LEU OXT  O  N N 67  
LEU H    H  N N 68  
LEU H2   H  N N 69  
LEU HA   H  N N 70  
LEU HB2  H  N N 71  
LEU HB3  H  N N 72  
LEU HG   H  N N 73  
LEU HD11 H  N N 74  
LEU HD12 H  N N 75  
LEU HD13 H  N N 76  
LEU HD21 H  N N 77  
LEU HD22 H  N N 78  
LEU HD23 H  N N 79  
LEU HXT  H  N N 80  
MLU N    N  N N 81  
MLU CN   C  N N 82  
MLU CA   C  N R 83  
MLU C    C  N N 84  
MLU O    O  N N 85  
MLU CB   C  N N 86  
MLU CG   C  N N 87  
MLU CD1  C  N N 88  
MLU CD2  C  N N 89  
MLU OXT  O  N N 90  
MLU H    H  N N 91  
MLU HCN1 H  N N 92  
MLU HCN2 H  N N 93  
MLU HCN3 H  N N 94  
MLU HA   H  N N 95  
MLU HB2  H  N N 96  
MLU HB3  H  N N 97  
MLU HXT  H  N N 98  
MLU HG   H  N N 99  
MLU HD11 H  N N 100 
MLU HD12 H  N N 101 
MLU HD13 H  N N 102 
MLU HD21 H  N N 103 
MLU HD22 H  N N 104 
MLU HD23 H  N N 105 
PHE N    N  N N 106 
PHE CA   C  N S 107 
PHE C    C  N N 108 
PHE O    O  N N 109 
PHE CB   C  N N 110 
PHE CG   C  Y N 111 
PHE CD1  C  Y N 112 
PHE CD2  C  Y N 113 
PHE CE1  C  Y N 114 
PHE CE2  C  Y N 115 
PHE CZ   C  Y N 116 
PHE OXT  O  N N 117 
PHE H    H  N N 118 
PHE H2   H  N N 119 
PHE HA   H  N N 120 
PHE HB2  H  N N 121 
PHE HB3  H  N N 122 
PHE HD1  H  N N 123 
PHE HD2  H  N N 124 
PHE HE1  H  N N 125 
PHE HE2  H  N N 126 
PHE HZ   H  N N 127 
PHE HXT  H  N N 128 
SER N    N  N N 129 
SER CA   C  N S 130 
SER C    C  N N 131 
SER O    O  N N 132 
SER CB   C  N N 133 
SER OG   O  N N 134 
SER OXT  O  N N 135 
SER H    H  N N 136 
SER H2   H  N N 137 
SER HA   H  N N 138 
SER HB2  H  N N 139 
SER HB3  H  N N 140 
SER HG   H  N N 141 
SER HXT  H  N N 142 
SO4 S    S  N N 143 
SO4 O1   O  N N 144 
SO4 O2   O  N N 145 
SO4 O3   O  N N 146 
SO4 O4   O  N N 147 
# 
loop_
_chem_comp_bond.comp_id 
_chem_comp_bond.atom_id_1 
_chem_comp_bond.atom_id_2 
_chem_comp_bond.value_order 
_chem_comp_bond.pdbx_aromatic_flag 
_chem_comp_bond.pdbx_stereo_config 
_chem_comp_bond.pdbx_ordinal 
ALA N   CA   sing N N 1   
ALA N   H    sing N N 2   
ALA N   H2   sing N N 3   
ALA CA  C    sing N N 4   
ALA CA  CB   sing N N 5   
ALA CA  HA   sing N N 6   
ALA C   O    doub N N 7   
ALA C   OXT  sing N N 8   
ALA CB  HB1  sing N N 9   
ALA CB  HB2  sing N N 10  
ALA CB  HB3  sing N N 11  
ALA OXT HXT  sing N N 12  
DLY N   CA   sing N N 13  
DLY N   H    sing N N 14  
DLY N   H2   sing N N 15  
DLY CA  C    sing N N 16  
DLY CA  CB   sing N N 17  
DLY CA  HA   sing N N 18  
DLY C   O    doub N N 19  
DLY C   OXT  sing N N 20  
DLY CB  CG   sing N N 21  
DLY CB  HB2  sing N N 22  
DLY CB  HB3  sing N N 23  
DLY CG  CD   sing N N 24  
DLY CG  HG2  sing N N 25  
DLY CG  HG3  sing N N 26  
DLY CD  CE   sing N N 27  
DLY CD  HD2  sing N N 28  
DLY CD  HD3  sing N N 29  
DLY CE  NZ   sing N N 30  
DLY CE  HE2  sing N N 31  
DLY CE  HE3  sing N N 32  
DLY NZ  HZ1  sing N N 33  
DLY NZ  HZ2  sing N N 34  
DLY OXT HXT  sing N N 35  
DTH N   CA   sing N N 36  
DTH N   H    sing N N 37  
DTH N   H2   sing N N 38  
DTH CA  CB   sing N N 39  
DTH CA  C    sing N N 40  
DTH CA  HA   sing N N 41  
DTH CB  CG2  sing N N 42  
DTH CB  OG1  sing N N 43  
DTH CB  HB   sing N N 44  
DTH CG2 HG21 sing N N 45  
DTH CG2 HG22 sing N N 46  
DTH CG2 HG23 sing N N 47  
DTH OG1 HG1  sing N N 48  
DTH C   O    doub N N 49  
DTH C   OXT  sing N N 50  
DTH OXT HXT  sing N N 51  
HOH O   H1   sing N N 52  
HOH O   H2   sing N N 53  
LEU N   CA   sing N N 54  
LEU N   H    sing N N 55  
LEU N   H2   sing N N 56  
LEU CA  C    sing N N 57  
LEU CA  CB   sing N N 58  
LEU CA  HA   sing N N 59  
LEU C   O    doub N N 60  
LEU C   OXT  sing N N 61  
LEU CB  CG   sing N N 62  
LEU CB  HB2  sing N N 63  
LEU CB  HB3  sing N N 64  
LEU CG  CD1  sing N N 65  
LEU CG  CD2  sing N N 66  
LEU CG  HG   sing N N 67  
LEU CD1 HD11 sing N N 68  
LEU CD1 HD12 sing N N 69  
LEU CD1 HD13 sing N N 70  
LEU CD2 HD21 sing N N 71  
LEU CD2 HD22 sing N N 72  
LEU CD2 HD23 sing N N 73  
LEU OXT HXT  sing N N 74  
MLU N   CN   sing N N 75  
MLU N   CA   sing N N 76  
MLU CA  C    sing N N 77  
MLU CA  CB   sing N N 78  
MLU C   O    doub N N 79  
MLU C   OXT  sing N N 80  
MLU CB  CG   sing N N 81  
MLU CG  CD1  sing N N 82  
MLU CG  CD2  sing N N 83  
MLU N   H    sing N N 84  
MLU CN  HCN1 sing N N 85  
MLU CN  HCN2 sing N N 86  
MLU CN  HCN3 sing N N 87  
MLU CA  HA   sing N N 88  
MLU CB  HB2  sing N N 89  
MLU CB  HB3  sing N N 90  
MLU OXT HXT  sing N N 91  
MLU CG  HG   sing N N 92  
MLU CD1 HD11 sing N N 93  
MLU CD1 HD12 sing N N 94  
MLU CD1 HD13 sing N N 95  
MLU CD2 HD21 sing N N 96  
MLU CD2 HD22 sing N N 97  
MLU CD2 HD23 sing N N 98  
PHE N   CA   sing N N 99  
PHE N   H    sing N N 100 
PHE N   H2   sing N N 101 
PHE CA  C    sing N N 102 
PHE CA  CB   sing N N 103 
PHE CA  HA   sing N N 104 
PHE C   O    doub N N 105 
PHE C   OXT  sing N N 106 
PHE CB  CG   sing N N 107 
PHE CB  HB2  sing N N 108 
PHE CB  HB3  sing N N 109 
PHE CG  CD1  doub Y N 110 
PHE CG  CD2  sing Y N 111 
PHE CD1 CE1  sing Y N 112 
PHE CD1 HD1  sing N N 113 
PHE CD2 CE2  doub Y N 114 
PHE CD2 HD2  sing N N 115 
PHE CE1 CZ   doub Y N 116 
PHE CE1 HE1  sing N N 117 
PHE CE2 CZ   sing Y N 118 
PHE CE2 HE2  sing N N 119 
PHE CZ  HZ   sing N N 120 
PHE OXT HXT  sing N N 121 
SER N   CA   sing N N 122 
SER N   H    sing N N 123 
SER N   H2   sing N N 124 
SER CA  C    sing N N 125 
SER CA  CB   sing N N 126 
SER CA  HA   sing N N 127 
SER C   O    doub N N 128 
SER C   OXT  sing N N 129 
SER CB  OG   sing N N 130 
SER CB  HB2  sing N N 131 
SER CB  HB3  sing N N 132 
SER OG  HG   sing N N 133 
SER OXT HXT  sing N N 134 
SO4 S   O1   doub N N 135 
SO4 S   O2   doub N N 136 
SO4 S   O3   sing N N 137 
SO4 S   O4   sing N N 138 
# 
_pdbx_audit_support.funding_organization   
'National Institutes of Health/National Institute Of Allergy and Infectious Diseases (NIH/NIAID)' 
_pdbx_audit_support.country                'United States' 
_pdbx_audit_support.grant_number           AI168966 
_pdbx_audit_support.ordinal                1 
# 
_atom_sites.entry_id                    9BIC 
_atom_sites.Cartn_transf_matrix[1][1]   ? 
_atom_sites.Cartn_transf_matrix[1][2]   ? 
_atom_sites.Cartn_transf_matrix[1][3]   ? 
_atom_sites.Cartn_transf_matrix[2][1]   ? 
_atom_sites.Cartn_transf_matrix[2][2]   ? 
_atom_sites.Cartn_transf_matrix[2][3]   ? 
_atom_sites.Cartn_transf_matrix[3][1]   ? 
_atom_sites.Cartn_transf_matrix[3][2]   ? 
_atom_sites.Cartn_transf_matrix[3][3]   ? 
_atom_sites.Cartn_transf_vector[1]      ? 
_atom_sites.Cartn_transf_vector[2]      ? 
_atom_sites.Cartn_transf_vector[3]      ? 
_atom_sites.Cartn_transform_axes        ? 
_atom_sites.fract_transf_matrix[1][1]   -0.00413280 
_atom_sites.fract_transf_matrix[1][2]   0.02926926 
_atom_sites.fract_transf_matrix[1][3]   -0.03060053 
_atom_sites.fract_transf_matrix[2][1]   0.00047539 
_atom_sites.fract_transf_matrix[2][2]   -0.01509053 
_atom_sites.fract_transf_matrix[2][3]   -0.01449823 
_atom_sites.fract_transf_matrix[3][1]   -0.01839976 
_atom_sites.fract_transf_matrix[3][2]   -0.00154621 
_atom_sites.fract_transf_matrix[3][3]   0.00100606 
_atom_sites.fract_transf_vector[1]      0.899383 
_atom_sites.fract_transf_vector[2]      1.107248 
_atom_sites.fract_transf_vector[3]      -0.269793 
_atom_sites.solution_primary            ? 
_atom_sites.solution_secondary          ? 
_atom_sites.solution_hydrogens          ? 
_atom_sites.special_details             ? 
# 
loop_
_atom_type.symbol 
C  
CD 
H  
N  
O  
S  
# 
loop_
_atom_site.group_PDB 
_atom_site.id 
_atom_site.type_symbol 
_atom_site.label_atom_id 
_atom_site.label_alt_id 
_atom_site.label_comp_id 
_atom_site.label_asym_id 
_atom_site.label_entity_id 
_atom_site.label_seq_id 
_atom_site.pdbx_PDB_ins_code 
_atom_site.Cartn_x 
_atom_site.Cartn_y 
_atom_site.Cartn_z 
_atom_site.occupancy 
_atom_site.B_iso_or_equiv 
_atom_site.pdbx_formal_charge 
_atom_site.auth_seq_id 
_atom_site.auth_comp_id 
_atom_site.auth_asym_id 
_atom_site.auth_atom_id 
_atom_site.pdbx_PDB_model_num 
ATOM   1    N  N    . PHE A 1 1 ? 5.306   7.189   -5.013  1.00 17.63 ? 1   PHE A N    1 
ATOM   2    C  CA   . PHE A 1 1 ? 4.373   7.062   -3.898  1.00 11.94 ? 1   PHE A CA   1 
ATOM   3    C  C    . PHE A 1 1 ? 5.117   6.701   -2.611  1.00 10.87 ? 1   PHE A C    1 
ATOM   4    O  O    . PHE A 1 1 ? 5.949   5.803   -2.630  1.00 10.53 ? 1   PHE A O    1 
ATOM   5    C  CB   . PHE A 1 1 ? 3.318   5.992   -4.195  1.00 11.82 ? 1   PHE A CB   1 
ATOM   6    C  CG   . PHE A 1 1 ? 2.642   6.151   -5.531  1.00 13.55 ? 1   PHE A CG   1 
ATOM   7    C  CD1  . PHE A 1 1 ? 1.897   7.283   -5.820  1.00 13.39 ? 1   PHE A CD1  1 
ATOM   8    C  CD2  . PHE A 1 1 ? 2.738   5.158   -6.491  1.00 13.05 ? 1   PHE A CD2  1 
ATOM   9    C  CE1  . PHE A 1 1 ? 1.272   7.423   -7.052  1.00 12.99 ? 1   PHE A CE1  1 
ATOM   10   C  CE2  . PHE A 1 1 ? 2.115   5.295   -7.721  1.00 13.95 ? 1   PHE A CE2  1 
ATOM   11   C  CZ   . PHE A 1 1 ? 1.382   6.426   -8.000  1.00 14.63 ? 1   PHE A CZ   1 
ATOM   12   H  H2   . PHE A 1 1 ? 4.839   7.520   -5.784  1.00 21.15 ? 1   PHE A H2   1 
ATOM   13   H  H3   . PHE A 1 1 ? 6.001   7.809   -4.779  1.00 21.15 ? 1   PHE A H3   1 
ATOM   14   H  HA   . PHE A 1 1 ? 3.917   7.909   -3.769  1.00 14.33 ? 1   PHE A HA   1 
ATOM   15   H  HB2  . PHE A 1 1 ? 3.747   5.121   -4.185  1.00 14.19 ? 1   PHE A HB2  1 
ATOM   16   H  HB3  . PHE A 1 1 ? 2.632   6.032   -3.511  1.00 14.19 ? 1   PHE A HB3  1 
ATOM   17   H  HD1  . PHE A 1 1 ? 1.814   7.955   -5.182  1.00 16.08 ? 1   PHE A HD1  1 
ATOM   18   H  HD2  . PHE A 1 1 ? 3.226   4.388   -6.308  1.00 15.65 ? 1   PHE A HD2  1 
ATOM   19   H  HE1  . PHE A 1 1 ? 0.780   8.190   -7.238  1.00 15.57 ? 1   PHE A HE1  1 
ATOM   20   H  HE2  . PHE A 1 1 ? 2.193   4.622   -8.358  1.00 16.73 ? 1   PHE A HE2  1 
ATOM   21   H  HZ   . PHE A 1 1 ? 0.962   6.518   -8.824  1.00 17.56 ? 1   PHE A HZ   1 
HETATM 22   N  N    . MLU A 1 2 ? 4.830   7.362   -1.487  1.00 9.42  ? 2   MLU A N    1 
HETATM 23   C  CN   . MLU A 1 2 ? 4.036   8.554   -1.424  1.00 12.27 ? 2   MLU A CN   1 
HETATM 24   C  CA   . MLU A 1 2 ? 5.432   6.920   -0.267  1.00 10.63 ? 2   MLU A CA   1 
HETATM 25   C  C    . MLU A 1 2 ? 6.169   8.029   0.470   1.00 13.83 ? 2   MLU A C    1 
HETATM 26   O  O    . MLU A 1 2 ? 6.112   8.106   1.726   1.00 9.70  ? 2   MLU A O    1 
HETATM 27   C  CB   . MLU A 1 2 ? 4.389   6.277   0.634   1.00 17.46 ? 2   MLU A CB   1 
HETATM 28   C  CG   . MLU A 1 2 ? 3.881   4.989   0.003   1.00 11.50 ? 2   MLU A CG   1 
HETATM 29   C  CD1  . MLU A 1 2 ? 4.810   3.839   0.333   1.00 14.17 ? 2   MLU A CD1  1 
HETATM 30   C  CD2  . MLU A 1 2 ? 2.500   4.666   0.533   1.00 9.48  ? 2   MLU A CD2  1 
HETATM 31   H  HCN1 . MLU A 1 2 ? 3.189   8.408   -1.897  1.00 14.73 ? 2   MLU A HCN1 1 
HETATM 32   H  HCN2 . MLU A 1 2 ? 4.522   9.295   -1.845  1.00 14.73 ? 2   MLU A HCN2 1 
HETATM 33   H  HCN3 . MLU A 1 2 ? 3.851   8.776   -0.485  1.00 14.73 ? 2   MLU A HCN3 1 
HETATM 34   H  HA   . MLU A 1 2 ? 6.106   6.254   -0.509  1.00 12.76 ? 2   MLU A HA   1 
HETATM 35   H  HB2  . MLU A 1 2 ? 3.640   6.895   0.756   1.00 20.95 ? 2   MLU A HB2  1 
HETATM 36   H  HB3  . MLU A 1 2 ? 4.790   6.075   1.503   1.00 20.95 ? 2   MLU A HB3  1 
HETATM 37   H  HG   . MLU A 1 2 ? 3.848   5.112   -0.965  1.00 13.81 ? 2   MLU A HG   1 
HETATM 38   H  HD11 . MLU A 1 2 ? 5.709   4.038   -0.002  1.00 17.01 ? 2   MLU A HD11 1 
HETATM 39   H  HD12 . MLU A 1 2 ? 4.844   3.716   1.306   1.00 17.01 ? 2   MLU A HD12 1 
HETATM 40   H  HD13 . MLU A 1 2 ? 4.478   3.019   -0.087  1.00 17.01 ? 2   MLU A HD13 1 
HETATM 41   H  HD21 . MLU A 1 2 ? 2.528   4.620   1.511   1.00 11.38 ? 2   MLU A HD21 1 
HETATM 42   H  HD22 . MLU A 1 2 ? 2.205   3.803   0.173   1.00 11.38 ? 2   MLU A HD22 1 
HETATM 43   H  HD23 . MLU A 1 2 ? 1.873   5.367   0.256   1.00 11.38 ? 2   MLU A HD23 1 
HETATM 44   N  N    . DLY A 1 3 ? 6.864   8.878   -0.281  1.00 8.45  ? 3   DLY A N    1 
HETATM 45   C  CA   . DLY A 1 3 ? 7.787   9.830   0.307   1.00 10.87 ? 3   DLY A CA   1 
HETATM 46   C  C    . DLY A 1 3 ? 8.934   9.073   0.986   1.00 10.30 ? 3   DLY A C    1 
HETATM 47   O  O    . DLY A 1 3 ? 9.318   8.048   0.532   1.00 9.05  ? 3   DLY A O    1 
HETATM 48   C  CB   . DLY A 1 3 ? 8.394   10.689  -0.804  1.00 9.34  ? 3   DLY A CB   1 
HETATM 49   C  CG   . DLY A 1 3 ? 7.357   11.618  -1.429  1.00 18.95 ? 3   DLY A CG   1 
HETATM 50   C  CD   . DLY A 1 3 ? 8.080   12.720  -2.204  1.00 19.06 ? 3   DLY A CD   1 
HETATM 51   C  CE   . DLY A 1 3 ? 7.157   13.312  -3.266  1.00 23.90 ? 3   DLY A CE   1 
HETATM 52   N  NZ   . DLY A 1 3 ? 6.079   14.041  -2.621  1.00 31.47 ? 3   DLY A NZ   1 
HETATM 53   H  H    . DLY A 1 3 ? 6.782   8.894   -1.132  1.00 10.12 ? 3   DLY A H    1 
HETATM 54   H  HA   . DLY A 1 3 ? 7.312   10.378  0.951   1.00 13.04 ? 3   DLY A HA   1 
HETATM 55   H  HB2  . DLY A 1 3 ? 9.112   11.223  -0.431  1.00 11.22 ? 3   DLY A HB2  1 
HETATM 56   H  HB3  . DLY A 1 3 ? 8.749   10.105  -1.493  1.00 11.22 ? 3   DLY A HB3  1 
HETATM 57   H  HG2  . DLY A 1 3 ? 6.813   12.016  -0.731  1.00 22.75 ? 3   DLY A HG2  1 
HETATM 58   H  HG3  . DLY A 1 3 ? 6.790   11.115  -2.033  1.00 22.75 ? 3   DLY A HG3  1 
HETATM 59   H  HD2  . DLY A 1 3 ? 8.866   12.348  -2.634  1.00 22.87 ? 3   DLY A HD2  1 
HETATM 60   H  HD3  . DLY A 1 3 ? 8.350   13.420  -1.588  1.00 22.87 ? 3   DLY A HD3  1 
HETATM 61   H  HE2  . DLY A 1 3 ? 7.661   13.916  -3.833  1.00 28.68 ? 3   DLY A HE2  1 
HETATM 62   H  HE3  . DLY A 1 3 ? 6.785   12.597  -3.806  1.00 28.68 ? 3   DLY A HE3  1 
HETATM 63   H  HZ1  . DLY A 1 3 ? 5.476   13.465  -2.310  1.00 37.77 ? 3   DLY A HZ1  1 
HETATM 64   H  HZ2  . DLY A 1 3 ? 6.407   14.520  -1.947  1.00 37.77 ? 3   DLY A HZ2  1 
HETATM 65   H  HZ3  . DLY A 1 3 ? 5.693   14.585  -3.211  1.00 37.77 ? 3   DLY A HZ3  1 
ATOM   66   N  N    . SER A 1 4 ? 9.449   9.616   2.089   1.00 8.13  ? 4   SER A N    1 
ATOM   67   C  CA   . SER A 1 4 ? 10.700  9.133   2.668   1.00 8.99  ? 4   SER A CA   1 
ATOM   68   C  C    . SER A 1 4 ? 10.590  7.745   3.298   1.00 11.86 ? 4   SER A C    1 
ATOM   69   O  O    . SER A 1 4 ? 11.530  6.956   3.223   1.00 8.96  ? 4   SER A O    1 
ATOM   70   C  CB   . SER A 1 4 ? 11.211  10.124  3.719   1.00 17.72 ? 4   SER A CB   1 
ATOM   71   O  OG   . SER A 1 4 ? 10.439  10.074  4.909   1.00 9.40  ? 4   SER A OG   1 
ATOM   72   H  H    . SER A 1 4 ? 9.090   10.267  2.521   1.00 9.76  ? 4   SER A H    1 
ATOM   73   H  HA   . SER A 1 4 ? 11.341  9.060   1.944   1.00 10.79 ? 4   SER A HA   1 
ATOM   74   H  HB2  . SER A 1 4 ? 12.132  9.904   3.935   1.00 21.26 ? 4   SER A HB2  1 
ATOM   75   H  HB3  . SER A 1 4 ? 11.162  11.021  3.353   1.00 21.26 ? 4   SER A HB3  1 
ATOM   76   H  HG   . SER A 1 4 ? 10.724  10.640  5.461   1.00 11.28 ? 4   SER A HG   1 
HETATM 77   N  N    . DTH A 1 5 ? 9.449   7.443   3.909   1.00 7.51  ? 5   DTH A N    1 
HETATM 78   C  CA   . DTH A 1 5 ? 9.344   6.231   4.707   1.00 10.40 ? 5   DTH A CA   1 
HETATM 79   C  CB   . DTH A 1 5 ? 8.116   5.395   4.327   1.00 9.69  ? 5   DTH A CB   1 
HETATM 80   C  CG2  . DTH A 1 5 ? 8.060   5.138   2.818   1.00 13.98 ? 5   DTH A CG2  1 
HETATM 81   O  OG1  . DTH A 1 5 ? 6.967   6.075   4.714   1.00 7.17  ? 5   DTH A OG1  1 
HETATM 82   C  C    . DTH A 1 5 ? 9.272   6.613   6.187   1.00 8.63  ? 5   DTH A C    1 
HETATM 83   O  O    . DTH A 1 5 ? 9.068   5.775   6.995   1.00 9.45  ? 5   DTH A O    1 
HETATM 84   H  H    . DTH A 1 5 ? 8.754   7.938   3.847   1.00 9.00  ? 5   DTH A H    1 
HETATM 85   H  HA   . DTH A 1 5 ? 10.129  5.687   4.534   1.00 12.48 ? 5   DTH A HA   1 
HETATM 86   H  HB   . DTH A 1 5 ? 8.179   4.540   4.780   1.00 11.63 ? 5   DTH A HB   1 
HETATM 87   H  HG21 . DTH A 1 5 ? 7.881   5.970   2.354   1.00 16.78 ? 5   DTH A HG21 1 
HETATM 88   H  HG22 . DTH A 1 5 ? 7.354   4.500   2.625   1.00 16.78 ? 5   DTH A HG22 1 
HETATM 89   H  HG23 . DTH A 1 5 ? 8.910   4.778   2.519   1.00 16.78 ? 5   DTH A HG23 1 
ATOM   90   N  N    . ALA A 1 6 ? 9.463   7.893   6.507   1.00 7.90  ? 6   ALA A N    1 
ATOM   91   C  CA   . ALA A 1 6 ? 9.331   8.349   7.887   1.00 7.04  ? 6   ALA A CA   1 
ATOM   92   C  C    . ALA A 1 6 ? 7.858   8.435   8.279   1.00 10.95 ? 6   ALA A C    1 
ATOM   93   O  O    . ALA A 1 6 ? 7.406   7.715   9.166   1.00 12.22 ? 6   ALA A O    1 
ATOM   94   C  CB   . ALA A 1 6 ? 10.006  9.678   8.075   1.00 8.78  ? 6   ALA A CB   1 
ATOM   95   H  H    . ALA A 1 6 ? 9.668   8.511   5.945   1.00 9.48  ? 6   ALA A H    1 
ATOM   96   H  HA   . ALA A 1 6 ? 9.768   7.714   8.476   1.00 8.45  ? 6   ALA A HA   1 
ATOM   97   H  HB1  . ALA A 1 6 ? 9.941   9.937   9.008   1.00 10.54 ? 6   ALA A HB1  1 
ATOM   98   H  HB2  . ALA A 1 6 ? 10.939  9.598   7.819   1.00 10.54 ? 6   ALA A HB2  1 
ATOM   99   H  HB3  . ALA A 1 6 ? 9.567   10.338  7.517   1.00 10.54 ? 6   ALA A HB3  1 
ATOM   100  N  N    . LEU A 1 7 ? 7.105   9.320   7.617   1.00 9.82  ? 7   LEU A N    1 
ATOM   101  C  CA   . LEU A 1 7 ? 5.661   9.354   7.838   1.00 7.62  ? 7   LEU A CA   1 
ATOM   102  C  C    . LEU A 1 7 ? 4.998   8.088   7.306   1.00 9.84  ? 7   LEU A C    1 
ATOM   103  O  O    . LEU A 1 7 ? 4.172   7.470   7.989   1.00 5.69  ? 7   LEU A O    1 
ATOM   104  C  CB   . LEU A 1 7 ? 5.053   10.595  7.180   1.00 7.93  ? 7   LEU A CB   1 
ATOM   105  C  CG   . LEU A 1 7 ? 3.557   10.840  7.429   1.00 7.62  ? 7   LEU A CG   1 
ATOM   106  C  CD1  . LEU A 1 7 ? 3.301   11.362  8.838   1.00 4.96  ? 7   LEU A CD1  1 
ATOM   107  C  CD2  . LEU A 1 7 ? 2.976   11.795  6.384   1.00 5.55  ? 7   LEU A CD2  1 
ATOM   108  H  H    . LEU A 1 7 ? 7.399   9.895   7.050   1.00 11.78 ? 7   LEU A H    1 
ATOM   109  H  HA   . LEU A 1 7 ? 5.493   9.410   8.791   1.00 9.15  ? 7   LEU A HA   1 
ATOM   110  H  HB2  . LEU A 1 7 ? 5.528   11.374  7.510   1.00 9.52  ? 7   LEU A HB2  1 
ATOM   111  H  HB3  . LEU A 1 7 ? 5.174   10.516  6.220   1.00 9.52  ? 7   LEU A HB3  1 
ATOM   112  H  HG   . LEU A 1 7 ? 3.096   9.989   7.346   1.00 9.14  ? 7   LEU A HG   1 
ATOM   113  H  HD11 . LEU A 1 7 ? 2.361   11.584  8.926   1.00 5.94  ? 7   LEU A HD11 1 
ATOM   114  H  HD12 . LEU A 1 7 ? 3.539   10.673  9.477   1.00 5.94  ? 7   LEU A HD12 1 
ATOM   115  H  HD13 . LEU A 1 7 ? 3.843   12.152  8.984   1.00 5.94  ? 7   LEU A HD13 1 
ATOM   116  H  HD21 . LEU A 1 7 ? 2.049   11.978  6.603   1.00 6.64  ? 7   LEU A HD21 1 
ATOM   117  H  HD22 . LEU A 1 7 ? 3.487   12.620  6.392   1.00 6.64  ? 7   LEU A HD22 1 
ATOM   118  H  HD23 . LEU A 1 7 ? 3.034   11.379  5.509   1.00 6.64  ? 7   LEU A HD23 1 
ATOM   119  N  N    . LEU A 1 8 ? 5.349   7.686   6.088   1.00 12.09 ? 8   LEU A N    1 
ATOM   120  C  CA   . LEU A 1 8 ? 4.738   6.526   5.441   1.00 6.54  ? 8   LEU A CA   1 
ATOM   121  C  C    . LEU A 1 8 ? 5.810   5.527   5.059   1.00 7.97  ? 8   LEU A C    1 
ATOM   122  O  O    . LEU A 1 8 ? 5.601   4.314   5.065   1.00 13.36 ? 8   LEU A O    1 
ATOM   123  C  CB   . LEU A 1 8 ? 3.962   6.952   4.200   1.00 6.92  ? 8   LEU A CB   1 
ATOM   124  C  CG   . LEU A 1 8 ? 3.001   8.122   4.391   1.00 12.90 ? 8   LEU A CG   1 
ATOM   125  C  CD1  . LEU A 1 8 ? 2.340   8.464   3.068   1.00 12.57 ? 8   LEU A CD1  1 
ATOM   126  C  CD2  . LEU A 1 8 ? 1.962   7.796   5.444   1.00 12.89 ? 8   LEU A CD2  1 
ATOM   127  H  H    . LEU A 1 8 ? 5.947   8.073   5.606   1.00 14.52 ? 8   LEU A H    1 
ATOM   128  H  HA   . LEU A 1 8 ? 4.114   6.103   6.051   1.00 7.84  ? 8   LEU A HA   1 
ATOM   129  H  HB2  . LEU A 1 8 ? 4.601   7.210   3.517   1.00 8.31  ? 8   LEU A HB2  1 
ATOM   130  H  HB3  . LEU A 1 8 ? 3.438   6.194   3.894   1.00 8.31  ? 8   LEU A HB3  1 
ATOM   131  H  HG   . LEU A 1 8 ? 3.494   8.898   4.698   1.00 15.48 ? 8   LEU A HG   1 
ATOM   132  H  HD11 . LEU A 1 8 ? 1.796   9.258   3.183   1.00 15.08 ? 8   LEU A HD11 1 
ATOM   133  H  HD12 . LEU A 1 8 ? 3.029   8.628   2.404   1.00 15.08 ? 8   LEU A HD12 1 
ATOM   134  H  HD13 . LEU A 1 8 ? 1.784   7.719   2.791   1.00 15.08 ? 8   LEU A HD13 1 
ATOM   135  H  HD21 . LEU A 1 8 ? 1.349   8.543   5.524   1.00 15.47 ? 8   LEU A HD21 1 
ATOM   136  H  HD22 . LEU A 1 8 ? 1.479   6.999   5.175   1.00 15.47 ? 8   LEU A HD22 1 
ATOM   137  H  HD23 . LEU A 1 8 ? 2.409   7.641   6.291   1.00 15.47 ? 8   LEU A HD23 1 
ATOM   138  N  N    . PHE B 1 1 ? 6.858   -6.272  4.859   1.00 12.38 ? 1   PHE B N    1 
ATOM   139  C  CA   . PHE B 1 1 ? 6.090   -5.993  3.650   1.00 15.38 ? 1   PHE B CA   1 
ATOM   140  C  C    . PHE B 1 1 ? 6.956   -5.429  2.518   1.00 9.59  ? 1   PHE B C    1 
ATOM   141  O  O    . PHE B 1 1 ? 7.758   -4.524  2.750   1.00 13.39 ? 1   PHE B O    1 
ATOM   142  C  CB   . PHE B 1 1 ? 4.972   -4.998  3.948   1.00 8.64  ? 1   PHE B CB   1 
ATOM   143  C  CG   . PHE B 1 1 ? 4.136   -5.359  5.137   1.00 11.25 ? 1   PHE B CG   1 
ATOM   144  C  CD1  . PHE B 1 1 ? 3.390   -6.524  5.148   1.00 9.23  ? 1   PHE B CD1  1 
ATOM   145  C  CD2  . PHE B 1 1 ? 4.082   -4.524  6.239   1.00 10.35 ? 1   PHE B CD2  1 
ATOM   146  C  CE1  . PHE B 1 1 ? 2.615   -6.850  6.241   1.00 16.91 ? 1   PHE B CE1  1 
ATOM   147  C  CE2  . PHE B 1 1 ? 3.310   -4.847  7.331   1.00 8.52  ? 1   PHE B CE2  1 
ATOM   148  C  CZ   . PHE B 1 1 ? 2.577   -6.010  7.335   1.00 9.08  ? 1   PHE B CZ   1 
ATOM   149  H  H2   . PHE B 1 1 ? 6.356   -6.855  5.431   1.00 14.86 ? 1   PHE B H2   1 
ATOM   150  H  H3   . PHE B 1 1 ? 7.695   -6.686  4.634   1.00 14.86 ? 1   PHE B H3   1 
ATOM   151  H  HA   . PHE B 1 1 ? 5.710   -6.832  3.346   1.00 18.46 ? 1   PHE B HA   1 
ATOM   152  H  HB2  . PHE B 1 1 ? 5.366   -4.128  4.118   1.00 10.38 ? 1   PHE B HB2  1 
ATOM   153  H  HB3  . PHE B 1 1 ? 4.384   -4.951  3.178   1.00 10.38 ? 1   PHE B HB3  1 
ATOM   154  H  HD1  . PHE B 1 1 ? 3.411   -7.092  4.412   1.00 11.06 ? 1   PHE B HD1  1 
ATOM   155  H  HD2  . PHE B 1 1 ? 4.575   -3.734  6.241   1.00 12.42 ? 1   PHE B HD2  1 
ATOM   156  H  HE1  . PHE B 1 1 ? 2.117   -7.637  6.241   1.00 20.30 ? 1   PHE B HE1  1 
ATOM   157  H  HE2  . PHE B 1 1 ? 3.283   -4.279  8.067   1.00 10.21 ? 1   PHE B HE2  1 
ATOM   158  H  HZ   . PHE B 1 1 ? 2.057   -6.230  8.074   1.00 10.88 ? 1   PHE B HZ   1 
HETATM 159  N  N    . MLU B 1 2 ? 6.790   -5.924  1.292   1.00 8.47  ? 2   MLU B N    1 
HETATM 160  C  CN   . MLU B 1 2 ? 6.134   -7.168  1.012   1.00 9.33  ? 2   MLU B CN   1 
HETATM 161  C  CA   . MLU B 1 2 ? 7.407   -5.265  0.187   1.00 8.16  ? 2   MLU B CA   1 
HETATM 162  C  C    . MLU B 1 2 ? 8.389   -6.170  -0.528  1.00 9.09  ? 2   MLU B C    1 
HETATM 163  O  O    . MLU B 1 2 ? 8.594   -6.054  -1.767  1.00 15.35 ? 2   MLU B O    1 
HETATM 164  C  CB   . MLU B 1 2 ? 6.327   -4.767  -0.765  1.00 10.64 ? 2   MLU B CB   1 
HETATM 165  C  CG   . MLU B 1 2 ? 6.047   -3.275  -0.676  1.00 16.00 ? 2   MLU B CG   1 
HETATM 166  C  CD1  . MLU B 1 2 ? 4.609   -3.065  -1.096  1.00 14.51 ? 2   MLU B CD1  1 
HETATM 167  C  CD2  . MLU B 1 2 ? 6.198   -2.689  0.713   1.00 14.93 ? 2   MLU B CD2  1 
HETATM 168  H  HCN1 . MLU B 1 2 ? 5.203   -7.122  1.318   1.00 11.19 ? 2   MLU B HCN1 1 
HETATM 169  H  HCN2 . MLU B 1 2 ? 6.153   -7.338  0.046   1.00 11.19 ? 2   MLU B HCN2 1 
HETATM 170  H  HCN3 . MLU B 1 2 ? 6.597   -7.895  1.481   1.00 11.19 ? 2   MLU B HCN3 1 
HETATM 171  H  HA   . MLU B 1 2 ? 7.919   -4.503  0.522   1.00 9.78  ? 2   MLU B HA   1 
HETATM 172  H  HB2  . MLU B 1 2 ? 5.499   -5.247  -0.564  1.00 12.77 ? 2   MLU B HB2  1 
HETATM 173  H  HB3  . MLU B 1 2 ? 6.608   -4.972  -1.679  1.00 12.77 ? 2   MLU B HB3  1 
HETATM 174  H  HG   . MLU B 1 2 ? 6.702   -2.828  -1.245  1.00 19.21 ? 2   MLU B HG   1 
HETATM 175  H  HD11 . MLU B 1 2 ? 4.399   -2.109  -1.075  1.00 17.41 ? 2   MLU B HD11 1 
HETATM 176  H  HD12 . MLU B 1 2 ? 4.480   -3.408  -2.006  1.00 17.41 ? 2   MLU B HD12 1 
HETATM 177  H  HD13 . MLU B 1 2 ? 4.016   -3.544  -0.480  1.00 17.41 ? 2   MLU B HD13 1 
HETATM 178  H  HD21 . MLU B 1 2 ? 5.813   -1.788  0.732   1.00 17.92 ? 2   MLU B HD21 1 
HETATM 179  H  HD22 . MLU B 1 2 ? 5.729   -3.258  1.360   1.00 17.92 ? 2   MLU B HD22 1 
HETATM 180  H  HD23 . MLU B 1 2 ? 7.149   -2.644  0.948   1.00 17.92 ? 2   MLU B HD23 1 
HETATM 181  N  N    . DLY B 1 3 ? 9.023   -7.066  0.218   1.00 9.12  ? 3   DLY B N    1 
HETATM 182  C  CA   . DLY B 1 3 ? 10.101  -7.846  -0.347  1.00 14.65 ? 3   DLY B CA   1 
HETATM 183  C  C    . DLY B 1 3 ? 11.345  -6.972  -0.206  1.00 12.02 ? 3   DLY B C    1 
HETATM 184  O  O    . DLY B 1 3 ? 11.422  -6.164  0.658   1.00 13.41 ? 3   DLY B O    1 
HETATM 185  C  CB   . DLY B 1 3 ? 10.199  -9.198  0.365   1.00 21.82 ? 3   DLY B CB   1 
HETATM 186  C  CG   . DLY B 1 3 ? 8.946   -10.021 0.036   1.00 26.29 ? 3   DLY B CG   1 
HETATM 187  C  CD   . DLY B 1 3 ? 9.004   -10.578 -1.394  1.00 35.99 ? 3   DLY B CD   1 
HETATM 188  C  CE   . DLY B 1 3 ? 8.254   -9.700  -2.407  1.00 40.67 ? 3   DLY B CE   1 
HETATM 189  N  NZ   . DLY B 1 3 ? 9.034   -9.555  -3.631  1.00 24.16 ? 3   DLY B NZ   1 
HETATM 190  H  H    . DLY B 1 3 ? 8.828   -7.205  1.038   1.00 10.93 ? 3   DLY B H    1 
HETATM 191  H  HA   . DLY B 1 3 ? 9.970   -8.073  -1.282  1.00 17.58 ? 3   DLY B HA   1 
HETATM 192  H  HB2  . DLY B 1 3 ? 10.989  -9.672  0.061   1.00 26.19 ? 3   DLY B HB2  1 
HETATM 193  H  HB3  . DLY B 1 3 ? 10.255  -9.058  1.323   1.00 26.19 ? 3   DLY B HB3  1 
HETATM 194  H  HG2  . DLY B 1 3 ? 8.163   -9.454  0.123   1.00 31.56 ? 3   DLY B HG2  1 
HETATM 195  H  HG3  . DLY B 1 3 ? 8.879   -10.760 0.661   1.00 31.56 ? 3   DLY B HG3  1 
HETATM 196  H  HD2  . DLY B 1 3 ? 8.607   -11.463 -1.399  1.00 43.19 ? 3   DLY B HD2  1 
HETATM 197  H  HD3  . DLY B 1 3 ? 9.933   -10.639 -1.666  1.00 43.19 ? 3   DLY B HD3  1 
HETATM 198  H  HE2  . DLY B 1 3 ? 7.401   -10.111 -2.618  1.00 48.81 ? 3   DLY B HE2  1 
HETATM 199  H  HE3  . DLY B 1 3 ? 8.103   -8.824  -2.019  1.00 48.81 ? 3   DLY B HE3  1 
HETATM 200  H  HZ1  . DLY B 1 3 ? 8.864   -8.763  -3.999  1.00 28.99 ? 3   DLY B HZ1  1 
HETATM 201  H  HZ2  . DLY B 1 3 ? 9.901   -9.612  -3.439  1.00 28.99 ? 3   DLY B HZ2  1 
HETATM 202  H  HZ3  . DLY B 1 3 ? 8.813   -10.201 -4.202  1.00 28.99 ? 3   DLY B HZ3  1 
ATOM   203  N  N    . SER B 1 4 ? 12.288  -7.144  -1.121  1.00 9.92  ? 4   SER B N    1 
ATOM   204  C  CA   . SER B 1 4 ? 13.547  -6.411  -1.068  1.00 18.29 ? 4   SER B CA   1 
ATOM   205  C  C    . SER B 1 4 ? 13.406  -4.992  -1.616  1.00 9.18  ? 4   SER B C    1 
ATOM   206  O  O    . SER B 1 4 ? 14.156  -4.095  -1.234  1.00 9.48  ? 4   SER B O    1 
ATOM   207  C  CB   . SER B 1 4 ? 14.611  -7.155  -1.860  1.00 11.06 ? 4   SER B CB   1 
ATOM   208  O  OG   . SER B 1 4 ? 14.300  -7.119  -3.240  1.00 10.47 ? 4   SER B OG   1 
ATOM   209  H  H    . SER B 1 4 ? 12.224  -7.683  -1.788  1.00 11.88 ? 4   SER B H    1 
ATOM   210  H  HA   . SER B 1 4 ? 13.825  -6.343  -0.143  1.00 21.95 ? 4   SER B HA   1 
ATOM   211  H  HB2  . SER B 1 4 ? 15.472  -6.731  -1.716  1.00 13.25 ? 4   SER B HB2  1 
ATOM   212  H  HB3  . SER B 1 4 ? 14.643  -8.079  -1.564  1.00 13.25 ? 4   SER B HB3  1 
ATOM   213  H  HG   . SER B 1 4 ? 14.903  -7.500  -3.682  1.00 12.56 ? 4   SER B HG   1 
HETATM 214  N  N    . DTH B 1 5 ? 12.442  -4.798  -2.511  1.00 8.49  ? 5   DTH B N    1 
HETATM 215  C  CA   . DTH B 1 5 ? 12.287  -3.520  -3.185  1.00 13.58 ? 5   DTH B CA   1 
HETATM 216  C  CB   . DTH B 1 5 ? 10.853  -3.005  -3.017  1.00 10.99 ? 5   DTH B CB   1 
HETATM 217  C  CG2  . DTH B 1 5 ? 10.375  -3.235  -1.584  1.00 15.16 ? 5   DTH B CG2  1 
HETATM 218  O  OG1  . DTH B 1 5 ? 9.996   -3.657  -3.914  1.00 7.76  ? 5   DTH B OG1  1 
HETATM 219  C  C    . DTH B 1 5 ? 12.620  -3.704  -4.673  1.00 10.45 ? 5   DTH B C    1 
HETATM 220  O  O    . DTH B 1 5 ? 12.376  -2.843  -5.456  1.00 9.39  ? 5   DTH B O    1 
HETATM 221  H  H    . DTH B 1 5 ? 11.886  -5.415  -2.723  1.00 10.18 ? 5   DTH B H    1 
HETATM 222  H  HA   . DTH B 1 5 ? 12.889  -2.866  -2.797  1.00 16.29 ? 5   DTH B HA   1 
HETATM 223  H  HB   . DTH B 1 5 ? 10.843  -2.053  -3.206  1.00 13.19 ? 5   DTH B HB   1 
HETATM 224  H  HG21 . DTH B 1 5 ? 10.997  -2.820  -0.966  1.00 18.19 ? 5   DTH B HG21 1 
HETATM 225  H  HG22 . DTH B 1 5 ? 9.495   -2.843  -1.470  1.00 18.19 ? 5   DTH B HG22 1 
HETATM 226  H  HG23 . DTH B 1 5 ? 10.331  -4.188  -1.408  1.00 18.19 ? 5   DTH B HG23 1 
ATOM   227  N  N    . ALA B 1 6 ? 13.170  -4.866  -5.016  1.00 8.46  ? 6   ALA B N    1 
ATOM   228  C  CA   . ALA B 1 6 ? 13.597  -5.162  -6.380  1.00 10.01 ? 6   ALA B CA   1 
ATOM   229  C  C    . ALA B 1 6 ? 12.407  -5.397  -7.313  1.00 15.44 ? 6   ALA B C    1 
ATOM   230  O  O    . ALA B 1 6 ? 12.458  -5.054  -8.497  1.00 16.21 ? 6   ALA B O    1 
ATOM   231  C  CB   . ALA B 1 6 ? 14.517  -6.374  -6.388  1.00 9.57  ? 6   ALA B CB   1 
ATOM   232  H  H    . ALA B 1 6 ? 13.309  -5.513  -4.467  1.00 10.14 ? 6   ALA B H    1 
ATOM   233  H  HA   . ALA B 1 6 ? 14.086  -4.397  -6.721  1.00 12.01 ? 6   ALA B HA   1 
ATOM   234  H  HB1  . ALA B 1 6 ? 14.787  -6.560  -7.301  1.00 11.47 ? 6   ALA B HB1  1 
ATOM   235  H  HB2  . ALA B 1 6 ? 15.298  -6.182  -5.845  1.00 11.47 ? 6   ALA B HB2  1 
ATOM   236  H  HB3  . ALA B 1 6 ? 14.039  -7.136  -6.024  1.00 11.47 ? 6   ALA B HB3  1 
ATOM   237  N  N    . LEU B 1 7 ? 11.344  -5.997  -6.773  1.00 14.99 ? 7   LEU B N    1 
ATOM   238  C  CA   . LEU B 1 7 ? 10.106  -6.245  -7.506  1.00 13.21 ? 7   LEU B CA   1 
ATOM   239  C  C    . LEU B 1 7 ? 9.013   -5.264  -7.108  1.00 11.36 ? 7   LEU B C    1 
ATOM   240  O  O    . LEU B 1 7 ? 8.302   -4.736  -7.968  1.00 12.86 ? 7   LEU B O    1 
ATOM   241  C  CB   . LEU B 1 7 ? 9.610   -7.677  -7.267  1.00 12.96 ? 7   LEU B CB   1 
ATOM   242  C  CG   . LEU B 1 7 ? 10.620  -8.817  -7.386  1.00 17.03 ? 7   LEU B CG   1 
ATOM   243  C  CD1  . LEU B 1 7 ? 11.438  -8.970  -6.110  1.00 23.69 ? 7   LEU B CD1  1 
ATOM   244  C  CD2  . LEU B 1 7 ? 9.899   -10.109 -7.695  1.00 28.39 ? 7   LEU B CD2  1 
ATOM   245  H  H    . LEU B 1 7 ? 11.317  -6.276  -5.960  1.00 17.99 ? 7   LEU B H    1 
ATOM   246  H  HA   . LEU B 1 7 ? 10.287  -6.153  -8.455  1.00 15.86 ? 7   LEU B HA   1 
ATOM   247  H  HB2  . LEU B 1 7 ? 9.250   -7.716  -6.366  1.00 15.55 ? 7   LEU B HB2  1 
ATOM   248  H  HB3  . LEU B 1 7 ? 8.909   -7.857  -7.912  1.00 15.55 ? 7   LEU B HB3  1 
ATOM   249  H  HG   . LEU B 1 7 ? 11.235  -8.613  -8.107  1.00 20.44 ? 7   LEU B HG   1 
ATOM   250  H  HD11 . LEU B 1 7 ? 12.031  -9.731  -6.205  1.00 28.43 ? 7   LEU B HD11 1 
ATOM   251  H  HD12 . LEU B 1 7 ? 11.956  -8.162  -5.969  1.00 28.43 ? 7   LEU B HD12 1 
ATOM   252  H  HD13 . LEU B 1 7 ? 10.835  -9.111  -5.363  1.00 28.43 ? 7   LEU B HD13 1 
ATOM   253  H  HD21 . LEU B 1 7 ? 10.549  -10.828 -7.749  1.00 34.07 ? 7   LEU B HD21 1 
ATOM   254  H  HD22 . LEU B 1 7 ? 9.262   -10.292 -6.987  1.00 34.07 ? 7   LEU B HD22 1 
ATOM   255  H  HD23 . LEU B 1 7 ? 9.436   -10.017 -8.543  1.00 34.07 ? 7   LEU B HD23 1 
ATOM   256  N  N    . LEU B 1 8 ? 8.852   -5.038  -5.808  1.00 10.84 ? 8   LEU B N    1 
ATOM   257  C  CA   . LEU B 1 8 ? 8.023   -3.949  -5.300  1.00 14.63 ? 8   LEU B CA   1 
ATOM   258  C  C    . LEU B 1 8 ? 8.848   -3.124  -4.313  1.00 8.18  ? 8   LEU B C    1 
ATOM   259  O  O    . LEU B 1 8 ? 8.452   -2.027  -3.927  1.00 10.08 ? 8   LEU B O    1 
ATOM   260  C  CB   . LEU B 1 8 ? 6.754   -4.485  -4.632  1.00 8.97  ? 8   LEU B CB   1 
ATOM   261  C  CG   . LEU B 1 8 ? 5.737   -5.156  -5.560  1.00 14.92 ? 8   LEU B CG   1 
ATOM   262  C  CD1  . LEU B 1 8 ? 4.592   -5.727  -4.739  1.00 16.68 ? 8   LEU B CD1  1 
ATOM   263  C  CD2  . LEU B 1 8 ? 5.209   -4.191  -6.622  1.00 12.05 ? 8   LEU B CD2  1 
ATOM   264  H  H    . LEU B 1 8 ? 9.219   -5.508  -5.188  1.00 13.01 ? 8   LEU B H    1 
ATOM   265  H  HA   . LEU B 1 8 ? 7.729   -3.381  -6.028  1.00 17.55 ? 8   LEU B HA   1 
ATOM   266  H  HB2  . LEU B 1 8 ? 7.016   -5.145  -3.971  1.00 10.75 ? 8   LEU B HB2  1 
ATOM   267  H  HB3  . LEU B 1 8 ? 6.303   -3.743  -4.201  1.00 10.75 ? 8   LEU B HB3  1 
ATOM   268  H  HG   . LEU B 1 8 ? 6.178   -5.878  -6.033  1.00 17.90 ? 8   LEU B HG   1 
ATOM   269  H  HD11 . LEU B 1 8 ? 3.995   -6.217  -5.328  1.00 20.02 ? 8   LEU B HD11 1 
ATOM   270  H  HD12 . LEU B 1 8 ? 4.953   -6.322  -4.065  1.00 20.02 ? 8   LEU B HD12 1 
ATOM   271  H  HD13 . LEU B 1 8 ? 4.113   -4.998  -4.315  1.00 20.02 ? 8   LEU B HD13 1 
ATOM   272  H  HD21 . LEU B 1 8 ? 4.528   -4.640  -7.146  1.00 14.46 ? 8   LEU B HD21 1 
ATOM   273  H  HD22 . LEU B 1 8 ? 4.831   -3.413  -6.182  1.00 14.46 ? 8   LEU B HD22 1 
ATOM   274  H  HD23 . LEU B 1 8 ? 5.943   -3.921  -7.197  1.00 14.46 ? 8   LEU B HD23 1 
ATOM   275  N  N    . PHE C 1 1 ? -7.815  2.768   -1.801  1.00 10.96 ? 1   PHE C N    1 
ATOM   276  C  CA   . PHE C 1 1 ? -6.366  2.865   -1.661  1.00 10.09 ? 1   PHE C CA   1 
ATOM   277  C  C    . PHE C 1 1 ? -5.726  3.931   -2.574  1.00 13.55 ? 1   PHE C C    1 
ATOM   278  O  O    . PHE C 1 1 ? -5.937  3.920   -3.783  1.00 9.40  ? 1   PHE C O    1 
ATOM   279  C  CB   . PHE C 1 1 ? -5.717  1.515   -1.961  1.00 11.28 ? 1   PHE C CB   1 
ATOM   280  C  CG   . PHE C 1 1 ? -4.220  1.520   -1.791  1.00 11.02 ? 1   PHE C CG   1 
ATOM   281  C  CD1  . PHE C 1 1 ? -3.654  1.497   -0.526  1.00 10.18 ? 1   PHE C CD1  1 
ATOM   282  C  CD2  . PHE C 1 1 ? -3.385  1.558   -2.890  1.00 9.87  ? 1   PHE C CD2  1 
ATOM   283  C  CE1  . PHE C 1 1 ? -2.281  1.509   -0.363  1.00 11.07 ? 1   PHE C CE1  1 
ATOM   284  C  CE2  . PHE C 1 1 ? -2.011  1.569   -2.735  1.00 15.25 ? 1   PHE C CE2  1 
ATOM   285  C  CZ   . PHE C 1 1 ? -1.456  1.544   -1.471  1.00 14.54 ? 1   PHE C CZ   1 
ATOM   286  H  H2   . PHE C 1 1 ? -8.245  3.259   -1.096  1.00 13.14 ? 1   PHE C H2   1 
ATOM   287  H  H3   . PHE C 1 1 ? -8.077  1.847   -1.748  1.00 13.14 ? 1   PHE C H3   1 
ATOM   288  H  HA   . PHE C 1 1 ? -6.189  3.129   -0.745  1.00 12.09 ? 1   PHE C HA   1 
ATOM   289  H  HB2  . PHE C 1 1 ? -6.083  0.850   -1.358  1.00 13.54 ? 1   PHE C HB2  1 
ATOM   290  H  HB3  . PHE C 1 1 ? -5.910  1.271   -2.880  1.00 13.54 ? 1   PHE C HB3  1 
ATOM   291  H  HD1  . PHE C 1 1 ? -4.204  1.472   0.223   1.00 12.21 ? 1   PHE C HD1  1 
ATOM   292  H  HD2  . PHE C 1 1 ? -3.752  1.576   -3.743  1.00 11.84 ? 1   PHE C HD2  1 
ATOM   293  H  HE1  . PHE C 1 1 ? -1.914  1.494   0.491   1.00 13.29 ? 1   PHE C HE1  1 
ATOM   294  H  HE2  . PHE C 1 1 ? -1.459  1.593   -3.484  1.00 18.30 ? 1   PHE C HE2  1 
ATOM   295  H  HZ   . PHE C 1 1 ? -0.532  1.552   -1.365  1.00 17.45 ? 1   PHE C HZ   1 
HETATM 296  N  N    . MLU C 1 2 ? -4.919  4.832   -2.014  1.00 13.50 ? 2   MLU C N    1 
HETATM 297  C  CN   . MLU C 1 2 ? -4.732  4.967   -0.598  1.00 14.97 ? 2   MLU C CN   1 
HETATM 298  C  CA   . MLU C 1 2 ? -4.152  5.708   -2.844  1.00 10.23 ? 2   MLU C CA   1 
HETATM 299  C  C    . MLU C 1 2 ? -4.453  7.145   -2.468  1.00 10.80 ? 2   MLU C C    1 
HETATM 300  O  O    . MLU C 1 2 ? -3.534  7.944   -2.168  1.00 14.05 ? 2   MLU C O    1 
HETATM 301  C  CB   . MLU C 1 2 ? -2.701  5.295   -2.642  1.00 17.39 ? 2   MLU C CB   1 
HETATM 302  C  CG   . MLU C 1 2 ? -1.709  5.860   -3.643  1.00 15.75 ? 2   MLU C CG   1 
HETATM 303  C  CD1  . MLU C 1 2 ? -0.430  5.062   -3.499  1.00 13.44 ? 2   MLU C CD1  1 
HETATM 304  C  CD2  . MLU C 1 2 ? -2.179  5.752   -5.081  1.00 13.85 ? 2   MLU C CD2  1 
HETATM 305  H  HCN1 . MLU C 1 2 ? -4.363  4.134   -0.237  1.00 17.96 ? 2   MLU C HCN1 1 
HETATM 306  H  HCN2 . MLU C 1 2 ? -5.595  5.155   -0.171  1.00 17.96 ? 2   MLU C HCN2 1 
HETATM 307  H  HCN3 . MLU C 1 2 ? -4.110  5.704   -0.419  1.00 17.96 ? 2   MLU C HCN3 1 
HETATM 308  H  HA   . MLU C 1 2 ? -4.369  5.645   -3.796  1.00 12.27 ? 2   MLU C HA   1 
HETATM 309  H  HB2  . MLU C 1 2 ? -2.656  4.319   -2.693  1.00 20.87 ? 2   MLU C HB2  1 
HETATM 310  H  HB3  . MLU C 1 2 ? -2.426  5.587   -1.750  1.00 20.87 ? 2   MLU C HB3  1 
HETATM 311  H  HG   . MLU C 1 2 ? -1.595  6.811   -3.453  1.00 18.91 ? 2   MLU C HG   1 
HETATM 312  H  HD11 . MLU C 1 2 ? 0.243   5.409   -4.122  1.00 16.14 ? 2   MLU C HD11 1 
HETATM 313  H  HD12 . MLU C 1 2 ? -0.608  4.120   -3.702  1.00 16.14 ? 2   MLU C HD12 1 
HETATM 314  H  HD13 . MLU C 1 2 ? -0.097  5.142   -2.581  1.00 16.14 ? 2   MLU C HD13 1 
HETATM 315  H  HD21 . MLU C 1 2 ? -2.524  4.849   -5.244  1.00 16.63 ? 2   MLU C HD21 1 
HETATM 316  H  HD22 . MLU C 1 2 ? -1.427  5.928   -5.684  1.00 16.63 ? 2   MLU C HD22 1 
HETATM 317  H  HD23 . MLU C 1 2 ? -2.889  6.408   -5.242  1.00 16.63 ? 2   MLU C HD23 1 
HETATM 318  N  N    . DLY C 1 3 ? -5.733  7.498   -2.498  1.00 9.23  ? 3   DLY C N    1 
HETATM 319  C  CA   . DLY C 1 3 ? -6.160  8.790   -1.997  1.00 12.44 ? 3   DLY C CA   1 
HETATM 320  C  C    . DLY C 1 3 ? -5.830  9.920   -2.972  1.00 10.76 ? 3   DLY C C    1 
HETATM 321  O  O    . DLY C 1 3 ? -5.854  9.749   -4.147  1.00 9.12  ? 3   DLY C O    1 
HETATM 322  C  CB   . DLY C 1 3 ? -7.669  8.776   -1.755  1.00 14.10 ? 3   DLY C CB   1 
HETATM 323  C  CG   . DLY C 1 3 ? -8.008  7.610   -0.826  1.00 20.40 ? 3   DLY C CG   1 
HETATM 324  C  CD   . DLY C 1 3 ? -9.284  7.893   -0.030  1.00 25.23 ? 3   DLY C CD   1 
HETATM 325  C  CE   . DLY C 1 3 ? -10.512 7.679   -0.915  1.00 22.83 ? 3   DLY C CE   1 
HETATM 326  N  NZ   . DLY C 1 3 ? -10.586 6.293   -1.350  1.00 35.21 ? 3   DLY C NZ   1 
HETATM 327  H  H    . DLY C 1 3 ? -6.337  6.977   -2.819  1.00 11.07 ? 3   DLY C H    1 
HETATM 328  H  HA   . DLY C 1 3 ? -5.681  8.952   -1.170  1.00 14.93 ? 3   DLY C HA   1 
HETATM 329  H  HB2  . DLY C 1 3 ? -7.941  9.611   -1.344  1.00 16.93 ? 3   DLY C HB2  1 
HETATM 330  H  HB3  . DLY C 1 3 ? -8.133  8.665   -2.600  1.00 16.93 ? 3   DLY C HB3  1 
HETATM 331  H  HG2  . DLY C 1 3 ? -7.273  7.473   -0.207  1.00 24.48 ? 3   DLY C HG2  1 
HETATM 332  H  HG3  . DLY C 1 3 ? -8.137  6.809   -1.356  1.00 24.48 ? 3   DLY C HG3  1 
HETATM 333  H  HD2  . DLY C 1 3 ? -9.269  8.812   0.282   1.00 30.27 ? 3   DLY C HD2  1 
HETATM 334  H  HD3  . DLY C 1 3 ? -9.327  7.294   0.731   1.00 30.27 ? 3   DLY C HD3  1 
HETATM 335  H  HE2  . DLY C 1 3 ? -11.311 7.900   -0.411  1.00 27.40 ? 3   DLY C HE2  1 
HETATM 336  H  HE3  . DLY C 1 3 ? -10.450 8.255   -1.693  1.00 27.40 ? 3   DLY C HE3  1 
HETATM 337  H  HZ1  . DLY C 1 3 ? -11.434 6.079   -1.514  1.00 42.26 ? 3   DLY C HZ1  1 
HETATM 338  H  HZ2  . DLY C 1 3 ? -10.105 6.188   -2.091  1.00 42.26 ? 3   DLY C HZ2  1 
HETATM 339  H  HZ3  . DLY C 1 3 ? -10.265 5.764   -0.710  1.00 42.26 ? 3   DLY C HZ3  1 
ATOM   340  N  N    . SER C 1 4 ? -5.516  11.079  -2.404  1.00 9.97  ? 4   SER C N    1 
ATOM   341  C  CA   . SER C 1 4 ? -5.291  12.299  -3.174  1.00 10.41 ? 4   SER C CA   1 
ATOM   342  C  C    . SER C 1 4 ? -3.890  12.383  -3.768  1.00 8.07  ? 4   SER C C    1 
ATOM   343  O  O    . SER C 1 4 ? -3.686  13.043  -4.781  1.00 8.68  ? 4   SER C O    1 
ATOM   344  C  CB   . SER C 1 4 ? -5.534  13.527  -2.289  1.00 9.16  ? 4   SER C CB   1 
ATOM   345  O  OG   . SER C 1 4 ? -4.514  13.674  -1.313  1.00 8.69  ? 4   SER C OG   1 
ATOM   346  H  H    . SER C 1 4 ? -5.426  11.189  -1.556  1.00 11.97 ? 4   SER C H    1 
ATOM   347  H  HA   . SER C 1 4 ? -5.915  12.296  -3.915  1.00 12.50 ? 4   SER C HA   1 
ATOM   348  H  HB2  . SER C 1 4 ? -5.548  14.319  -2.849  1.00 10.97 ? 4   SER C HB2  1 
ATOM   349  H  HB3  . SER C 1 4 ? -6.386  13.425  -1.838  1.00 10.97 ? 4   SER C HB3  1 
ATOM   350  H  HG   . SER C 1 4 ? -4.533  13.027  -0.777  1.00 10.41 ? 4   SER C HG   1 
HETATM 351  N  N    . DTH C 1 5 ? -2.921  11.741  -3.124  1.00 9.62  ? 5   DTH C N    1 
HETATM 352  C  CA   . DTH C 1 5 ? -1.544  11.865  -3.564  1.00 8.28  ? 5   DTH C CA   1 
HETATM 353  C  CB   . DTH C 1 5 ? -0.851  10.506  -3.528  1.00 9.67  ? 5   DTH C CB   1 
HETATM 354  C  CG2  . DTH C 1 5 ? -1.594  9.496   -4.405  1.00 8.96  ? 5   DTH C CG2  1 
HETATM 355  O  OG1  . DTH C 1 5 ? -0.800  10.090  -2.196  1.00 9.29  ? 5   DTH C OG1  1 
HETATM 356  C  C    . DTH C 1 5 ? -0.796  12.824  -2.638  1.00 8.29  ? 5   DTH C C    1 
HETATM 357  O  O    . DTH C 1 5 ? 0.385   12.762  -2.546  1.00 12.89 ? 5   DTH C O    1 
HETATM 358  H  H    . DTH C 1 5 ? -3.073  11.248  -2.438  1.00 11.55 ? 5   DTH C H    1 
HETATM 359  H  HA   . DTH C 1 5 ? -1.539  12.205  -4.473  1.00 9.94  ? 5   DTH C HA   1 
HETATM 360  H  HB   . DTH C 1 5 ? 0.048   10.573  -3.886  1.00 11.60 ? 5   DTH C HB   1 
HETATM 361  H  HG21 . DTH C 1 5 ? -2.497  9.380   -4.070  1.00 10.75 ? 5   DTH C HG21 1 
HETATM 362  H  HG22 . DTH C 1 5 ? -1.129  8.645   -4.383  1.00 10.75 ? 5   DTH C HG22 1 
HETATM 363  H  HG23 . DTH C 1 5 ? -1.628  9.824   -5.317  1.00 10.75 ? 5   DTH C HG23 1 
ATOM   364  N  N    . ALA C 1 6 ? -1.525  13.696  -1.953  1.00 7.21  ? 6   ALA C N    1 
ATOM   365  C  CA   . ALA C 1 6 ? -0.888  14.676  -1.078  1.00 12.00 ? 6   ALA C CA   1 
ATOM   366  C  C    . ALA C 1 6 ? 0.029   13.996  -0.060  1.00 10.29 ? 6   ALA C C    1 
ATOM   367  O  O    . ALA C 1 6 ? 1.136   14.464  0.209   1.00 8.92  ? 6   ALA C O    1 
ATOM   368  C  CB   . ALA C 1 6 ? -1.928  15.503  -0.374  1.00 13.01 ? 6   ALA C CB   1 
ATOM   369  H  H    . ALA C 1 6 ? -2.384  13.742  -1.975  1.00 8.64  ? 6   ALA C H    1 
ATOM   370  H  HA   . ALA C 1 6 ? -0.344  15.269  -1.620  1.00 14.40 ? 6   ALA C HA   1 
ATOM   371  H  HB1  . ALA C 1 6 ? -1.487  16.103  0.248   1.00 15.62 ? 6   ALA C HB1  1 
ATOM   372  H  HB2  . ALA C 1 6 ? -2.424  16.014  -1.032  1.00 15.62 ? 6   ALA C HB2  1 
ATOM   373  H  HB3  . ALA C 1 6 ? -2.528  14.911  0.107   1.00 15.62 ? 6   ALA C HB3  1 
ATOM   374  N  N    . LEU C 1 7 ? -0.437  12.891  0.515   1.00 7.84  ? 7   LEU C N    1 
ATOM   375  C  CA   . LEU C 1 7 ? 0.386   12.078  1.404   1.00 11.50 ? 7   LEU C CA   1 
ATOM   376  C  C    . LEU C 1 7 ? 0.788   10.790  0.697   1.00 7.29  ? 7   LEU C C    1 
ATOM   377  O  O    . LEU C 1 7 ? 1.969   10.595  0.405   1.00 9.51  ? 7   LEU C O    1 
ATOM   378  C  CB   . LEU C 1 7 ? -0.354  11.807  2.716   1.00 13.45 ? 7   LEU C CB   1 
ATOM   379  C  CG   . LEU C 1 7 ? -0.758  13.083  3.467   1.00 8.53  ? 7   LEU C CG   1 
ATOM   380  C  CD1  . LEU C 1 7 ? -1.541  12.778  4.717   1.00 9.42  ? 7   LEU C CD1  1 
ATOM   381  C  CD2  . LEU C 1 7 ? 0.462   13.906  3.826   1.00 9.38  ? 7   LEU C CD2  1 
ATOM   382  H  H    . LEU C 1 7 ? -1.233  12.588  0.404   1.00 9.41  ? 7   LEU C H    1 
ATOM   383  H  HA   . LEU C 1 7 ? 1.198   12.559  1.629   1.00 13.80 ? 7   LEU C HA   1 
ATOM   384  H  HB2  . LEU C 1 7 ? -1.163  11.307  2.521   1.00 16.15 ? 7   LEU C HB2  1 
ATOM   385  H  HB3  . LEU C 1 7 ? 0.223   11.289  3.299   1.00 16.15 ? 7   LEU C HB3  1 
ATOM   386  H  HG   . LEU C 1 7 ? -1.328  13.599  2.876   1.00 10.22 ? 7   LEU C HG   1 
ATOM   387  H  HD11 . LEU C 1 7 ? -1.829  13.612  5.121   1.00 11.29 ? 7   LEU C HD11 1 
ATOM   388  H  HD12 . LEU C 1 7 ? -2.313  12.240  4.483   1.00 11.29 ? 7   LEU C HD12 1 
ATOM   389  H  HD13 . LEU C 1 7 ? -0.973  12.290  5.334   1.00 11.29 ? 7   LEU C HD13 1 
ATOM   390  H  HD21 . LEU C 1 7 ? 0.891   14.207  3.009   1.00 11.26 ? 7   LEU C HD21 1 
ATOM   391  H  HD22 . LEU C 1 7 ? 0.184   14.669  4.354   1.00 11.26 ? 7   LEU C HD22 1 
ATOM   392  H  HD23 . LEU C 1 7 ? 1.075   13.354  4.336   1.00 11.26 ? 7   LEU C HD23 1 
ATOM   393  N  N    . LEU C 1 8 ? -0.161  9.912   0.393   1.00 7.56  ? 8   LEU C N    1 
ATOM   394  C  CA   . LEU C 1 8 ? 0.112   8.737   -0.430  1.00 9.71  ? 8   LEU C CA   1 
ATOM   395  C  C    . LEU C 1 8 ? 0.074   9.139   -1.898  1.00 12.17 ? 8   LEU C C    1 
ATOM   396  O  O    . LEU C 1 8 ? 0.818   8.614   -2.732  1.00 10.68 ? 8   LEU C O    1 
ATOM   397  C  CB   . LEU C 1 8 ? -0.900  7.625   -0.152  1.00 16.77 ? 8   LEU C CB   1 
ATOM   398  C  CG   . LEU C 1 8 ? -0.751  6.906   1.194   1.00 14.42 ? 8   LEU C CG   1 
ATOM   399  C  CD1  . LEU C 1 8 ? -1.110  7.824   2.344   1.00 14.81 ? 8   LEU C CD1  1 
ATOM   400  C  CD2  . LEU C 1 8 ? -1.596  5.635   1.245   1.00 19.05 ? 8   LEU C CD2  1 
ATOM   401  H  H    . LEU C 1 8 ? -0.979  9.973   0.654   1.00 9.07  ? 8   LEU C H    1 
ATOM   402  H  HA   . LEU C 1 8 ? 0.987   8.377   -0.218  1.00 11.66 ? 8   LEU C HA   1 
ATOM   403  H  HB2  . LEU C 1 8 ? -1.789  8.014   -0.174  1.00 20.12 ? 8   LEU C HB2  1 
ATOM   404  H  HB3  . LEU C 1 8 ? -0.813  6.955   -0.848  1.00 20.12 ? 8   LEU C HB3  1 
ATOM   405  H  HG   . LEU C 1 8 ? 0.179   6.646   1.291   1.00 17.30 ? 8   LEU C HG   1 
ATOM   406  H  HD11 . LEU C 1 8 ? -1.269  7.290   3.137   1.00 17.78 ? 8   LEU C HD11 1 
ATOM   407  H  HD12 . LEU C 1 8 ? -0.375  8.439   2.500   1.00 17.78 ? 8   LEU C HD12 1 
ATOM   408  H  HD13 . LEU C 1 8 ? -1.912  8.320   2.114   1.00 17.78 ? 8   LEU C HD13 1 
ATOM   409  H  HD21 . LEU C 1 8 ? -1.422  5.174   2.081   1.00 22.86 ? 8   LEU C HD21 1 
ATOM   410  H  HD22 . LEU C 1 8 ? -2.534  5.878   1.190   1.00 22.86 ? 8   LEU C HD22 1 
ATOM   411  H  HD23 . LEU C 1 8 ? -1.357  5.066   0.497   1.00 22.86 ? 8   LEU C HD23 1 
ATOM   412  N  N    . PHE D 1 1 ? 9.566   -1.711  5.051   1.00 9.18  ? 1   PHE D N    1 
ATOM   413  C  CA   . PHE D 1 1 ? 8.814   -0.952  4.058   1.00 8.01  ? 1   PHE D CA   1 
ATOM   414  C  C    . PHE D 1 1 ? 7.314   -1.044  4.347   1.00 7.55  ? 1   PHE D C    1 
ATOM   415  O  O    . PHE D 1 1 ? 6.818   -2.115  4.639   1.00 7.21  ? 1   PHE D O    1 
ATOM   416  C  CB   . PHE D 1 1 ? 9.118   -1.471  2.653   1.00 7.83  ? 1   PHE D CB   1 
ATOM   417  C  CG   . PHE D 1 1 ? 10.589  -1.597  2.359   1.00 9.79  ? 1   PHE D CG   1 
ATOM   418  C  CD1  . PHE D 1 1 ? 11.421  -0.494  2.453   1.00 10.64 ? 1   PHE D CD1  1 
ATOM   419  C  CD2  . PHE D 1 1 ? 11.139  -2.815  1.990   1.00 9.91  ? 1   PHE D CD2  1 
ATOM   420  C  CE1  . PHE D 1 1 ? 12.771  -0.601  2.182   1.00 11.67 ? 1   PHE D CE1  1 
ATOM   421  C  CE2  . PHE D 1 1 ? 12.495  -2.927  1.721   1.00 9.94  ? 1   PHE D CE2  1 
ATOM   422  C  CZ   . PHE D 1 1 ? 13.309  -1.819  1.817   1.00 9.94  ? 1   PHE D CZ   1 
ATOM   423  H  H2   . PHE D 1 1 ? 9.234   -1.518  5.931   1.00 11.02 ? 1   PHE D H2   1 
ATOM   424  H  H3   . PHE D 1 1 ? 10.497  -1.484  4.996   1.00 11.02 ? 1   PHE D H3   1 
ATOM   425  H  HA   . PHE D 1 1 ? 9.074   -0.018  4.094   1.00 9.59  ? 1   PHE D HA   1 
ATOM   426  H  HB2  . PHE D 1 1 ? 8.720   -2.350  2.552   1.00 9.38  ? 1   PHE D HB2  1 
ATOM   427  H  HB3  . PHE D 1 1 ? 8.739   -0.857  2.005   1.00 9.38  ? 1   PHE D HB3  1 
ATOM   428  H  HD1  . PHE D 1 1 ? 11.066  0.329   2.699   1.00 12.77 ? 1   PHE D HD1  1 
ATOM   429  H  HD2  . PHE D 1 1 ? 10.594  -3.565  1.923   1.00 11.89 ? 1   PHE D HD2  1 
ATOM   430  H  HE1  . PHE D 1 1 ? 13.318  0.149   2.245   1.00 14.00 ? 1   PHE D HE1  1 
ATOM   431  H  HE2  . PHE D 1 1 ? 12.855  -3.749  1.476   1.00 11.94 ? 1   PHE D HE2  1 
ATOM   432  H  HZ   . PHE D 1 1 ? 14.219  -1.892  1.639   1.00 11.93 ? 1   PHE D HZ   1 
HETATM 433  N  N    . MLU D 1 2 ? 6.570   0.056   4.272   1.00 7.59  ? 2   MLU D N    1 
HETATM 434  C  CN   . MLU D 1 2 ? 7.097   1.371   4.070   1.00 8.16  ? 2   MLU D CN   1 
HETATM 435  C  CA   . MLU D 1 2 ? 5.156   -0.076  4.463   1.00 7.58  ? 2   MLU D CA   1 
HETATM 436  C  C    . MLU D 1 2 ? 4.715   0.449   5.815   1.00 10.89 ? 2   MLU D C    1 
HETATM 437  O  O    . MLU D 1 2 ? 3.518   0.798   6.018   1.00 15.54 ? 2   MLU D O    1 
HETATM 438  C  CB   . MLU D 1 2 ? 4.434   0.546   3.281   1.00 12.99 ? 2   MLU D CB   1 
HETATM 439  C  CG   . MLU D 1 2 ? 3.114   -0.159  3.027   1.00 21.84 ? 2   MLU D CG   1 
HETATM 440  C  CD1  . MLU D 1 2 ? 2.382   0.589   1.933   1.00 19.07 ? 2   MLU D CD1  1 
HETATM 441  C  CD2  . MLU D 1 2 ? 3.317   -1.589  2.569   1.00 17.45 ? 2   MLU D CD2  1 
HETATM 442  H  HCN1 . MLU D 1 2 ? 7.493   1.430   3.174   1.00 9.77  ? 2   MLU D HCN1 1 
HETATM 443  H  HCN2 . MLU D 1 2 ? 6.375   2.030   4.153   1.00 9.77  ? 2   MLU D HCN2 1 
HETATM 444  H  HCN3 . MLU D 1 2 ? 7.786   1.554   4.744   1.00 9.77  ? 2   MLU D HCN3 1 
HETATM 445  H  HA   . MLU D 1 2 ? 4.911   -1.022  4.485   1.00 9.09  ? 2   MLU D HA   1 
HETATM 446  H  HB2  . MLU D 1 2 ? 4.997   0.471   2.485   1.00 15.59 ? 2   MLU D HB2  1 
HETATM 447  H  HB3  . MLU D 1 2 ? 4.262   1.490   3.471   1.00 15.59 ? 2   MLU D HB3  1 
HETATM 448  H  HG   . MLU D 1 2 ? 2.608   -0.173  3.861   1.00 26.21 ? 2   MLU D HG   1 
HETATM 449  H  HD11 . MLU D 1 2 ? 2.918   0.575   1.113   1.00 22.89 ? 2   MLU D HD11 1 
HETATM 450  H  HD12 . MLU D 1 2 ? 1.518   0.160   1.765   1.00 22.89 ? 2   MLU D HD12 1 
HETATM 451  H  HD13 . MLU D 1 2 ? 2.237   1.517   2.213   1.00 22.89 ? 2   MLU D HD13 1 
HETATM 452  H  HD21 . MLU D 1 2 ? 4.069   -1.628  1.942   1.00 20.94 ? 2   MLU D HD21 1 
HETATM 453  H  HD22 . MLU D 1 2 ? 2.504   -1.908  2.123   1.00 20.94 ? 2   MLU D HD22 1 
HETATM 454  H  HD23 . MLU D 1 2 ? 3.509   -2.156  3.345   1.00 20.94 ? 2   MLU D HD23 1 
HETATM 455  N  N    . DLY D 1 3 ? 5.641   0.484   6.767   1.00 7.80  ? 3   DLY D N    1 
HETATM 456  C  CA   . DLY D 1 3 ? 5.253   0.684   8.145   1.00 9.64  ? 3   DLY D CA   1 
HETATM 457  C  C    . DLY D 1 3 ? 4.797   -0.684  8.657   1.00 9.35  ? 3   DLY D C    1 
HETATM 458  O  O    . DLY D 1 3 ? 5.059   -1.683  8.064   1.00 8.75  ? 3   DLY D O    1 
HETATM 459  C  CB   . DLY D 1 3 ? 6.424   1.215   8.983   1.00 14.32 ? 3   DLY D CB   1 
HETATM 460  C  CG   . DLY D 1 3 ? 6.900   2.569   8.444   1.00 9.28  ? 3   DLY D CG   1 
HETATM 461  C  CD   . DLY D 1 3 ? 7.680   3.336   9.521   1.00 28.13 ? 3   DLY D CD   1 
HETATM 462  C  CE   . DLY D 1 3 ? 7.235   4.797   9.651   1.00 17.82 ? 3   DLY D CE   1 
HETATM 463  N  NZ   . DLY D 1 3 ? 5.788   4.899   9.598   1.00 35.14 ? 3   DLY D NZ   1 
HETATM 464  H  H    . DLY D 1 3 ? 6.478   0.387   6.609   1.00 9.36  ? 3   DLY D H    1 
HETATM 465  H  HA   . DLY D 1 3 ? 4.547   1.345   8.214   1.00 11.57 ? 3   DLY D HA   1 
HETATM 466  H  HB2  . DLY D 1 3 ? 6.135   1.322   9.903   1.00 17.19 ? 3   DLY D HB2  1 
HETATM 467  H  HB3  . DLY D 1 3 ? 7.157   0.581   8.947   1.00 17.19 ? 3   DLY D HB3  1 
HETATM 468  H  HG2  . DLY D 1 3 ? 6.131   3.093   8.173   1.00 11.12 ? 3   DLY D HG2  1 
HETATM 469  H  HG3  . DLY D 1 3 ? 7.477   2.422   7.678   1.00 11.12 ? 3   DLY D HG3  1 
HETATM 470  H  HD2  . DLY D 1 3 ? 8.622   3.317   9.294   1.00 33.75 ? 3   DLY D HD2  1 
HETATM 471  H  HD3  . DLY D 1 3 ? 7.543   2.894   10.374  1.00 33.75 ? 3   DLY D HD3  1 
HETATM 472  H  HE2  . DLY D 1 3 ? 7.550   5.150   10.497  1.00 21.39 ? 3   DLY D HE2  1 
HETATM 473  H  HE3  . DLY D 1 3 ? 7.619   5.311   8.923   1.00 21.39 ? 3   DLY D HE3  1 
HETATM 474  H  HZ1  . DLY D 1 3 ? 5.528   4.992   8.752   1.00 42.17 ? 3   DLY D HZ1  1 
HETATM 475  H  HZ2  . DLY D 1 3 ? 5.425   4.161   9.941   1.00 42.17 ? 3   DLY D HZ2  1 
HETATM 476  H  HZ3  . DLY D 1 3 ? 5.523   5.606   10.069  1.00 42.17 ? 3   DLY D HZ3  1 
ATOM   477  N  N    . SER D 1 4 ? 4.083   -0.673  9.776   1.00 9.49  ? 4   SER D N    1 
ATOM   478  C  CA   . SER D 1 4 ? 3.678   -1.899  10.449  1.00 12.28 ? 4   SER D CA   1 
ATOM   479  C  C    . SER D 1 4 ? 2.361   -2.478  9.930   1.00 11.06 ? 4   SER D C    1 
ATOM   480  O  O    . SER D 1 4 ? 2.102   -3.666  10.105  1.00 6.66  ? 4   SER D O    1 
ATOM   481  C  CB   . SER D 1 4 ? 3.544   -1.640  11.951  1.00 13.71 ? 4   SER D CB   1 
ATOM   482  O  OG   . SER D 1 4 ? 2.466   -0.753  12.204  1.00 7.66  ? 4   SER D OG   1 
ATOM   483  H  H    . SER D 1 4 ? 3.817   0.043   10.172  1.00 11.39 ? 4   SER D H    1 
ATOM   484  H  HA   . SER D 1 4 ? 4.363   -2.564  10.277  1.00 14.74 ? 4   SER D HA   1 
ATOM   485  H  HB2  . SER D 1 4 ? 3.376   -2.481  12.406  1.00 16.45 ? 4   SER D HB2  1 
ATOM   486  H  HB3  . SER D 1 4 ? 4.366   -1.243  12.280  1.00 16.45 ? 4   SER D HB3  1 
ATOM   487  H  HG   . SER D 1 4 ? 2.405   -0.602  13.028  1.00 9.18  ? 4   SER D HG   1 
HETATM 488  N  N    . DTH D 1 5 ? 1.533   -1.649  9.295   1.00 6.55  ? 5   DTH D N    1 
HETATM 489  C  CA   . DTH D 1 5 ? 0.183   -2.077  8.960   1.00 7.70  ? 5   DTH D CA   1 
HETATM 490  C  CB   . DTH D 1 5 ? -0.131  -1.901  7.474   1.00 12.10 ? 5   DTH D CB   1 
HETATM 491  C  CG2  . DTH D 1 5 ? 0.923   -2.570  6.589   1.00 6.45  ? 5   DTH D CG2  1 
HETATM 492  O  OG1  . DTH D 1 5 ? -0.200  -0.535  7.178   1.00 8.83  ? 5   DTH D OG1  1 
HETATM 493  C  C    . DTH D 1 5 ? -0.858  -1.292  9.774   1.00 7.42  ? 5   DTH D C    1 
HETATM 494  O  O    . DTH D 1 5 ? -1.977  -1.246  9.394   1.00 11.16 ? 5   DTH D O    1 
HETATM 495  H  H    . DTH D 1 5 ? 1.769   -0.862  9.056   1.00 7.84  ? 5   DTH D H    1 
HETATM 496  H  HA   . DTH D 1 5 ? 0.139   -3.021  9.178   1.00 9.25  ? 5   DTH D HA   1 
HETATM 497  H  HB   . DTH D 1 5 ? -0.982  -2.328  7.291   1.00 14.52 ? 5   DTH D HB   1 
HETATM 498  H  HG21 . DTH D 1 5 ? 1.809   -2.316  6.895   1.00 7.75  ? 5   DTH D HG21 1 
HETATM 499  H  HG22 . DTH D 1 5 ? 0.804   -2.282  5.671   1.00 7.75  ? 5   DTH D HG22 1 
HETATM 500  H  HG23 . DTH D 1 5 ? 0.826   -3.533  6.643   1.00 7.75  ? 5   DTH D HG23 1 
ATOM   501  N  N    . ALA D 1 6 ? -0.438  -0.683  10.881  1.00 6.53  ? 6   ALA D N    1 
ATOM   502  C  CA   . ALA D 1 6 ? -1.352  0.004   11.799  1.00 12.59 ? 6   ALA D CA   1 
ATOM   503  C  C    . ALA D 1 6 ? -1.971  1.245   11.153  1.00 10.67 ? 6   ALA D C    1 
ATOM   504  O  O    . ALA D 1 6 ? -3.122  1.582   11.419  1.00 9.45  ? 6   ALA D O    1 
ATOM   505  C  CB   . ALA D 1 6 ? -0.620  0.386   13.080  1.00 8.50  ? 6   ALA D CB   1 
ATOM   506  H  H    . ALA D 1 6 ? 0.385   -0.651  11.129  1.00 7.83  ? 6   ALA D H    1 
ATOM   507  H  HA   . ALA D 1 6 ? -2.075  -0.602  12.025  1.00 15.12 ? 6   ALA D HA   1 
ATOM   508  H  HB1  . ALA D 1 6 ? -1.262  0.742   13.715  1.00 10.20 ? 6   ALA D HB1  1 
ATOM   509  H  HB2  . ALA D 1 6 ? -0.194  -0.403  13.448  1.00 10.20 ? 6   ALA D HB2  1 
ATOM   510  H  HB3  . ALA D 1 6 ? 0.048   1.058   12.874  1.00 10.20 ? 6   ALA D HB3  1 
ATOM   511  N  N    . LEU D 1 7 ? -1.190  1.927   10.317  1.00 10.98 ? 7   LEU D N    1 
ATOM   512  C  CA   . LEU D 1 7 ? -1.696  3.003   9.471   1.00 11.30 ? 7   LEU D CA   1 
ATOM   513  C  C    . LEU D 1 7 ? -1.917  2.512   8.045   1.00 7.60  ? 7   LEU D C    1 
ATOM   514  O  O    . LEU D 1 7 ? -3.048  2.494   7.552   1.00 9.64  ? 7   LEU D O    1 
ATOM   515  C  CB   . LEU D 1 7 ? -0.720  4.187   9.482   1.00 16.95 ? 7   LEU D CB   1 
ATOM   516  C  CG   . LEU D 1 7 ? -1.085  5.390   8.604   1.00 12.14 ? 7   LEU D CG   1 
ATOM   517  C  CD1  . LEU D 1 7 ? -2.384  6.039   9.069   1.00 9.17  ? 7   LEU D CD1  1 
ATOM   518  C  CD2  . LEU D 1 7 ? 0.055   6.396   8.592   1.00 13.49 ? 7   LEU D CD2  1 
ATOM   519  H  H    . LEU D 1 7 ? -0.348  1.782   10.220  1.00 13.17 ? 7   LEU D H    1 
ATOM   520  H  HA   . LEU D 1 7 ? -2.542  3.318   9.826   1.00 13.57 ? 7   LEU D HA   1 
ATOM   521  H  HB2  . LEU D 1 7 ? -0.652  4.510   10.393  1.00 20.35 ? 7   LEU D HB2  1 
ATOM   522  H  HB3  . LEU D 1 7 ? 0.144   3.865   9.178   1.00 20.35 ? 7   LEU D HB3  1 
ATOM   523  H  HG   . LEU D 1 7 ? -1.228  5.083   7.694   1.00 14.57 ? 7   LEU D HG   1 
ATOM   524  H  HD11 . LEU D 1 7 ? -2.536  6.847   8.552   1.00 11.01 ? 7   LEU D HD11 1 
ATOM   525  H  HD12 . LEU D 1 7 ? -3.115  5.417   8.931   1.00 11.01 ? 7   LEU D HD12 1 
ATOM   526  H  HD13 . LEU D 1 7 ? -2.308  6.258   10.010  1.00 11.01 ? 7   LEU D HD13 1 
ATOM   527  H  HD21 . LEU D 1 7 ? -0.224  7.184   8.099   1.00 16.19 ? 7   LEU D HD21 1 
ATOM   528  H  HD22 . LEU D 1 7 ? 0.272   6.638   9.506   1.00 16.19 ? 7   LEU D HD22 1 
ATOM   529  H  HD23 . LEU D 1 7 ? 0.827   5.994   8.164   1.00 16.19 ? 7   LEU D HD23 1 
ATOM   530  N  N    . LEU D 1 8 ? -0.843  2.111   7.375   1.00 9.39  ? 8   LEU D N    1 
ATOM   531  C  CA   . LEU D 1 8 ? -0.937  1.462   6.080   1.00 7.66  ? 8   LEU D CA   1 
ATOM   532  C  C    . LEU D 1 8 ? -1.021  -0.044  6.262   1.00 8.93  ? 8   LEU D C    1 
ATOM   533  O  O    . LEU D 1 8 ? -1.793  -0.736  5.593   1.00 7.05  ? 8   LEU D O    1 
ATOM   534  C  CB   . LEU D 1 8 ? 0.269   1.815   5.218   1.00 6.61  ? 8   LEU D CB   1 
ATOM   535  C  CG   . LEU D 1 8 ? 0.538   3.308   5.040   1.00 10.63 ? 8   LEU D CG   1 
ATOM   536  C  CD1  . LEU D 1 8 ? 1.660   3.532   4.041   1.00 8.08  ? 8   LEU D CD1  1 
ATOM   537  C  CD2  . LEU D 1 8 ? -0.723  4.037   4.609   1.00 15.75 ? 8   LEU D CD2  1 
ATOM   538  H  H    . LEU D 1 8 ? -0.037  2.206   7.657   1.00 11.27 ? 8   LEU D H    1 
ATOM   539  H  HA   . LEU D 1 8 ? -1.732  1.768   5.617   1.00 9.19  ? 8   LEU D HA   1 
ATOM   540  H  HB2  . LEU D 1 8 ? 1.058   1.426   5.625   1.00 7.91  ? 8   LEU D HB2  1 
ATOM   541  H  HB3  . LEU D 1 8 ? 0.131   1.439   4.334   1.00 7.91  ? 8   LEU D HB3  1 
ATOM   542  H  HG   . LEU D 1 8 ? 0.815   3.681   5.891   1.00 12.76 ? 8   LEU D HG   1 
ATOM   543  H  HD11 . LEU D 1 8 ? 1.916   4.467   4.059   1.00 9.70  ? 8   LEU D HD11 1 
ATOM   544  H  HD12 . LEU D 1 8 ? 2.417   2.977   4.288   1.00 9.70  ? 8   LEU D HD12 1 
ATOM   545  H  HD13 . LEU D 1 8 ? 1.349   3.290   3.156   1.00 9.70  ? 8   LEU D HD13 1 
ATOM   546  H  HD21 . LEU D 1 8 ? -0.486  4.931   4.313   1.00 18.91 ? 8   LEU D HD21 1 
ATOM   547  H  HD22 . LEU D 1 8 ? -1.139  3.549   3.882   1.00 18.91 ? 8   LEU D HD22 1 
ATOM   548  H  HD23 . LEU D 1 8 ? -1.331  4.090   5.363   1.00 18.91 ? 8   LEU D HD23 1 
ATOM   549  N  N    . PHE E 1 1 ? -5.921  -4.549  6.992   1.00 22.53 ? 1   PHE E N    1 
ATOM   550  C  CA   . PHE E 1 1 ? -5.054  -3.372  6.971   1.00 16.80 ? 1   PHE E CA   1 
ATOM   551  C  C    . PHE E 1 1 ? -5.632  -2.258  6.088   1.00 16.54 ? 1   PHE E C    1 
ATOM   552  O  O    . PHE E 1 1 ? -6.115  -2.534  4.996   1.00 16.98 ? 1   PHE E O    1 
ATOM   553  C  CB   . PHE E 1 1 ? -3.658  -3.746  6.460   1.00 15.67 ? 1   PHE E CB   1 
ATOM   554  C  CG   . PHE E 1 1 ? -2.920  -4.723  7.338   1.00 19.60 ? 1   PHE E CG   1 
ATOM   555  C  CD1  . PHE E 1 1 ? -2.657  -4.422  8.664   1.00 17.07 ? 1   PHE E CD1  1 
ATOM   556  C  CD2  . PHE E 1 1 ? -2.469  -5.930  6.828   1.00 16.86 ? 1   PHE E CD2  1 
ATOM   557  C  CE1  . PHE E 1 1 ? -1.972  -5.313  9.472   1.00 15.82 ? 1   PHE E CE1  1 
ATOM   558  C  CE2  . PHE E 1 1 ? -1.781  -6.824  7.628   1.00 17.61 ? 1   PHE E CE2  1 
ATOM   559  C  CZ   . PHE E 1 1 ? -1.533  -6.513  8.956   1.00 16.19 ? 1   PHE E CZ   1 
ATOM   560  H  H2   . PHE E 1 1 ? -6.795  -4.305  7.307   1.00 27.03 ? 1   PHE E H2   1 
ATOM   561  H  H3   . PHE E 1 1 ? -5.544  -5.211  7.574   1.00 27.03 ? 1   PHE E H3   1 
ATOM   562  H  HA   . PHE E 1 1 ? -4.978  -3.034  7.878   1.00 20.14 ? 1   PHE E HA   1 
ATOM   563  H  HB2  . PHE E 1 1 ? -3.748  -4.150  5.582   1.00 18.78 ? 1   PHE E HB2  1 
ATOM   564  H  HB3  . PHE E 1 1 ? -3.123  -2.940  6.401   1.00 18.78 ? 1   PHE E HB3  1 
ATOM   565  H  HD1  . PHE E 1 1 ? -2.944  -3.611  9.015   1.00 20.48 ? 1   PHE E HD1  1 
ATOM   566  H  HD2  . PHE E 1 1 ? -2.630  -6.143  5.937   1.00 20.24 ? 1   PHE E HD2  1 
ATOM   567  H  HE1  . PHE E 1 1 ? -1.808  -5.101  10.363  1.00 18.97 ? 1   PHE E HE1  1 
ATOM   568  H  HE2  . PHE E 1 1 ? -1.487  -7.633  7.277   1.00 21.13 ? 1   PHE E HE2  1 
ATOM   569  H  HZ   . PHE E 1 1 ? -1.071  -7.112  9.496   1.00 19.43 ? 1   PHE E HZ   1 
HETATM 570  N  N    . MLU E 1 2 ? -5.569  -0.999  6.517   1.00 15.99 ? 2   MLU E N    1 
HETATM 571  C  CN   . MLU E 1 2 ? -5.064  -0.598  7.798   1.00 15.75 ? 2   MLU E CN   1 
HETATM 572  C  CA   . MLU E 1 2 ? -6.043  0.033   5.647   1.00 19.25 ? 2   MLU E CA   1 
HETATM 573  C  C    . MLU E 1 2 ? -7.055  0.911   6.335   1.00 16.51 ? 2   MLU E C    1 
HETATM 574  O  O    . MLU E 1 2 ? -6.946  2.166   6.312   1.00 20.76 ? 2   MLU E O    1 
HETATM 575  C  CB   . MLU E 1 2 ? -4.864  0.832   5.123   1.00 14.58 ? 2   MLU E CB   1 
HETATM 576  C  CG   . MLU E 1 2 ? -5.223  1.611   3.871   1.00 14.59 ? 2   MLU E CG   1 
HETATM 577  C  CD1  . MLU E 1 2 ? -4.048  2.485   3.504   1.00 13.68 ? 2   MLU E CD1  1 
HETATM 578  C  CD2  . MLU E 1 2 ? -5.474  0.689   2.697   1.00 15.71 ? 2   MLU E CD2  1 
HETATM 579  H  HCN1 . MLU E 1 2 ? -4.904  0.370   7.798   1.00 18.88 ? 2   MLU E HCN1 1 
HETATM 580  H  HCN2 . MLU E 1 2 ? -4.222  -1.069  7.979   1.00 18.88 ? 2   MLU E HCN2 1 
HETATM 581  H  HCN3 . MLU E 1 2 ? -5.719  -0.822  8.492   1.00 18.88 ? 2   MLU E HCN3 1 
HETATM 582  H  HA   . MLU E 1 2 ? -6.504  -0.375  4.886   1.00 23.10 ? 2   MLU E HA   1 
HETATM 583  H  HB2  . MLU E 1 2 ? -4.132  0.217   4.915   1.00 17.49 ? 2   MLU E HB2  1 
HETATM 584  H  HB3  . MLU E 1 2 ? -4.574  1.460   5.814   1.00 17.49 ? 2   MLU E HB3  1 
HETATM 585  H  HG   . MLU E 1 2 ? -6.030  2.128   4.056   1.00 17.49 ? 2   MLU E HG   1 
HETATM 586  H  HD11 . MLU E 1 2 ? -4.231  2.939   2.656   1.00 16.40 ? 2   MLU E HD11 1 
HETATM 587  H  HD12 . MLU E 1 2 ? -3.905  3.152   4.207   1.00 16.40 ? 2   MLU E HD12 1 
HETATM 588  H  HD13 . MLU E 1 2 ? -3.245  1.931   3.411   1.00 16.40 ? 2   MLU E HD13 1 
HETATM 589  H  HD21 . MLU E 1 2 ? -4.736  0.049   2.620   1.00 18.85 ? 2   MLU E HD21 1 
HETATM 590  H  HD22 . MLU E 1 2 ? -5.535  1.217   1.874   1.00 18.85 ? 2   MLU E HD22 1 
HETATM 591  H  HD23 . MLU E 1 2 ? -6.314  0.204   2.837   1.00 18.85 ? 2   MLU E HD23 1 
HETATM 592  N  N    . DLY E 1 3 ? -8.051  0.273   6.940   1.00 20.28 ? 3   DLY E N    1 
HETATM 593  C  CA   . DLY E 1 3 ? -9.133  1.010   7.555   1.00 22.61 ? 3   DLY E CA   1 
HETATM 594  C  C    . DLY E 1 3 ? -10.305 1.046   6.583   1.00 23.93 ? 3   DLY E C    1 
HETATM 595  O  O    . DLY E 1 3 ? -10.437 0.200   5.759   1.00 21.57 ? 3   DLY E O    1 
HETATM 596  C  CB   . DLY E 1 3 ? -9.682  0.346   8.817   1.00 35.08 ? 3   DLY E CB   1 
HETATM 597  C  CG   . DLY E 1 3 ? -8.627  -0.404  9.627   1.00 43.38 ? 3   DLY E CG   1 
HETATM 598  C  CD   . DLY E 1 3 ? -8.865  -0.089  11.102  1.00 43.13 ? 3   DLY E CD   1 
HETATM 599  C  CE   . DLY E 1 3 ? -7.802  -0.769  11.961  1.00 47.16 ? 3   DLY E CE   1 
HETATM 600  N  NZ   . DLY E 1 3 ? -8.335  -1.993  12.533  1.00 43.73 ? 3   DLY E NZ   1 
HETATM 601  H  H    . DLY E 1 3 ? -8.083  -0.586  6.978   1.00 24.34 ? 3   DLY E H    1 
HETATM 602  H  HA   . DLY E 1 3 ? -8.772  1.882   7.779   1.00 27.13 ? 3   DLY E HA   1 
HETATM 603  H  HB2  . DLY E 1 3 ? -10.068 1.034   9.382   1.00 42.10 ? 3   DLY E HB2  1 
HETATM 604  H  HB3  . DLY E 1 3 ? -10.372 -0.283  8.556   1.00 42.10 ? 3   DLY E HB3  1 
HETATM 605  H  HG2  . DLY E 1 3 ? -7.740  -0.113  9.366   1.00 52.06 ? 3   DLY E HG2  1 
HETATM 606  H  HG3  . DLY E 1 3 ? -8.712  -1.359  9.476   1.00 52.06 ? 3   DLY E HG3  1 
HETATM 607  H  HD2  . DLY E 1 3 ? -9.742  -0.410  11.364  1.00 51.76 ? 3   DLY E HD2  1 
HETATM 608  H  HD3  . DLY E 1 3 ? -8.819  0.871   11.237  1.00 51.76 ? 3   DLY E HD3  1 
HETATM 609  H  HE2  . DLY E 1 3 ? -7.031  -0.981  11.410  1.00 56.60 ? 3   DLY E HE2  1 
HETATM 610  H  HE3  . DLY E 1 3 ? -7.533  -0.171  12.675  1.00 56.60 ? 3   DLY E HE3  1 
HETATM 611  H  HZ1  . DLY E 1 3 ? -8.264  -2.653  11.940  1.00 52.48 ? 3   DLY E HZ1  1 
HETATM 612  H  HZ2  . DLY E 1 3 ? -9.192  -1.874  12.742  1.00 52.48 ? 3   DLY E HZ2  1 
HETATM 613  H  HZ3  . DLY E 1 3 ? -7.876  -2.202  13.266  1.00 52.48 ? 3   DLY E HZ3  1 
ATOM   614  N  N    . SER E 1 4 ? -11.147 2.062   6.734   1.00 25.22 ? 4   SER E N    1 
ATOM   615  C  CA   . SER E 1 4 ? -12.404 2.149   6.002   1.00 21.65 ? 4   SER E CA   1 
ATOM   616  C  C    . SER E 1 4 ? -12.217 2.383   4.505   1.00 32.00 ? 4   SER E C    1 
ATOM   617  O  O    . SER E 1 4 ? -12.997 1.884   3.698   1.00 21.08 ? 4   SER E O    1 
ATOM   618  C  CB   . SER E 1 4 ? -13.264 3.271   6.589   1.00 23.56 ? 4   SER E CB   1 
ATOM   619  O  OG   . SER E 1 4 ? -12.668 4.538   6.364   1.00 29.53 ? 4   SER E OG   1 
ATOM   620  H  H    . SER E 1 4 ? -11.009 2.726   7.263   1.00 30.27 ? 4   SER E H    1 
ATOM   621  H  HA   . SER E 1 4 ? -12.861 1.298   6.097   1.00 25.98 ? 4   SER E HA   1 
ATOM   622  H  HB2  . SER E 1 4 ? -14.137 3.254   6.166   1.00 28.28 ? 4   SER E HB2  1 
ATOM   623  H  HB3  . SER E 1 4 ? -13.357 3.131   7.545   1.00 28.28 ? 4   SER E HB3  1 
ATOM   624  H  HG   . SER E 1 4 ? -13.145 5.143   6.699   1.00 35.44 ? 4   SER E HG   1 
HETATM 625  N  N    . DTH E 1 5 ? -11.190 3.146   4.137   1.00 20.36 ? 5   DTH E N    1 
HETATM 626  C  CA   . DTH E 1 5 ? -11.018 3.524   2.744   1.00 18.51 ? 5   DTH E CA   1 
HETATM 627  C  CB   . DTH E 1 5 ? -9.555  3.375   2.334   1.00 18.77 ? 5   DTH E CB   1 
HETATM 628  C  CG2  . DTH E 1 5 ? -9.035  1.979   2.692   1.00 17.35 ? 5   DTH E CG2  1 
HETATM 629  O  OG1  . DTH E 1 5 ? -8.836  4.376   2.989   1.00 19.62 ? 5   DTH E OG1  1 
HETATM 630  C  C    . DTH E 1 5 ? -11.484 4.974   2.553   1.00 21.42 ? 5   DTH E C    1 
HETATM 631  O  O    . DTH E 1 5 ? -11.203 5.567   1.566   1.00 20.11 ? 5   DTH E O    1 
HETATM 632  H  H    . DTH E 1 5 ? -10.605 3.427   4.698   1.00 24.44 ? 5   DTH E H    1 
HETATM 633  H  HA   . DTH E 1 5 ? -11.553 2.942   2.182   1.00 22.20 ? 5   DTH E HA   1 
HETATM 634  H  HB   . DTH E 1 5 ? -9.451  3.470   1.374   1.00 22.52 ? 5   DTH E HB   1 
HETATM 635  H  HG21 . DTH E 1 5 ? -9.014  1.880   3.657   1.00 20.81 ? 5   DTH E HG21 1 
HETATM 636  H  HG22 . DTH E 1 5 ? -8.140  1.866   2.335   1.00 20.81 ? 5   DTH E HG22 1 
HETATM 637  H  HG23 . DTH E 1 5 ? -9.623  1.308   2.311   1.00 20.81 ? 5   DTH E HG23 1 
ATOM   638  N  N    . ALA E 1 6 ? -12.201 5.505   3.541   1.00 19.93 ? 6   ALA E N    1 
ATOM   639  C  CA   . ALA E 1 6 ? -12.785 6.842   3.448   1.00 25.32 ? 6   ALA E CA   1 
ATOM   640  C  C    . ALA E 1 6 ? -11.715 7.907   3.242   1.00 23.33 ? 6   ALA E C    1 
ATOM   641  O  O    . ALA E 1 6 ? -11.778 8.691   2.296   1.00 22.05 ? 6   ALA E O    1 
ATOM   642  C  CB   . ALA E 1 6 ? -13.596 7.148   4.698   1.00 23.64 ? 6   ALA E CB   1 
ATOM   643  H  H    . ALA E 1 6 ? -12.367 5.106   4.285   1.00 23.92 ? 6   ALA E H    1 
ATOM   644  H  HA   . ALA E 1 6 ? -13.379 6.868   2.681   1.00 30.39 ? 6   ALA E HA   1 
ATOM   645  H  HB1  . ALA E 1 6 ? -13.986 8.032   4.613   1.00 28.37 ? 6   ALA E HB1  1 
ATOM   646  H  HB2  . ALA E 1 6 ? -14.297 6.484   4.791   1.00 28.37 ? 6   ALA E HB2  1 
ATOM   647  H  HB3  . ALA E 1 6 ? -13.009 7.119   5.470   1.00 28.37 ? 6   ALA E HB3  1 
ATOM   648  N  N    . LEU E 1 7 ? -10.743 7.941   4.149   1.00 23.28 ? 7   LEU E N    1 
ATOM   649  C  CA   . LEU E 1 7 ? -9.584  8.817   4.037   1.00 21.74 ? 7   LEU E CA   1 
ATOM   650  C  C    . LEU E 1 7 ? -8.383  8.107   3.434   1.00 16.87 ? 7   LEU E C    1 
ATOM   651  O  O    . LEU E 1 7 ? -7.700  8.673   2.576   1.00 19.75 ? 7   LEU E O    1 
ATOM   652  C  CB   . LEU E 1 7 ? -9.223  9.378   5.417   1.00 22.27 ? 7   LEU E CB   1 
ATOM   653  C  CG   . LEU E 1 7 ? -7.972  10.250  5.555   1.00 16.98 ? 7   LEU E CG   1 
ATOM   654  C  CD1  . LEU E 1 7 ? -8.037  11.498  4.684   1.00 17.20 ? 7   LEU E CD1  1 
ATOM   655  C  CD2  . LEU E 1 7 ? -7.805  10.627  7.015   1.00 25.70 ? 7   LEU E CD2  1 
ATOM   656  H  H    . LEU E 1 7 ? -10.732 7.450   4.856   1.00 27.94 ? 7   LEU E H    1 
ATOM   657  H  HA   . LEU E 1 7 ? -9.799  9.571   3.465   1.00 26.09 ? 7   LEU E HA   1 
ATOM   658  H  HB2  . LEU E 1 7 ? -9.970  9.920   5.717   1.00 26.72 ? 7   LEU E HB2  1 
ATOM   659  H  HB3  . LEU E 1 7 ? -9.099  8.624   6.015   1.00 26.72 ? 7   LEU E HB3  1 
ATOM   660  H  HG   . LEU E 1 7 ? -7.200  9.749   5.249   1.00 20.38 ? 7   LEU E HG   1 
ATOM   661  H  HD11 . LEU E 1 7 ? -7.250  12.040  4.849   1.00 20.63 ? 7   LEU E HD11 1 
ATOM   662  H  HD12 . LEU E 1 7 ? -8.066  11.232  3.752   1.00 20.63 ? 7   LEU E HD12 1 
ATOM   663  H  HD13 . LEU E 1 7 ? -8.836  12.000  4.910   1.00 20.63 ? 7   LEU E HD13 1 
ATOM   664  H  HD21 . LEU E 1 7 ? -6.999  11.158  7.113   1.00 30.84 ? 7   LEU E HD21 1 
ATOM   665  H  HD22 . LEU E 1 7 ? -8.577  11.141  7.299   1.00 30.84 ? 7   LEU E HD22 1 
ATOM   666  H  HD23 . LEU E 1 7 ? -7.734  9.816   7.543   1.00 30.84 ? 7   LEU E HD23 1 
ATOM   667  N  N    . LEU E 1 8 ? -8.118  6.874   3.855   1.00 16.05 ? 8   LEU E N    1 
ATOM   668  C  CA   . LEU E 1 8 ? -7.102  6.041   3.231   1.00 15.34 ? 8   LEU E CA   1 
ATOM   669  C  C    . LEU E 1 8 ? -7.781  4.942   2.420   1.00 19.36 ? 8   LEU E C    1 
ATOM   670  O  O    . LEU E 1 8 ? -7.366  4.621   1.308   1.00 19.47 ? 8   LEU E O    1 
ATOM   671  C  CB   . LEU E 1 8 ? -6.172  5.446   4.289   1.00 22.36 ? 8   LEU E CB   1 
ATOM   672  C  CG   . LEU E 1 8 ? -5.323  6.486   5.024   1.00 14.48 ? 8   LEU E CG   1 
ATOM   673  C  CD1  . LEU E 1 8 ? -4.555  5.864   6.183   1.00 14.17 ? 8   LEU E CD1  1 
ATOM   674  C  CD2  . LEU E 1 8 ? -4.365  7.161   4.051   1.00 19.21 ? 8   LEU E CD2  1 
ATOM   675  H  H    . LEU E 1 8 ? -8.522  6.494   4.512   1.00 19.25 ? 8   LEU E H    1 
ATOM   676  H  HA   . LEU E 1 8 ? -6.549  6.569   2.634   1.00 18.40 ? 8   LEU E HA   1 
ATOM   677  H  HB2  . LEU E 1 8 ? -6.709  4.983   4.950   1.00 26.84 ? 8   LEU E HB2  1 
ATOM   678  H  HB3  . LEU E 1 8 ? -5.568  4.823   3.856   1.00 26.84 ? 8   LEU E HB3  1 
ATOM   679  H  HG   . LEU E 1 8 ? -5.914  7.158   5.398   1.00 17.36 ? 8   LEU E HG   1 
ATOM   680  H  HD11 . LEU E 1 8 ? -4.064  6.561   6.645   1.00 16.99 ? 8   LEU E HD11 1 
ATOM   681  H  HD12 . LEU E 1 8 ? -5.185  5.445   6.790   1.00 16.99 ? 8   LEU E HD12 1 
ATOM   682  H  HD13 . LEU E 1 8 ? -3.940  5.202   5.834   1.00 16.99 ? 8   LEU E HD13 1 
ATOM   683  H  HD21 . LEU E 1 8 ? -3.720  7.682   4.553   1.00 23.06 ? 8   LEU E HD21 1 
ATOM   684  H  HD22 . LEU E 1 8 ? -3.908  6.480   3.533   1.00 23.06 ? 8   LEU E HD22 1 
ATOM   685  H  HD23 . LEU E 1 8 ? -4.871  7.741   3.461   1.00 23.06 ? 8   LEU E HD23 1 
ATOM   686  N  N    . PHE F 1 1 ? -6.453  -4.600  1.644   1.00 12.49 ? 1   PHE F N    1 
ATOM   687  C  CA   . PHE F 1 1 ? -5.067  -4.215  1.393   1.00 13.73 ? 1   PHE F CA   1 
ATOM   688  C  C    . PHE F 1 1 ? -4.065  -5.046  2.210   1.00 12.16 ? 1   PHE F C    1 
ATOM   689  O  O    . PHE F 1 1 ? -4.086  -4.985  3.437   1.00 14.84 ? 1   PHE F O    1 
ATOM   690  C  CB   . PHE F 1 1 ? -4.850  -2.739  1.719   1.00 13.55 ? 1   PHE F CB   1 
ATOM   691  C  CG   . PHE F 1 1 ? -3.436  -2.289  1.509   1.00 13.72 ? 1   PHE F CG   1 
ATOM   692  C  CD1  . PHE F 1 1 ? -2.904  -2.243  0.234   1.00 14.36 ? 1   PHE F CD1  1 
ATOM   693  C  CD2  . PHE F 1 1 ? -2.638  -1.923  2.577   1.00 13.59 ? 1   PHE F CD2  1 
ATOM   694  C  CE1  . PHE F 1 1 ? -1.606  -1.839  0.024   1.00 14.82 ? 1   PHE F CE1  1 
ATOM   695  C  CE2  . PHE F 1 1 ? -1.334  -1.514  2.373   1.00 14.09 ? 1   PHE F CE2  1 
ATOM   696  C  CZ   . PHE F 1 1 ? -0.817  -1.470  1.096   1.00 14.68 ? 1   PHE F CZ   1 
ATOM   697  H  H2   . PHE F 1 1 ? -6.712  -5.309  1.050   1.00 14.97 ? 1   PHE F H2   1 
ATOM   698  H  H3   . PHE F 1 1 ? -7.029  -3.845  1.510   1.00 14.97 ? 1   PHE F H3   1 
ATOM   699  H  HA   . PHE F 1 1 ? -4.890  -4.371  0.452   1.00 16.47 ? 1   PHE F HA   1 
ATOM   700  H  HB2  . PHE F 1 1 ? -5.422  -2.203  1.146   1.00 16.26 ? 1   PHE F HB2  1 
ATOM   701  H  HB3  . PHE F 1 1 ? -5.077  -2.586  2.649   1.00 16.26 ? 1   PHE F HB3  1 
ATOM   702  H  HD1  . PHE F 1 1 ? -3.431  -2.488  -0.492  1.00 17.22 ? 1   PHE F HD1  1 
ATOM   703  H  HD2  . PHE F 1 1 ? -2.982  -1.952  3.441   1.00 16.30 ? 1   PHE F HD2  1 
ATOM   704  H  HE1  . PHE F 1 1 ? -1.259  -1.813  -0.839  1.00 17.77 ? 1   PHE F HE1  1 
ATOM   705  H  HE2  . PHE F 1 1 ? -0.804  -1.269  3.098   1.00 16.89 ? 1   PHE F HE2  1 
ATOM   706  H  HZ   . PHE F 1 1 ? 0.059   -1.193  0.956   1.00 17.60 ? 1   PHE F HZ   1 
HETATM 707  N  N    . MLU F 1 2 ? -3.168  -5.790  1.558   1.00 16.30 ? 2   MLU F N    1 
HETATM 708  C  CN   . MLU F 1 2 ? -3.073  -5.854  0.133   1.00 14.14 ? 2   MLU F CN   1 
HETATM 709  C  CA   . MLU F 1 2 ? -2.247  -6.599  2.302   1.00 15.69 ? 2   MLU F CA   1 
HETATM 710  C  C    . MLU F 1 2 ? -2.370  -8.032  1.849   1.00 11.99 ? 2   MLU F C    1 
HETATM 711  O  O    . MLU F 1 2 ? -1.438  -8.571  1.196   1.00 17.71 ? 2   MLU F O    1 
HETATM 712  C  CB   . MLU F 1 2 ? -0.787  -6.238  2.094   1.00 14.39 ? 2   MLU F CB   1 
HETATM 713  C  CG   . MLU F 1 2 ? -0.372  -4.924  2.717   1.00 20.35 ? 2   MLU F CG   1 
HETATM 714  C  CD1  . MLU F 1 2 ? 0.149   -5.145  4.120   1.00 24.44 ? 2   MLU F CD1  1 
HETATM 715  C  CD2  . MLU F 1 2 ? 0.763   -4.371  1.878   1.00 26.36 ? 2   MLU F CD2  1 
HETATM 716  H  HCN1 . MLU F 1 2 ? -2.288  -6.385  -0.120  1.00 16.97 ? 2   MLU F HCN1 1 
HETATM 717  H  HCN2 . MLU F 1 2 ? -2.986  -4.947  -0.231  1.00 16.97 ? 2   MLU F HCN2 1 
HETATM 718  H  HCN3 . MLU F 1 2 ? -3.883  -6.275  -0.230  1.00 16.97 ? 2   MLU F HCN3 1 
HETATM 719  H  HA   . MLU F 1 2 ? -2.481  -6.453  3.241   1.00 18.83 ? 2   MLU F HA   1 
HETATM 720  H  HB2  . MLU F 1 2 ? -0.619  -6.187  1.132   1.00 17.27 ? 2   MLU F HB2  1 
HETATM 721  H  HB3  . MLU F 1 2 ? -0.239  -6.948  2.484   1.00 17.27 ? 2   MLU F HB3  1 
HETATM 722  H  HG   . MLU F 1 2 ? -1.136  -4.317  2.751   1.00 24.43 ? 2   MLU F HG   1 
HETATM 723  H  HD11 . MLU F 1 2 ? 0.562   -4.319  4.449   1.00 29.33 ? 2   MLU F HD11 1 
HETATM 724  H  HD12 . MLU F 1 2 ? 0.817   -5.862  4.112   1.00 29.33 ? 2   MLU F HD12 1 
HETATM 725  H  HD13 . MLU F 1 2 ? -0.592  -5.396  4.708   1.00 29.33 ? 2   MLU F HD13 1 
HETATM 726  H  HD21 . MLU F 1 2 ? 1.118   -3.562  2.301   1.00 31.64 ? 2   MLU F HD21 1 
HETATM 727  H  HD22 . MLU F 1 2 ? 0.431   -4.153  0.982   1.00 31.64 ? 2   MLU F HD22 1 
HETATM 728  H  HD23 . MLU F 1 2 ? 1.475   -5.042  1.808   1.00 31.64 ? 2   MLU F HD23 1 
HETATM 729  N  N    . DLY F 1 3 ? -3.486  -8.670  2.171   1.00 12.08 ? 3   DLY F N    1 
HETATM 730  C  CA   . DLY F 1 3 ? -3.710  -10.014 1.687   1.00 16.26 ? 3   DLY F CA   1 
HETATM 731  C  C    . DLY F 1 3 ? -3.001  -10.988 2.624   1.00 14.49 ? 3   DLY F C    1 
HETATM 732  O  O    . DLY F 1 3 ? -2.946  -10.785 3.790   1.00 9.86  ? 3   DLY F O    1 
HETATM 733  C  CB   . DLY F 1 3 ? -5.206  -10.335 1.643   1.00 11.94 ? 3   DLY F CB   1 
HETATM 734  C  CG   . DLY F 1 3 ? -5.837  -9.846  0.331   1.00 18.29 ? 3   DLY F CG   1 
HETATM 735  C  CD   . DLY F 1 3 ? -7.025  -8.915  0.589   1.00 22.69 ? 3   DLY F CD   1 
HETATM 736  C  CE   . DLY F 1 3 ? -8.154  -9.626  1.340   1.00 22.39 ? 3   DLY F CE   1 
HETATM 737  N  NZ   . DLY F 1 3 ? -9.052  -10.296 0.415   1.00 23.31 ? 3   DLY F NZ   1 
HETATM 738  H  H    . DLY F 1 3 ? -4.089  -8.312  2.669   1.00 14.50 ? 3   DLY F H    1 
HETATM 739  H  HA   . DLY F 1 3 ? -3.360  -10.094 0.786   1.00 19.51 ? 3   DLY F HA   1 
HETATM 740  H  HB2  . DLY F 1 3 ? -5.327  -11.295 1.714   1.00 14.33 ? 3   DLY F HB2  1 
HETATM 741  H  HB3  . DLY F 1 3 ? -5.646  -9.898  2.388   1.00 14.33 ? 3   DLY F HB3  1 
HETATM 742  H  HG2  . DLY F 1 3 ? -6.142  -10.615 -0.176  1.00 21.95 ? 3   DLY F HG2  1 
HETATM 743  H  HG3  . DLY F 1 3 ? -5.166  -9.368  -0.181  1.00 21.95 ? 3   DLY F HG3  1 
HETATM 744  H  HD2  . DLY F 1 3 ? -7.366  -8.599  -0.263  1.00 27.23 ? 3   DLY F HD2  1 
HETATM 745  H  HD3  . DLY F 1 3 ? -6.723  -8.160  1.118   1.00 27.23 ? 3   DLY F HD3  1 
HETATM 746  H  HE2  . DLY F 1 3 ? -7.769  -10.284 1.941   1.00 26.87 ? 3   DLY F HE2  1 
HETATM 747  H  HE3  . DLY F 1 3 ? -8.654  -8.972  1.852   1.00 26.87 ? 3   DLY F HE3  1 
HETATM 748  H  HZ1  . DLY F 1 3 ? -9.233  -11.113 0.715   1.00 27.98 ? 3   DLY F HZ1  1 
HETATM 749  H  HZ2  . DLY F 1 3 ? -9.809  -9.831  0.348   1.00 27.98 ? 3   DLY F HZ2  1 
HETATM 750  H  HZ3  . DLY F 1 3 ? -8.667  -10.352 -0.386  1.00 27.98 ? 3   DLY F HZ3  1 
ATOM   751  N  N    . SER F 1 4 ? -2.443  -12.042 2.044   1.00 14.07 ? 4   SER F N    1 
ATOM   752  C  CA   . SER F 1 4 ? -1.915  -13.159 2.815   1.00 16.54 ? 4   SER F CA   1 
ATOM   753  C  C    . SER F 1 4 ? -0.492  -12.949 3.331   1.00 14.53 ? 4   SER F C    1 
ATOM   754  O  O    . SER F 1 4 ? -0.110  -13.548 4.330   1.00 10.97 ? 4   SER F O    1 
ATOM   755  C  CB   . SER F 1 4 ? -1.947  -14.428 1.965   1.00 10.40 ? 4   SER F CB   1 
ATOM   756  O  OG   . SER F 1 4 ? -1.032  -14.330 0.891   1.00 11.18 ? 4   SER F OG   1 
ATOM   757  H  H    . SER F 1 4 ? -2.356  -12.136 1.193   1.00 16.88 ? 4   SER F H    1 
ATOM   758  H  HA   . SER F 1 4 ? -2.479  -13.253 3.599   1.00 19.85 ? 4   SER F HA   1 
ATOM   759  H  HB2  . SER F 1 4 ? -1.704  -15.187 2.520   1.00 12.47 ? 4   SER F HB2  1 
ATOM   760  H  HB3  . SER F 1 4 ? -2.841  -14.549 1.610   1.00 12.47 ? 4   SER F HB3  1 
ATOM   761  H  HG   . SER F 1 4 ? -1.310  -13.773 0.327   1.00 13.40 ? 4   SER F HG   1 
HETATM 762  N  N    . DTH F 1 5 ? 0.292   -12.128 2.638   1.00 11.68 ? 5   DTH F N    1 
HETATM 763  C  CA   . DTH F 1 5 ? 1.690   -11.956 3.008   1.00 15.78 ? 5   DTH F CA   1 
HETATM 764  C  CB   . DTH F 1 5 ? 2.048   -10.470 3.073   1.00 13.39 ? 5   DTH F CB   1 
HETATM 765  C  CG2  . DTH F 1 5 ? 1.100   -9.679  3.978   1.00 10.89 ? 5   DTH F CG2  1 
HETATM 766  O  OG1  . DTH F 1 5 ? 2.027   -9.998  1.756   1.00 19.58 ? 5   DTH F OG1  1 
HETATM 767  C  C    . DTH F 1 5 ? 2.607   -12.657 1.987   1.00 14.64 ? 5   DTH F C    1 
HETATM 768  O  O    . DTH F 1 5 ? 3.727   -12.284 1.840   1.00 13.07 ? 5   DTH F O    1 
HETATM 769  H  H    . DTH F 1 5 ? 0.003   -11.679 1.972   1.00 14.02 ? 5   DTH F H    1 
HETATM 770  H  HA   . DTH F 1 5 ? 1.821   -12.355 3.882   1.00 18.93 ? 5   DTH F HA   1 
HETATM 771  H  HB   . DTH F 1 5 ? 2.926   -10.351 3.469   1.00 16.07 ? 5   DTH F HB   1 
HETATM 772  H  HG21 . DTH F 1 5 ? 1.222   -8.729  3.825   1.00 13.05 ? 5   DTH F HG21 1 
HETATM 773  H  HG22 . DTH F 1 5 ? 0.182   -9.923  3.777   1.00 13.05 ? 5   DTH F HG22 1 
HETATM 774  H  HG23 . DTH F 1 5 ? 1.292   -9.884  4.906   1.00 13.05 ? 5   DTH F HG23 1 
ATOM   775  N  N    . ALA F 1 6 ? 2.084   -13.677 1.306   1.00 17.95 ? 6   ALA F N    1 
ATOM   776  C  CA   . ALA F 1 6 ? 2.867   -14.451 0.337   1.00 13.98 ? 6   ALA F CA   1 
ATOM   777  C  C    . ALA F 1 6 ? 3.541   -13.547 -0.693  1.00 22.37 ? 6   ALA F C    1 
ATOM   778  O  O    . ALA F 1 6 ? 4.731   -13.693 -0.982  1.00 20.43 ? 6   ALA F O    1 
ATOM   779  C  CB   . ALA F 1 6 ? 1.978   -15.469 -0.362  1.00 19.27 ? 6   ALA F CB   1 
ATOM   780  H  H    . ALA F 1 6 ? 1.271   -13.946 1.387   1.00 21.54 ? 6   ALA F H    1 
ATOM   781  H  HA   . ALA F 1 6 ? 3.566   -14.925 0.815   1.00 16.78 ? 6   ALA F HA   1 
ATOM   782  H  HB1  . ALA F 1 6 ? 2.521   -16.008 -0.957  1.00 23.12 ? 6   ALA F HB1  1 
ATOM   783  H  HB2  . ALA F 1 6 ? 1.561   -16.035 0.308   1.00 23.12 ? 6   ALA F HB2  1 
ATOM   784  H  HB3  . ALA F 1 6 ? 1.298   -14.999 -0.869  1.00 23.12 ? 6   ALA F HB3  1 
ATOM   785  N  N    . LEU F 1 7 ? 2.767   -12.618 -1.256  1.00 22.53 ? 7   LEU F N    1 
ATOM   786  C  CA   . LEU F 1 7 ? 3.287   -11.616 -2.178  1.00 20.25 ? 7   LEU F CA   1 
ATOM   787  C  C    . LEU F 1 7 ? 3.535   -10.288 -1.472  1.00 20.01 ? 7   LEU F C    1 
ATOM   788  O  O    . LEU F 1 7 ? 4.643   -9.747  -1.519  1.00 24.23 ? 7   LEU F O    1 
ATOM   789  C  CB   . LEU F 1 7 ? 2.309   -11.414 -3.340  1.00 17.26 ? 7   LEU F CB   1 
ATOM   790  C  CG   . LEU F 1 7 ? 2.856   -10.618 -4.519  1.00 16.03 ? 7   LEU F CG   1 
ATOM   791  C  CD1  . LEU F 1 7 ? 3.976   -11.386 -5.193  1.00 16.82 ? 7   LEU F CD1  1 
ATOM   792  C  CD2  . LEU F 1 7 ? 1.738   -10.319 -5.492  1.00 25.31 ? 7   LEU F CD2  1 
ATOM   793  H  H    . LEU F 1 7 ? 1.922   -12.549 -1.113  1.00 27.04 ? 7   LEU F H    1 
ATOM   794  H  HA   . LEU F 1 7 ? 4.127   -11.935 -2.542  1.00 24.30 ? 7   LEU F HA   1 
ATOM   795  H  HB2  . LEU F 1 7 ? 2.048   -12.286 -3.675  1.00 20.72 ? 7   LEU F HB2  1 
ATOM   796  H  HB3  . LEU F 1 7 ? 1.531   -10.941 -3.006  1.00 20.72 ? 7   LEU F HB3  1 
ATOM   797  H  HG   . LEU F 1 7 ? 3.221   -9.776  -4.208  1.00 19.22 ? 7   LEU F HG   1 
ATOM   798  H  HD11 . LEU F 1 7 ? 4.193   -10.954 -6.034  1.00 20.17 ? 7   LEU F HD11 1 
ATOM   799  H  HD12 . LEU F 1 7 ? 4.752   -11.388 -4.612  1.00 20.17 ? 7   LEU F HD12 1 
ATOM   800  H  HD13 . LEU F 1 7 ? 3.681   -12.296 -5.356  1.00 20.17 ? 7   LEU F HD13 1 
ATOM   801  H  HD21 . LEU F 1 7 ? 2.115   -9.921  -6.294  1.00 30.38 ? 7   LEU F HD21 1 
ATOM   802  H  HD22 . LEU F 1 7 ? 1.283   -11.145 -5.715  1.00 30.38 ? 7   LEU F HD22 1 
ATOM   803  H  HD23 . LEU F 1 7 ? 1.116   -9.699  -5.079  1.00 30.38 ? 7   LEU F HD23 1 
ATOM   804  N  N    . LEU F 1 8 ? 2.505   -9.747  -0.833  1.00 13.92 ? 8   LEU F N    1 
ATOM   805  C  CA   . LEU F 1 8 ? 2.620   -8.527  -0.048  1.00 14.29 ? 8   LEU F CA   1 
ATOM   806  C  C    . LEU F 1 8 ? 2.697   -8.905  1.425   1.00 19.57 ? 8   LEU F C    1 
ATOM   807  O  O    . LEU F 1 8 ? 3.351   -8.245  2.227   1.00 12.68 ? 8   LEU F O    1 
ATOM   808  C  CB   . LEU F 1 8 ? 1.435   -7.606  -0.320  1.00 13.49 ? 8   LEU F CB   1 
ATOM   809  C  CG   . LEU F 1 8 ? 1.474   -6.809  -1.627  1.00 14.45 ? 8   LEU F CG   1 
ATOM   810  C  CD1  . LEU F 1 8 ? 2.358   -7.454  -2.690  1.00 21.37 ? 8   LEU F CD1  1 
ATOM   811  C  CD2  . LEU F 1 8 ? 0.067   -6.632  -2.154  1.00 14.94 ? 8   LEU F CD2  1 
ATOM   812  H  H    . LEU F 1 8 ? 1.710   -10.076 -0.838  1.00 16.70 ? 8   LEU F H    1 
ATOM   813  H  HA   . LEU F 1 8 ? 3.417   -8.031  -0.289  1.00 17.15 ? 8   LEU F HA   1 
ATOM   814  H  HB2  . LEU F 1 8 ? 0.631   -8.148  -0.341  1.00 16.17 ? 8   LEU F HB2  1 
ATOM   815  H  HB3  . LEU F 1 8 ? 1.382   -6.963  0.403   1.00 16.17 ? 8   LEU F HB3  1 
ATOM   816  H  HG   . LEU F 1 8 ? 1.866   -5.942  -1.437  1.00 17.32 ? 8   LEU F HG   1 
ATOM   817  H  HD11 . LEU F 1 8 ? 2.299   -6.935  -3.508  1.00 25.64 ? 8   LEU F HD11 1 
ATOM   818  H  HD12 . LEU F 1 8 ? 3.275   -7.467  -2.373  1.00 25.64 ? 8   LEU F HD12 1 
ATOM   819  H  HD13 . LEU F 1 8 ? 2.050   -8.360  -2.850  1.00 25.64 ? 8   LEU F HD13 1 
ATOM   820  H  HD21 . LEU F 1 8 ? 0.097   -6.101  -2.965  1.00 17.93 ? 8   LEU F HD21 1 
ATOM   821  H  HD22 . LEU F 1 8 ? -0.311  -7.505  -2.344  1.00 17.93 ? 8   LEU F HD22 1 
ATOM   822  H  HD23 . LEU F 1 8 ? -0.467  -6.179  -1.482  1.00 17.93 ? 8   LEU F HD23 1 
ATOM   823  N  N    . PHE G 1 1 ? 8.104   2.633   -4.120  1.00 14.09 ? 1   PHE G N    1 
ATOM   824  C  CA   . PHE G 1 1 ? 7.126   1.678   -3.620  1.00 19.85 ? 1   PHE G CA   1 
ATOM   825  C  C    . PHE G 1 1 ? 5.778   1.846   -4.331  1.00 12.06 ? 1   PHE G C    1 
ATOM   826  O  O    . PHE G 1 1 ? 5.375   2.970   -4.618  1.00 10.63 ? 1   PHE G O    1 
ATOM   827  C  CB   . PHE G 1 1 ? 6.950   1.856   -2.109  1.00 13.37 ? 1   PHE G CB   1 
ATOM   828  C  CG   . PHE G 1 1 ? 8.237   1.770   -1.334  1.00 11.84 ? 1   PHE G CG   1 
ATOM   829  C  CD1  . PHE G 1 1 ? 9.086   0.685   -1.481  1.00 14.87 ? 1   PHE G CD1  1 
ATOM   830  C  CD2  . PHE G 1 1 ? 8.605   2.786   -0.470  1.00 14.06 ? 1   PHE G CD2  1 
ATOM   831  C  CE1  . PHE G 1 1 ? 10.275  0.614   -0.767  1.00 18.09 ? 1   PHE G CE1  1 
ATOM   832  C  CE2  . PHE G 1 1 ? 9.785   2.722   0.240   1.00 11.86 ? 1   PHE G CE2  1 
ATOM   833  C  CZ   . PHE G 1 1 ? 10.621  1.637   0.093   1.00 14.61 ? 1   PHE G CZ   1 
ATOM   834  H  H2   . PHE G 1 1 ? 8.128   2.606   -5.079  1.00 16.91 ? 1   PHE G H2   1 
ATOM   835  H  H3   . PHE G 1 1 ? 8.970   2.410   -3.775  1.00 16.91 ? 1   PHE G H3   1 
ATOM   836  H  HA   . PHE G 1 1 ? 7.438   0.775   -3.789  1.00 23.82 ? 1   PHE G HA   1 
ATOM   837  H  HB2  . PHE G 1 1 ? 6.561   2.728   -1.941  1.00 16.05 ? 1   PHE G HB2  1 
ATOM   838  H  HB3  . PHE G 1 1 ? 6.359   1.161   -1.780  1.00 16.05 ? 1   PHE G HB3  1 
ATOM   839  H  HD1  . PHE G 1 1 ? 8.857   -0.002  -2.064  1.00 17.85 ? 1   PHE G HD1  1 
ATOM   840  H  HD2  . PHE G 1 1 ? 8.047   3.523   -0.366  1.00 16.88 ? 1   PHE G HD2  1 
ATOM   841  H  HE1  . PHE G 1 1 ? 10.837  -0.121  -0.867  1.00 21.71 ? 1   PHE G HE1  1 
ATOM   842  H  HE2  . PHE G 1 1 ? 10.016  3.413   0.818   1.00 14.23 ? 1   PHE G HE2  1 
ATOM   843  H  HZ   . PHE G 1 1 ? 11.417  1.594   0.572   1.00 17.53 ? 1   PHE G HZ   1 
HETATM 844  N  N    . MLU G 1 2 ? 5.075   0.749   -4.622  1.00 10.68 ? 2   MLU G N    1 
HETATM 845  C  CN   . MLU G 1 2 ? 5.613   -0.579  -4.596  1.00 12.43 ? 2   MLU G CN   1 
HETATM 846  C  CA   . MLU G 1 2 ? 3.749   0.897   -5.115  1.00 10.56 ? 2   MLU G CA   1 
HETATM 847  C  C    . MLU G 1 2 ? 3.618   0.405   -6.544  1.00 11.60 ? 2   MLU G C    1 
HETATM 848  O  O    . MLU G 1 2 ? 2.511   -0.013  -6.971  1.00 10.72 ? 2   MLU G O    1 
HETATM 849  C  CB   . MLU G 1 2 ? 2.731   0.205   -4.220  1.00 10.83 ? 2   MLU G CB   1 
HETATM 850  C  CG   . MLU G 1 2 ? 2.656   0.843   -2.843  1.00 14.12 ? 2   MLU G CG   1 
HETATM 851  C  CD1  . MLU G 1 2 ? 2.003   2.206   -2.932  1.00 23.87 ? 2   MLU G CD1  1 
HETATM 852  C  CD2  . MLU G 1 2 ? 1.822   -0.034  -1.927  1.00 11.87 ? 2   MLU G CD2  1 
HETATM 853  H  HCN1 . MLU G 1 2 ? 5.888   -0.803  -3.681  1.00 14.91 ? 2   MLU G HCN1 1 
HETATM 854  H  HCN2 . MLU G 1 2 ? 4.928   -1.215  -4.897  1.00 14.91 ? 2   MLU G HCN2 1 
HETATM 855  H  HCN3 . MLU G 1 2 ? 6.390   -0.630  -5.193  1.00 14.91 ? 2   MLU G HCN3 1 
HETATM 856  H  HA   . MLU G 1 2 ? 3.556   1.856   -5.108  1.00 12.66 ? 2   MLU G HA   1 
HETATM 857  H  HB2  . MLU G 1 2 ? 2.985   -0.734  -4.119  1.00 13.00 ? 2   MLU G HB2  1 
HETATM 858  H  HB3  . MLU G 1 2 ? 1.850   0.261   -4.641  1.00 13.00 ? 2   MLU G HB3  1 
HETATM 859  H  HG   . MLU G 1 2 ? 3.561   0.937   -2.491  1.00 16.95 ? 2   MLU G HG   1 
HETATM 860  H  HD11 . MLU G 1 2 ? 1.675   2.470   -2.047  1.00 28.64 ? 2   MLU G HD11 1 
HETATM 861  H  HD12 . MLU G 1 2 ? 2.661   2.863   -3.246  1.00 28.64 ? 2   MLU G HD12 1 
HETATM 862  H  HD13 . MLU G 1 2 ? 1.253   2.169   -3.562  1.00 28.64 ? 2   MLU G HD13 1 
HETATM 863  H  HD21 . MLU G 1 2 ? 0.932   -0.160  -2.317  1.00 14.25 ? 2   MLU G HD21 1 
HETATM 864  H  HD22 . MLU G 1 2 ? 1.737   0.396   -1.051  1.00 14.25 ? 2   MLU G HD22 1 
HETATM 865  H  HD23 . MLU G 1 2 ? 2.259   -0.905  -1.823  1.00 14.25 ? 2   MLU G HD23 1 
HETATM 866  N  N    . DLY G 1 3 ? 4.707   0.459   -7.303  1.00 10.98 ? 3   DLY G N    1 
HETATM 867  C  CA   . DLY G 1 3 ? 4.598   0.288   -8.730  1.00 11.21 ? 3   DLY G CA   1 
HETATM 868  C  C    . DLY G 1 3 ? 3.873   1.533   -9.245  1.00 11.07 ? 3   DLY G C    1 
HETATM 869  O  O    . DLY G 1 3 ? 3.826   2.519   -8.588  1.00 10.93 ? 3   DLY G O    1 
HETATM 870  C  CB   . DLY G 1 3 ? 5.988   0.182   -9.357  1.00 11.68 ? 3   DLY G CB   1 
HETATM 871  C  CG   . DLY G 1 3 ? 6.753   -1.019  -8.795  1.00 19.12 ? 3   DLY G CG   1 
HETATM 872  C  CD   . DLY G 1 3 ? 8.012   -1.241  -9.628  1.00 19.09 ? 3   DLY G CD   1 
HETATM 873  C  CE   . DLY G 1 3 ? 7.696   -2.241  -10.736 1.00 31.29 ? 3   DLY G CE   1 
HETATM 874  N  NZ   . DLY G 1 3 ? 8.555   -1.995  -11.882 1.00 35.83 ? 3   DLY G NZ   1 
HETATM 875  H  H    . DLY G 1 3 ? 5.490   0.597   -6.985  1.00 13.16 ? 3   DLY G H    1 
HETATM 876  H  HA   . DLY G 1 3 ? 4.118   -0.523  -8.958  1.00 13.44 ? 3   DLY G HA   1 
HETATM 877  H  HB2  . DLY G 1 3 ? 5.897   0.079   -10.318 1.00 14.02 ? 3   DLY G HB2  1 
HETATM 878  H  HB3  . DLY G 1 3 ? 6.485   0.993   -9.166  1.00 14.02 ? 3   DLY G HB3  1 
HETATM 879  H  HG2  . DLY G 1 3 ? 6.192   -1.810  -8.836  1.00 22.94 ? 3   DLY G HG2  1 
HETATM 880  H  HG3  . DLY G 1 3 ? 6.998   -0.844  -7.873  1.00 22.94 ? 3   DLY G HG3  1 
HETATM 881  H  HD2  . DLY G 1 3 ? 8.719   -1.593  -9.063  1.00 22.91 ? 3   DLY G HD2  1 
HETATM 882  H  HD3  . DLY G 1 3 ? 8.298   -0.400  -10.018 1.00 22.91 ? 3   DLY G HD3  1 
HETATM 883  H  HE2  . DLY G 1 3 ? 7.846   -3.142  -10.410 1.00 37.55 ? 3   DLY G HE2  1 
HETATM 884  H  HE3  . DLY G 1 3 ? 6.769   -2.142  -11.004 1.00 37.55 ? 3   DLY G HE3  1 
HETATM 885  H  HZ1  . DLY G 1 3 ? 8.152   -1.431  -12.440 1.00 43.00 ? 3   DLY G HZ1  1 
HETATM 886  H  HZ2  . DLY G 1 3 ? 9.323   -1.639  -11.605 1.00 43.00 ? 3   DLY G HZ2  1 
HETATM 887  H  HZ3  . DLY G 1 3 ? 8.719   -2.763  -12.301 1.00 43.00 ? 3   DLY G HZ3  1 
ATOM   888  N  N    . SER G 1 4 ? 3.308   1.433   -10.442 1.00 17.47 ? 4   SER G N    1 
ATOM   889  C  CA   . SER G 1 4 ? 2.634   2.561   -11.067 1.00 13.00 ? 4   SER G CA   1 
ATOM   890  C  C    . SER G 1 4 ? 1.236   2.803   -10.504 1.00 10.96 ? 4   SER G C    1 
ATOM   891  O  O    . SER G 1 4 ? 0.709   3.904   -10.615 1.00 12.58 ? 4   SER G O    1 
ATOM   892  C  CB   . SER G 1 4 ? 2.543   2.340   -12.578 1.00 16.29 ? 4   SER G CB   1 
ATOM   893  O  OG   . SER G 1 4 ? 1.650   1.284   -12.883 1.00 12.20 ? 4   SER G OG   1 
ATOM   894  H  H    . SER G 1 4 ? 3.301   0.716   -10.916 1.00 20.97 ? 4   SER G H    1 
ATOM   895  H  HA   . SER G 1 4 ? 3.156   3.359   -10.885 1.00 15.60 ? 4   SER G HA   1 
ATOM   896  H  HB2  . SER G 1 4 ? 2.222   3.155   -12.996 1.00 19.55 ? 4   SER G HB2  1 
ATOM   897  H  HB3  . SER G 1 4 ? 3.423   2.118   -12.918 1.00 19.55 ? 4   SER G HB3  1 
ATOM   898  H  HG   . SER G 1 4 ? 1.578   1.200   -13.716 1.00 14.65 ? 4   SER G HG   1 
HETATM 899  N  N    . DTH G 1 5 ? 0.637   1.784   -9.896  1.00 12.15 ? 5   DTH G N    1 
HETATM 900  C  CA   . DTH G 1 5 ? -0.765  1.885   -9.514  1.00 12.45 ? 5   DTH G CA   1 
HETATM 901  C  CB   . DTH G 1 5 ? -1.025  1.650   -8.023  1.00 14.57 ? 5   DTH G CB   1 
HETATM 902  C  CG2  . DTH G 1 5 ? -0.099  2.486   -7.129  1.00 14.23 ? 5   DTH G CG2  1 
HETATM 903  O  OG1  . DTH G 1 5 ? -0.873  0.289   -7.753  1.00 10.70 ? 5   DTH G OG1  1 
HETATM 904  C  C    . DTH G 1 5 ? -1.565  0.851   -10.318 1.00 12.72 ? 5   DTH G C    1 
HETATM 905  O  O    . DTH G 1 5 ? -2.658  0.550   -9.970  1.00 10.93 ? 5   DTH G O    1 
HETATM 906  H  H    . DTH G 1 5 ? 1.045   1.052   -9.716  1.00 14.58 ? 5   DTH G H    1 
HETATM 907  H  HA   . DTH G 1 5 ? -1.040  2.796   -9.704  1.00 14.94 ? 5   DTH G HA   1 
HETATM 908  H  HB   . DTH G 1 5 ? -1.931  1.933   -7.821  1.00 17.49 ? 5   DTH G HB   1 
HETATM 909  H  HG21 . DTH G 1 5 ? 0.793   2.499   -7.511  1.00 17.08 ? 5   DTH G HG21 1 
HETATM 910  H  HG22 . DTH G 1 5 ? -0.066  2.093   -6.243  1.00 17.08 ? 5   DTH G HG22 1 
HETATM 911  H  HG23 . DTH G 1 5 ? -0.440  3.392   -7.070  1.00 17.08 ? 5   DTH G HG23 1 
ATOM   912  N  N    . ALA G 1 6 ? -0.969  0.322   -11.387 1.00 13.03 ? 6   ALA G N    1 
ATOM   913  C  CA   . ALA G 1 6 ? -1.698  -0.531  -12.325 1.00 14.06 ? 6   ALA G CA   1 
ATOM   914  C  C    . ALA G 1 6 ? -1.990  -1.902  -11.730 1.00 14.76 ? 6   ALA G C    1 
ATOM   915  O  O    . ALA G 1 6 ? -3.010  -2.519  -12.044 1.00 15.54 ? 6   ALA G O    1 
ATOM   916  C  CB   . ALA G 1 6 ? -0.923  -0.677  -13.619 1.00 13.33 ? 6   ALA G CB   1 
ATOM   917  H  H    . ALA G 1 6 ? -0.142  0.441   -11.591 1.00 15.64 ? 6   ALA G H    1 
ATOM   918  H  HA   . ALA G 1 6 ? -2.550  -0.108  -12.523 1.00 16.87 ? 6   ALA G HA   1 
ATOM   919  H  HB1  . ALA G 1 6 ? -1.429  -1.235  -14.229 1.00 15.99 ? 6   ALA G HB1  1 
ATOM   920  H  HB2  . ALA G 1 6 ? -0.790  0.201   -14.008 1.00 15.99 ? 6   ALA G HB2  1 
ATOM   921  H  HB3  . ALA G 1 6 ? -0.066  -1.088  -13.428 1.00 15.99 ? 6   ALA G HB3  1 
ATOM   922  N  N    . LEU G 1 7 ? -1.077  -2.389  -10.893 1.00 13.78 ? 7   LEU G N    1 
ATOM   923  C  CA   . LEU G 1 7 ? -1.313  -3.579  -10.088 1.00 14.81 ? 7   LEU G CA   1 
ATOM   924  C  C    . LEU G 1 7 ? -1.728  -3.211  -8.669  1.00 18.84 ? 7   LEU G C    1 
ATOM   925  O  O    . LEU G 1 7 ? -2.766  -3.674  -8.183  1.00 22.49 ? 7   LEU G O    1 
ATOM   926  C  CB   . LEU G 1 7 ? -0.057  -4.460  -10.062 1.00 18.63 ? 7   LEU G CB   1 
ATOM   927  C  CG   . LEU G 1 7 ? -0.221  -5.827  -9.392  1.00 14.51 ? 7   LEU G CG   1 
ATOM   928  C  CD1  . LEU G 1 7 ? -1.288  -6.630  -10.109 1.00 25.99 ? 7   LEU G CD1  1 
ATOM   929  C  CD2  . LEU G 1 7 ? 1.099   -6.596  -9.341  1.00 14.01 ? 7   LEU G CD2  1 
ATOM   930  H  H    . LEU G 1 7 ? -0.300  -2.040  -10.774 1.00 16.54 ? 7   LEU G H    1 
ATOM   931  H  HA   . LEU G 1 7 ? -2.022  -4.105  -10.489 1.00 17.77 ? 7   LEU G HA   1 
ATOM   932  H  HB2  . LEU G 1 7 ? 0.220   -4.619  -10.978 1.00 22.35 ? 7   LEU G HB2  1 
ATOM   933  H  HB3  . LEU G 1 7 ? 0.637   -3.985  -9.581  1.00 22.35 ? 7   LEU G HB3  1 
ATOM   934  H  HG   . LEU G 1 7 ? -0.498  -5.691  -8.474  1.00 17.41 ? 7   LEU G HG   1 
ATOM   935  H  HD11 . LEU G 1 7 ? -1.201  -7.564  -9.862  1.00 31.19 ? 7   LEU G HD11 1 
ATOM   936  H  HD12 . LEU G 1 7 ? -2.162  -6.299  -9.847  1.00 31.19 ? 7   LEU G HD12 1 
ATOM   937  H  HD13 . LEU G 1 7 ? -1.170  -6.529  -11.067 1.00 31.19 ? 7   LEU G HD13 1 
ATOM   938  H  HD21 . LEU G 1 7 ? 0.946   -7.459  -8.926  1.00 16.81 ? 7   LEU G HD21 1 
ATOM   939  H  HD22 . LEU G 1 7 ? 1.429   -6.718  -10.246 1.00 16.81 ? 7   LEU G HD22 1 
ATOM   940  H  HD23 . LEU G 1 7 ? 1.741   -6.088  -8.822  1.00 16.81 ? 7   LEU G HD23 1 
ATOM   941  N  N    . LEU G 1 8 ? -0.937  -2.375  -8.005  1.00 11.22 ? 8   LEU G N    1 
ATOM   942  C  CA   . LEU G 1 8 ? -1.285  -1.842  -6.695  1.00 11.06 ? 8   LEU G CA   1 
ATOM   943  C  C    . LEU G 1 8 ? -1.584  -0.354  -6.835  1.00 10.80 ? 8   LEU G C    1 
ATOM   944  O  O    . LEU G 1 8 ? -2.435  0.191   -6.133  1.00 12.40 ? 8   LEU G O    1 
ATOM   945  C  CB   . LEU G 1 8 ? -0.157  -2.059  -5.684  1.00 13.12 ? 8   LEU G CB   1 
ATOM   946  C  CG   . LEU G 1 8 ? 0.636   -3.371  -5.734  1.00 18.48 ? 8   LEU G CG   1 
ATOM   947  C  CD1  . LEU G 1 8 ? 1.631   -3.409  -4.581  1.00 13.05 ? 8   LEU G CD1  1 
ATOM   948  C  CD2  . LEU G 1 8 ? -0.280  -4.586  -5.698  1.00 15.55 ? 8   LEU G CD2  1 
ATOM   949  H  H    . LEU G 1 8 ? -0.178  -2.096  -8.298  1.00 13.45 ? 8   LEU G H    1 
ATOM   950  H  HA   . LEU G 1 8 ? -2.064  -2.304  -6.346  1.00 13.26 ? 8   LEU G HA   1 
ATOM   951  H  HB2  . LEU G 1 8 ? 0.487   -1.343  -5.807  1.00 15.74 ? 8   LEU G HB2  1 
ATOM   952  H  HB3  . LEU G 1 8 ? -0.546  -2.006  -4.797  1.00 15.74 ? 8   LEU G HB3  1 
ATOM   953  H  HG   . LEU G 1 8 ? 1.122   -3.414  -6.573  1.00 22.18 ? 8   LEU G HG   1 
ATOM   954  H  HD11 . LEU G 1 8 ? 1.921   -4.325  -4.444  1.00 15.67 ? 8   LEU G HD11 1 
ATOM   955  H  HD12 . LEU G 1 8 ? 2.393   -2.852  -4.803  1.00 15.67 ? 8   LEU G HD12 1 
ATOM   956  H  HD13 . LEU G 1 8 ? 1.200   -3.075  -3.779  1.00 15.67 ? 8   LEU G HD13 1 
ATOM   957  H  HD21 . LEU G 1 8 ? 0.262   -5.389  -5.675  1.00 18.66 ? 8   LEU G HD21 1 
ATOM   958  H  HD22 . LEU G 1 8 ? -0.836  -4.537  -4.905  1.00 18.66 ? 8   LEU G HD22 1 
ATOM   959  H  HD23 . LEU G 1 8 ? -0.836  -4.585  -6.493  1.00 18.66 ? 8   LEU G HD23 1 
ATOM   960  N  N    . PHE H 1 1 ? -7.609  2.492   -7.009  1.00 13.45 ? 1   PHE H N    1 
ATOM   961  C  CA   . PHE H 1 1 ? -6.561  1.479   -6.970  1.00 7.63  ? 1   PHE H CA   1 
ATOM   962  C  C    . PHE H 1 1 ? -6.904  0.399   -5.934  1.00 6.10  ? 1   PHE H C    1 
ATOM   963  O  O    . PHE H 1 1 ? -7.468  0.712   -4.885  1.00 6.24  ? 1   PHE H O    1 
ATOM   964  C  CB   . PHE H 1 1 ? -5.216  2.138   -6.655  1.00 6.60  ? 1   PHE H CB   1 
ATOM   965  C  CG   . PHE H 1 1 ? -4.821  3.204   -7.645  1.00 8.33  ? 1   PHE H CG   1 
ATOM   966  C  CD1  . PHE H 1 1 ? -4.406  2.858   -8.919  1.00 6.89  ? 1   PHE H CD1  1 
ATOM   967  C  CD2  . PHE H 1 1 ? -4.872  4.548   -7.307  1.00 9.01  ? 1   PHE H CD2  1 
ATOM   968  C  CE1  . PHE H 1 1 ? -4.046  3.829   -9.836  1.00 8.78  ? 1   PHE H CE1  1 
ATOM   969  C  CE2  . PHE H 1 1 ? -4.508  5.524   -8.222  1.00 7.61  ? 1   PHE H CE2  1 
ATOM   970  C  CZ   . PHE H 1 1 ? -4.098  5.162   -9.487  1.00 10.11 ? 1   PHE H CZ   1 
ATOM   971  H  H2   . PHE H 1 1 ? -7.510  3.034   -7.795  1.00 16.14 ? 1   PHE H H2   1 
ATOM   972  H  H3   . PHE H 1 1 ? -8.473  2.071   -7.013  1.00 16.14 ? 1   PHE H H3   1 
ATOM   973  H  HA   . PHE H 1 1 ? -6.481  1.043   -7.833  1.00 9.16  ? 1   PHE H HA   1 
ATOM   974  H  HB2  . PHE H 1 1 ? -5.268  2.552   -5.779  1.00 7.91  ? 1   PHE H HB2  1 
ATOM   975  H  HB3  . PHE H 1 1 ? -4.525  1.458   -6.659  1.00 7.91  ? 1   PHE H HB3  1 
ATOM   976  H  HD1  . PHE H 1 1 ? -4.370  1.961   -9.163  1.00 8.25  ? 1   PHE H HD1  1 
ATOM   977  H  HD2  . PHE H 1 1 ? -5.154  4.797   -6.456  1.00 10.82 ? 1   PHE H HD2  1 
ATOM   978  H  HE1  . PHE H 1 1 ? -3.768  3.583   -10.689 1.00 10.54 ? 1   PHE H HE1  1 
ATOM   979  H  HE2  . PHE H 1 1 ? -4.542  6.423   -7.983  1.00 9.12  ? 1   PHE H HE2  1 
ATOM   980  H  HZ   . PHE H 1 1 ? -3.858  5.815   -10.105 1.00 12.13 ? 1   PHE H HZ   1 
HETATM 981  N  N    . MLU H 1 2 ? -6.589  -0.870  -6.206  1.00 6.05  ? 2   MLU H N    1 
HETATM 982  C  CN   . MLU H 1 2 ? -6.046  -1.302  -7.461  1.00 9.21  ? 2   MLU H CN   1 
HETATM 983  C  CA   . MLU H 1 2 ? -6.876  -1.874  -5.222  1.00 5.74  ? 2   MLU H CA   1 
HETATM 984  C  C    . MLU H 1 2 ? -7.848  -2.939  -5.703  1.00 7.02  ? 2   MLU H C    1 
HETATM 985  O  O    . MLU H 1 2 ? -7.750  -4.128  -5.293  1.00 7.27  ? 2   MLU H O    1 
HETATM 986  C  CB   . MLU H 1 2 ? -5.600  -2.516  -4.715  1.00 5.84  ? 2   MLU H CB   1 
HETATM 987  C  CG   . MLU H 1 2 ? -4.994  -1.628  -3.650  1.00 8.98  ? 2   MLU H CG   1 
HETATM 988  C  CD1  . MLU H 1 2 ? -5.718  -1.828  -2.334  1.00 6.33  ? 2   MLU H CD1  1 
HETATM 989  C  CD2  . MLU H 1 2 ? -3.536  -2.007  -3.494  1.00 11.35 ? 2   MLU H CD2  1 
HETATM 990  H  HCN1 . MLU H 1 2 ? -5.773  -2.240  -7.393  1.00 11.06 ? 2   MLU H HCN1 1 
HETATM 991  H  HCN2 . MLU H 1 2 ? -6.727  -1.208  -8.161  1.00 11.06 ? 2   MLU H HCN2 1 
HETATM 992  H  HCN3 . MLU H 1 2 ? -5.268  -0.749  -7.687  1.00 11.06 ? 2   MLU H HCN3 1 
HETATM 993  H  HA   . MLU H 1 2 ? -7.320  -1.406  -4.486  1.00 6.88  ? 2   MLU H HA   1 
HETATM 994  H  HB2  . MLU H 1 2 ? -4.968  -2.620  -5.454  1.00 6.99  ? 2   MLU H HB2  1 
HETATM 995  H  HB3  . MLU H 1 2 ? -5.803  -3.394  -4.334  1.00 6.99  ? 2   MLU H HB3  1 
HETATM 996  H  HG   . MLU H 1 2 ? -5.076  -0.691  -3.910  1.00 10.78 ? 2   MLU H HG   1 
HETATM 997  H  HD11 . MLU H 1 2 ? -5.710  -2.779  -2.097  1.00 7.58  ? 2   MLU H HD11 1 
HETATM 998  H  HD12 . MLU H 1 2 ? -5.268  -1.314  -1.631  1.00 7.58  ? 2   MLU H HD12 1 
HETATM 999  H  HD13 . MLU H 1 2 ? -6.644  -1.522  -2.420  1.00 7.58  ? 2   MLU H HD13 1 
HETATM 1000 H  HD21 . MLU H 1 2 ? -3.463  -2.972  -3.342  1.00 13.62 ? 2   MLU H HD21 1 
HETATM 1001 H  HD22 . MLU H 1 2 ? -3.153  -1.526  -2.730  1.00 13.62 ? 2   MLU H HD22 1 
HETATM 1002 H  HD23 . MLU H 1 2 ? -3.047  -1.766  -4.309  1.00 13.62 ? 2   MLU H HD23 1 
HETATM 1003 N  N    . DLY H 1 3 ? -8.803  -2.542  -6.536  1.00 5.43  ? 3   DLY H N    1 
HETATM 1004 C  CA   . DLY H 1 3 ? -9.848  -3.454  -6.968  1.00 5.70  ? 3   DLY H CA   1 
HETATM 1005 C  C    . DLY H 1 3 ? -10.879 -3.609  -5.851  1.00 5.95  ? 3   DLY H C    1 
HETATM 1006 O  O    . DLY H 1 3 ? -10.987 -2.771  -5.019  1.00 6.39  ? 3   DLY H O    1 
HETATM 1007 C  CB   . DLY H 1 3 ? -10.559 -2.900  -8.202  1.00 6.94  ? 3   DLY H CB   1 
HETATM 1008 C  CG   . DLY H 1 3 ? -9.597  -2.826  -9.390  1.00 11.54 ? 3   DLY H CG   1 
HETATM 1009 C  CD   . DLY H 1 3 ? -10.107 -1.832  -10.435 1.00 6.81  ? 3   DLY H CD   1 
HETATM 1010 C  CE   . DLY H 1 3 ? -9.152  -1.830  -11.629 1.00 15.50 ? 3   DLY H CE   1 
HETATM 1011 N  NZ   . DLY H 1 3 ? -9.713  -1.038  -12.708 1.00 14.74 ? 3   DLY H NZ   1 
HETATM 1012 H  H    . DLY H 1 3 ? -8.826  -1.747  -6.843  1.00 6.50  ? 3   DLY H H    1 
HETATM 1013 H  HA   . DLY H 1 3 ? -9.443  -4.310  -7.180  1.00 6.84  ? 3   DLY H HA   1 
HETATM 1014 H  HB2  . DLY H 1 3 ? -11.303 -3.479  -8.429  1.00 8.33  ? 3   DLY H HB2  1 
HETATM 1015 H  HB3  . DLY H 1 3 ? -10.891 -2.010  -8.006  1.00 8.33  ? 3   DLY H HB3  1 
HETATM 1016 H  HG2  . DLY H 1 3 ? -9.523  -3.705  -9.796  1.00 13.85 ? 3   DLY H HG2  1 
HETATM 1017 H  HG3  . DLY H 1 3 ? -8.725  -2.542  -9.078  1.00 13.85 ? 3   DLY H HG3  1 
HETATM 1018 H  HD2  . DLY H 1 3 ? -10.144 -0.944  -10.048 1.00 8.18  ? 3   DLY H HD2  1 
HETATM 1019 H  HD3  . DLY H 1 3 ? -10.993 -2.094  -10.728 1.00 8.18  ? 3   DLY H HD3  1 
HETATM 1020 H  HE2  . DLY H 1 3 ? -8.301  -1.451  -11.361 1.00 18.60 ? 3   DLY H HE2  1 
HETATM 1021 H  HE3  . DLY H 1 3 ? -9.018  -2.742  -11.935 1.00 18.60 ? 3   DLY H HE3  1 
HETATM 1022 H  HZ1  . DLY H 1 3 ? -9.256  -1.192  -13.457 1.00 17.69 ? 3   DLY H HZ1  1 
HETATM 1023 H  HZ2  . DLY H 1 3 ? -10.565 -1.264  -12.829 1.00 17.69 ? 3   DLY H HZ2  1 
HETATM 1024 H  HZ3  . DLY H 1 3 ? -9.660  -0.175  -12.500 1.00 17.69 ? 3   DLY H HZ3  1 
ATOM   1025 N  N    . SER H 1 4 ? -11.621 -4.714  -5.872  1.00 5.20  ? 4   SER H N    1 
ATOM   1026 C  CA   . SER H 1 4 ? -12.705 -4.923  -4.917  1.00 5.37  ? 4   SER H CA   1 
ATOM   1027 C  C    . SER H 1 4 ? -12.235 -5.188  -3.490  1.00 5.52  ? 4   SER H C    1 
ATOM   1028 O  O    . SER H 1 4 ? -12.980 -4.947  -2.547  1.00 8.81  ? 4   SER H O    1 
ATOM   1029 C  CB   . SER H 1 4 ? -13.587 -6.092  -5.361  1.00 5.94  ? 4   SER H CB   1 
ATOM   1030 O  OG   . SER H 1 4 ? -12.904 -7.328  -5.229  1.00 6.74  ? 4   SER H OG   1 
ATOM   1031 H  H    . SER H 1 4 ? -11.516 -5.359  -6.430  1.00 6.23  ? 4   SER H H    1 
ATOM   1032 H  HA   . SER H 1 4 ? -13.217 -4.100  -4.899  1.00 6.43  ? 4   SER H HA   1 
ATOM   1033 H  HB2  . SER H 1 4 ? -14.384 -6.113  -4.808  1.00 7.14  ? 4   SER H HB2  1 
ATOM   1034 H  HB3  . SER H 1 4 ? -13.831 -5.966  -6.291  1.00 7.14  ? 4   SER H HB3  1 
ATOM   1035 H  HG   . SER H 1 4 ? -12.242 -7.348  -5.746  1.00 8.09  ? 4   SER H HG   1 
HETATM 1036 N  N    . DTH H 1 5 ? -11.015 -5.685  -3.319  1.00 8.45  ? 5   DTH H N    1 
HETATM 1037 C  CA   . DTH H 1 5 ? -10.607 -6.153  -2.000  1.00 5.67  ? 5   DTH H CA   1 
HETATM 1038 C  CB   . DTH H 1 5 ? -9.261  -5.583  -1.563  1.00 7.50  ? 5   DTH H CB   1 
HETATM 1039 C  CG2  . DTH H 1 5 ? -9.209  -4.064  -1.752  1.00 8.21  ? 5   DTH H CG2  1 
HETATM 1040 O  OG1  . DTH H 1 5 ? -8.273  -6.201  -2.323  1.00 7.03  ? 5   DTH H OG1  1 
HETATM 1041 C  C    . DTH H 1 5 ? -10.483 -7.677  -2.008  1.00 6.70  ? 5   DTH H C    1 
HETATM 1042 O  O    . DTH H 1 5 ? -9.923  -8.234  -1.122  1.00 6.53  ? 5   DTH H O    1 
HETATM 1043 H  H    . DTH H 1 5 ? -10.445 -5.740  -3.957  1.00 10.14 ? 5   DTH H H    1 
HETATM 1044 H  HA   . DTH H 1 5 ? -11.288 -5.851  -1.379  1.00 6.78  ? 5   DTH H HA   1 
HETATM 1045 H  HB   . DTH H 1 5 ? -9.126  -5.754  -0.617  1.00 9.01  ? 5   DTH H HB   1 
HETATM 1046 H  HG21 . DTH H 1 5 ? -10.105 -3.727  -1.911  1.00 9.85  ? 5   DTH H HG21 1 
HETATM 1047 H  HG22 . DTH H 1 5 ? -8.645  -3.852  -2.512  1.00 9.85  ? 5   DTH H HG22 1 
HETATM 1048 H  HG23 . DTH H 1 5 ? -8.845  -3.651  -0.953  1.00 9.85  ? 5   DTH H HG23 1 
ATOM   1049 N  N    . ALA H 1 6 ? -11.031 -8.318  -3.036  1.00 5.29  ? 6   ALA H N    1 
ATOM   1050 C  CA   . ALA H 1 6 ? -10.980 -9.774  -3.155  1.00 7.33  ? 6   ALA H CA   1 
ATOM   1051 C  C    . ALA H 1 6 ? -9.538  -10.267 -3.296  1.00 6.24  ? 6   ALA H C    1 
ATOM   1052 O  O    . ALA H 1 6 ? -9.039  -11.006 -2.443  1.00 5.46  ? 6   ALA H O    1 
ATOM   1053 C  CB   . ALA H 1 6 ? -11.831 -10.244 -4.349  1.00 6.10  ? 6   ALA H CB   1 
ATOM   1054 H  H    . ALA H 1 6 ? -11.442 -7.930  -3.685  1.00 6.33  ? 6   ALA H H    1 
ATOM   1055 H  HA   . ALA H 1 6 ? -11.350 -10.167 -2.349  1.00 8.79  ? 6   ALA H HA   1 
ATOM   1056 H  HB1  . ALA H 1 6 ? -11.763 -11.208 -4.426  1.00 7.33  ? 6   ALA H HB1  1 
ATOM   1057 H  HB2  . ALA H 1 6 ? -12.754 -9.987  -4.199  1.00 7.33  ? 6   ALA H HB2  1 
ATOM   1058 H  HB3  . ALA H 1 6 ? -11.498 -9.823  -5.158  1.00 7.33  ? 6   ALA H HB3  1 
ATOM   1059 N  N    . LEU H 1 7 ? -8.873  -9.860  -4.383  1.00 10.68 ? 7   LEU H N    1 
ATOM   1060 C  CA   . LEU H 1 7 ? -7.470  -10.213 -4.577  1.00 7.59  ? 7   LEU H CA   1 
ATOM   1061 C  C    . LEU H 1 7 ? -6.560  -9.337  -3.729  1.00 8.16  ? 7   LEU H C    1 
ATOM   1062 O  O    . LEU H 1 7 ? -5.580  -9.822  -3.155  1.00 11.37 ? 7   LEU H O    1 
ATOM   1063 C  CB   . LEU H 1 7 ? -7.095  -10.086 -6.056  1.00 6.16  ? 7   LEU H CB   1 
ATOM   1064 C  CG   . LEU H 1 7 ? -7.650  -11.164 -6.989  1.00 7.91  ? 7   LEU H CG   1 
ATOM   1065 C  CD1  . LEU H 1 7 ? -7.325  -10.825 -8.440  1.00 9.19  ? 7   LEU H CD1  1 
ATOM   1066 C  CD2  . LEU H 1 7 ? -7.117  -12.557 -6.618  1.00 6.45  ? 7   LEU H CD2  1 
ATOM   1067 H  H    . LEU H 1 7 ? -9.210  -9.383  -5.014  1.00 12.82 ? 7   LEU H H    1 
ATOM   1068 H  HA   . LEU H 1 7 ? -7.341  -11.137 -4.314  1.00 9.11  ? 7   LEU H HA   1 
ATOM   1069 H  HB2  . LEU H 1 7 ? -7.423  -9.232  -6.378  1.00 7.40  ? 7   LEU H HB2  1 
ATOM   1070 H  HB3  . LEU H 1 7 ? -6.128  -10.118 -6.125  1.00 7.40  ? 7   LEU H HB3  1 
ATOM   1071 H  HG   . LEU H 1 7 ? -8.615  -11.192 -6.892  1.00 9.50  ? 7   LEU H HG   1 
ATOM   1072 H  HD11 . LEU H 1 7 ? -7.649  -11.538 -9.012  1.00 11.03 ? 7   LEU H HD11 1 
ATOM   1073 H  HD12 . LEU H 1 7 ? -7.760  -9.990  -8.674  1.00 11.03 ? 7   LEU H HD12 1 
ATOM   1074 H  HD13 . LEU H 1 7 ? -6.364  -10.734 -8.536  1.00 11.03 ? 7   LEU H HD13 1 
ATOM   1075 H  HD21 . LEU H 1 7 ? -7.347  -13.181 -7.324  1.00 7.74  ? 7   LEU H HD21 1 
ATOM   1076 H  HD22 . LEU H 1 7 ? -6.154  -12.510 -6.518  1.00 7.74  ? 7   LEU H HD22 1 
ATOM   1077 H  HD23 . LEU H 1 7 ? -7.523  -12.838 -5.783  1.00 7.74  ? 7   LEU H HD23 1 
ATOM   1078 N  N    . LEU H 1 8 ? -6.865  -8.049  -3.646  1.00 5.44  ? 8   LEU H N    1 
ATOM   1079 C  CA   . LEU H 1 8 ? -6.118  -7.134  -2.799  1.00 11.40 ? 8   LEU H CA   1 
ATOM   1080 C  C    . LEU H 1 8 ? -7.072  -6.458  -1.829  1.00 6.76  ? 8   LEU H C    1 
ATOM   1081 O  O    . LEU H 1 8 ? -6.731  -6.179  -0.681  1.00 11.04 ? 8   LEU H O    1 
ATOM   1082 C  CB   . LEU H 1 8 ? -5.385  -6.089  -3.644  1.00 5.70  ? 8   LEU H CB   1 
ATOM   1083 C  CG   . LEU H 1 8 ? -4.265  -6.644  -4.522  1.00 8.81  ? 8   LEU H CG   1 
ATOM   1084 C  CD1  . LEU H 1 8 ? -3.768  -5.588  -5.502  1.00 7.16  ? 8   LEU H CD1  1 
ATOM   1085 C  CD2  . LEU H 1 8 ? -3.130  -7.155  -3.658  1.00 9.09  ? 8   LEU H CD2  1 
ATOM   1086 H  H    . LEU H 1 8 ? -7.510  -7.676  -4.076  1.00 6.53  ? 8   LEU H H    1 
ATOM   1087 H  HA   . LEU H 1 8 ? -5.444  -7.617  -2.297  1.00 13.69 ? 8   LEU H HA   1 
ATOM   1088 H  HB2  . LEU H 1 8 ? -6.029  -5.660  -4.228  1.00 6.82  ? 8   LEU H HB2  1 
ATOM   1089 H  HB3  . LEU H 1 8 ? -4.990  -5.435  -3.046  1.00 6.82  ? 8   LEU H HB3  1 
ATOM   1090 H  HG   . LEU H 1 8 ? -4.609  -7.386  -5.046  1.00 10.58 ? 8   LEU H HG   1 
ATOM   1091 H  HD11 . LEU H 1 8 ? -3.071  -5.973  -6.056  1.00 8.60  ? 8   LEU H HD11 1 
ATOM   1092 H  HD12 . LEU H 1 8 ? -4.509  -5.297  -6.057  1.00 8.60  ? 8   LEU H HD12 1 
ATOM   1093 H  HD13 . LEU H 1 8 ? -3.415  -4.835  -5.002  1.00 8.60  ? 8   LEU H HD13 1 
ATOM   1094 H  HD21 . LEU H 1 8 ? -2.370  -7.361  -4.223  1.00 10.92 ? 8   LEU H HD21 1 
ATOM   1095 H  HD22 . LEU H 1 8 ? -2.888  -6.468  -3.016  1.00 10.92 ? 8   LEU H HD22 1 
ATOM   1096 H  HD23 . LEU H 1 8 ? -3.422  -7.954  -3.193  1.00 10.92 ? 8   LEU H HD23 1 
HETATM 1097 CD CD   . CD  I 2 . ? 6.942   4.943   -4.715  1.00 14.04 ? 101 CD  A CD   1 
HETATM 1098 CD CD   . CD  J 2 . ? 8.207   -4.012  5.230   1.00 10.94 ? 101 CD  B CD   1 
HETATM 1099 S  S    . SO4 K 3 . ? -3.949  11.062  1.124   1.00 50.01 ? 101 SO4 C S    1 
HETATM 1100 O  O1   . SO4 K 3 . ? -2.839  11.224  0.132   1.00 8.06  ? 101 SO4 C O1   1 
HETATM 1101 O  O2   . SO4 K 3 . ? -4.143  9.614   1.455   1.00 32.66 ? 101 SO4 C O2   1 
HETATM 1102 O  O3   . SO4 K 3 . ? -3.588  11.782  2.387   1.00 57.60 ? 101 SO4 C O3   1 
HETATM 1103 O  O4   . SO4 K 3 . ? -5.214  11.626  0.545   1.00 11.36 ? 101 SO4 C O4   1 
HETATM 1104 CD CD   . CD  L 2 . ? -8.152  3.092   -4.409  1.00 9.98  ? 102 CD  C CD   1 
HETATM 1105 CD CD   . CD  M 2 . ? -6.459  -4.908  4.324   1.00 15.15 ? 101 CD  E CD   1 
HETATM 1106 S  S    . SO4 N 3 . ? -0.969  -11.523 -1.136  1.00 43.79 ? 101 SO4 F S    1 
HETATM 1107 O  O1   . SO4 N 3 . ? -0.018  -12.346 -1.945  1.00 62.37 ? 101 SO4 F O1   1 
HETATM 1108 O  O2   . SO4 N 3 . ? -0.171  -10.850 -0.069  1.00 29.89 ? 101 SO4 F O2   1 
HETATM 1109 O  O3   . SO4 N 3 . ? -1.622  -10.471 -1.991  1.00 20.28 ? 101 SO4 F O3   1 
HETATM 1110 O  O4   . SO4 N 3 . ? -2.013  -12.426 -0.545  1.00 12.64 ? 101 SO4 F O4   1 
HETATM 1111 S  S    . SO4 O 3 . ? -10.835 -8.019  -7.755  1.00 8.49  ? 101 SO4 H S    1 
HETATM 1112 O  O1   . SO4 O 3 . ? -10.081 -8.956  -6.857  1.00 7.44  ? 101 SO4 H O1   1 
HETATM 1113 O  O2   . SO4 O 3 . ? -10.588 -8.396  -9.187  1.00 11.54 ? 101 SO4 H O2   1 
HETATM 1114 O  O3   . SO4 O 3 . ? -12.304 -8.106  -7.456  1.00 11.42 ? 101 SO4 H O3   1 
HETATM 1115 O  O4   . SO4 O 3 . ? -10.368 -6.615  -7.510  1.00 15.46 ? 101 SO4 H O4   1 
HETATM 1116 O  O    . HOH P 4 . ? 12.311  4.450   3.171   0.50 7.63  ? 201 HOH A O    1 
HETATM 1117 O  O    . HOH P 4 . ? 6.939   8.947   4.325   1.00 4.79  ? 202 HOH A O    1 
HETATM 1118 O  O    . HOH P 4 . ? 3.314   8.289   10.527  1.00 25.26 ? 203 HOH A O    1 
HETATM 1119 O  O    . HOH P 4 . ? 5.820   10.045  -5.123  1.00 23.39 ? 204 HOH A O    1 
HETATM 1120 O  O    . HOH P 4 . ? 9.759   2.944   6.710   1.00 13.70 ? 205 HOH A O    1 
HETATM 1121 O  O    . HOH P 4 . ? 3.500   15.278  -1.693  1.00 21.09 ? 206 HOH A O    1 
HETATM 1122 O  O    . HOH P 4 . ? 7.358   8.706   -3.296  1.00 11.67 ? 207 HOH A O    1 
HETATM 1123 O  O    . HOH P 4 . ? 6.588   9.103   -7.528  1.00 36.05 ? 208 HOH A O    1 
HETATM 1124 O  O    . HOH P 4 . ? 8.191   14.493  0.532   1.00 16.13 ? 209 HOH A O    1 
HETATM 1125 O  O    . HOH P 4 . ? 3.686   11.310  -4.062  1.00 19.11 ? 210 HOH A O    1 
HETATM 1126 O  O    . HOH P 4 . ? 7.877   5.151   -7.320  1.00 15.28 ? 211 HOH A O    1 
HETATM 1127 O  O    . HOH Q 4 . ? 15.934  -3.863  0.615   1.00 9.83  ? 201 HOH B O    1 
HETATM 1128 O  O    . HOH Q 4 . ? 12.116  -6.077  3.238   1.00 12.96 ? 202 HOH B O    1 
HETATM 1129 O  O    . HOH Q 4 . ? 11.233  -3.083  -9.829  1.00 17.47 ? 203 HOH B O    1 
HETATM 1130 O  O    . HOH Q 4 . ? 10.223  -2.506  -7.041  1.00 16.04 ? 204 HOH B O    1 
HETATM 1131 O  O    . HOH Q 4 . ? 16.382  -8.481  -4.524  1.00 13.25 ? 205 HOH B O    1 
HETATM 1132 O  O    . HOH Q 4 . ? 10.335  -6.571  -3.910  1.00 11.94 ? 206 HOH B O    1 
HETATM 1133 O  O    . HOH Q 4 . ? 11.820  -9.556  -2.988  1.00 13.21 ? 207 HOH B O    1 
HETATM 1134 O  O    . HOH Q 4 . ? 8.726   -7.863  3.140   1.00 13.75 ? 208 HOH B O    1 
HETATM 1135 O  O    . HOH Q 4 . ? 9.159   -5.043  -10.949 1.00 17.99 ? 209 HOH B O    1 
HETATM 1136 O  O    . HOH Q 4 . ? 6.229   -8.497  7.309   1.00 20.97 ? 210 HOH B O    1 
HETATM 1137 O  O    . HOH Q 4 . ? 13.596  -10.079 -4.921  1.00 29.83 ? 211 HOH B O    1 
HETATM 1138 O  O    . HOH Q 4 . ? 10.559  -5.488  5.552   1.00 10.60 ? 212 HOH B O    1 
HETATM 1139 O  O    . HOH Q 4 . ? 6.165   -6.125  8.911   1.00 14.78 ? 213 HOH B O    1 
HETATM 1140 O  O    . HOH Q 4 . ? 17.515  -9.851  -2.282  1.00 19.69 ? 214 HOH B O    1 
HETATM 1141 O  O    . HOH Q 4 . ? 14.955  -5.486  3.080   1.00 19.87 ? 215 HOH B O    1 
HETATM 1142 O  O    . HOH Q 4 . ? 3.982   -4.110  -10.690 1.00 27.74 ? 216 HOH B O    1 
HETATM 1143 O  O    . HOH R 4 . ? -7.331  10.876  0.796   1.00 11.71 ? 201 HOH C O    1 
HETATM 1144 O  O    . HOH R 4 . ? 2.136   16.693  -0.554  1.00 16.13 ? 202 HOH C O    1 
HETATM 1145 O  O    . HOH R 4 . ? 2.834   12.103  -1.655  1.00 11.95 ? 203 HOH C O    1 
HETATM 1146 O  O    . HOH R 4 . ? -7.582  11.013  -5.905  1.00 17.75 ? 204 HOH C O    1 
HETATM 1147 O  O    . HOH R 4 . ? -10.674 3.582   -2.029  1.00 26.38 ? 205 HOH C O    1 
HETATM 1148 O  O    . HOH R 4 . ? -5.945  7.498   -5.983  1.00 18.72 ? 206 HOH C O    1 
HETATM 1149 O  O    . HOH R 4 . ? -8.821  -0.094  -0.969  1.00 6.78  ? 207 HOH C O    1 
HETATM 1150 O  O    . HOH R 4 . ? -8.620  5.843   -4.233  1.00 11.76 ? 208 HOH C O    1 
HETATM 1151 O  O    . HOH R 4 . ? -10.692 2.321   -4.045  1.00 9.59  ? 209 HOH C O    1 
HETATM 1152 O  O    . HOH R 4 . ? -9.362  7.679   -5.420  1.00 29.75 ? 210 HOH C O    1 
HETATM 1153 O  O    . HOH S 4 . ? 6.969   -3.364  7.607   1.00 10.31 ? 101 HOH D O    1 
HETATM 1154 O  O    . HOH S 4 . ? 2.872   1.317   13.829  1.00 16.59 ? 102 HOH D O    1 
HETATM 1155 O  O    . HOH S 4 . ? -5.453  2.747   8.700   1.00 17.56 ? 103 HOH D O    1 
HETATM 1156 O  O    . HOH S 4 . ? 4.057   -5.528  10.832  1.00 8.89  ? 104 HOH D O    1 
HETATM 1157 O  O    . HOH S 4 . ? 1.659   1.220   9.395   1.00 17.16 ? 105 HOH D O    1 
HETATM 1158 O  O    . HOH S 4 . ? -4.927  -0.391  12.480  1.00 19.81 ? 106 HOH D O    1 
HETATM 1159 O  O    . HOH S 4 . ? 3.563   1.799   11.189  1.00 30.51 ? 107 HOH D O    1 
HETATM 1160 O  O    . HOH S 4 . ? -4.332  -2.080  10.927  1.00 20.15 ? 108 HOH D O    1 
HETATM 1161 O  O    . HOH S 4 . ? 8.570   0.553   6.850   1.00 15.13 ? 109 HOH D O    1 
HETATM 1162 O  O    . HOH S 4 . ? 10.629  2.396   4.236   1.00 6.73  ? 110 HOH D O    1 
HETATM 1163 O  O    . HOH T 4 . ? -9.829  5.351   5.839   1.00 21.11 ? 201 HOH E O    1 
HETATM 1164 O  O    . HOH T 4 . ? -9.203  -4.113  4.476   1.00 14.56 ? 202 HOH E O    1 
HETATM 1165 O  O    . HOH U 4 . ? 6.532   -14.876 0.409   1.00 20.75 ? 201 HOH F O    1 
HETATM 1166 O  O    . HOH U 4 . ? -3.719  -8.798  5.242   1.00 13.06 ? 202 HOH F O    1 
HETATM 1167 O  O    . HOH U 4 . ? -4.796  -12.347 5.383   1.00 20.38 ? 203 HOH F O    1 
HETATM 1168 O  O    . HOH U 4 . ? -8.088  -1.687  1.233   1.00 19.41 ? 204 HOH F O    1 
HETATM 1169 O  O    . HOH U 4 . ? -6.429  -7.681  4.127   1.00 18.04 ? 205 HOH F O    1 
HETATM 1170 O  O    . HOH U 4 . ? -6.496  -10.004 4.598   1.00 30.02 ? 206 HOH F O    1 
HETATM 1171 O  O    . HOH U 4 . ? 6.879   -10.523 3.799   1.00 24.44 ? 207 HOH F O    1 
HETATM 1172 O  O    . HOH U 4 . ? -10.494 -3.554  1.342   1.00 28.36 ? 208 HOH F O    1 
HETATM 1173 O  O    . HOH U 4 . ? -6.449  -13.092 3.471   1.00 13.85 ? 209 HOH F O    1 
HETATM 1174 O  O    . HOH V 4 . ? 2.875   -0.372  -14.445 1.00 22.27 ? 101 HOH G O    1 
HETATM 1175 O  O    . HOH V 4 . ? -5.124  -0.455  -10.612 1.00 19.25 ? 102 HOH G O    1 
HETATM 1176 O  O    . HOH V 4 . ? 7.266   1.903   -6.681  1.00 9.33  ? 103 HOH G O    1 
HETATM 1177 O  O    . HOH V 4 . ? 2.411   6.034   -11.352 1.00 8.51  ? 104 HOH G O    1 
HETATM 1178 O  O    . HOH V 4 . ? 1.397   -1.134  -9.389  1.00 8.46  ? 105 HOH G O    1 
HETATM 1179 O  O    . HOH V 4 . ? 5.743   4.665   -7.648  1.00 28.26 ? 106 HOH G O    1 
HETATM 1180 O  O    . HOH V 4 . ? 3.340   -1.591  -11.337 1.00 10.40 ? 107 HOH G O    1 
HETATM 1181 O  O    . HOH V 4 . ? 8.657   -3.642  -14.620 1.00 34.14 ? 108 HOH G O    1 
HETATM 1182 O  O    . HOH V 4 . ? 8.724   0.404   -6.531  1.00 24.03 ? 109 HOH G O    1 
HETATM 1183 O  O    . HOH W 4 . ? -10.099 -0.951  -3.291  1.00 14.75 ? 201 HOH H O    1 
HETATM 1184 O  O    . HOH W 4 . ? -8.842  -6.580  -5.249  1.00 5.89  ? 202 HOH H O    1 
HETATM 1185 O  O    . HOH W 4 . ? -14.782 -7.870  -8.572  1.00 19.23 ? 203 HOH H O    1 
HETATM 1186 O  O    . HOH W 4 . ? -7.124  -0.553  -13.606 1.00 17.71 ? 204 HOH H O    1 
HETATM 1187 O  O    . HOH W 4 . ? -9.446  0.166   -7.478  1.00 6.78  ? 205 HOH H O    1 
HETATM 1188 O  O    . HOH W 4 . ? -11.246 -11.506 -7.762  1.00 5.07  ? 206 HOH H O    1 
HETATM 1189 O  O    . HOH W 4 . ? -11.024 1.707   -13.109 1.00 31.48 ? 207 HOH H O    1 
HETATM 1190 O  O    . HOH W 4 . ? -7.341  -13.653 -2.576  1.00 24.26 ? 208 HOH H O    1 
HETATM 1191 O  O    . HOH W 4 . ? -10.799 2.520   -5.940  1.00 11.27 ? 209 HOH H O    1 
HETATM 1192 O  O    . HOH W 4 . ? -8.186  4.901   -9.383  1.00 27.38 ? 210 HOH H O    1 
HETATM 1193 O  O    . HOH W 4 . ? -6.901  1.433   -11.377 1.00 31.31 ? 211 HOH H O    1 
HETATM 1194 O  O    . HOH W 4 . ? -12.528 1.218   -14.920 1.00 17.32 ? 212 HOH H O    1 
# 
loop_
_atom_site_anisotrop.id 
_atom_site_anisotrop.type_symbol 
_atom_site_anisotrop.pdbx_label_atom_id 
_atom_site_anisotrop.pdbx_label_alt_id 
_atom_site_anisotrop.pdbx_label_comp_id 
_atom_site_anisotrop.pdbx_label_asym_id 
_atom_site_anisotrop.pdbx_label_seq_id 
_atom_site_anisotrop.pdbx_PDB_ins_code 
_atom_site_anisotrop.U[1][1] 
_atom_site_anisotrop.U[2][2] 
_atom_site_anisotrop.U[3][3] 
_atom_site_anisotrop.U[1][2] 
_atom_site_anisotrop.U[1][3] 
_atom_site_anisotrop.U[2][3] 
_atom_site_anisotrop.pdbx_auth_seq_id 
_atom_site_anisotrop.pdbx_auth_comp_id 
_atom_site_anisotrop.pdbx_auth_asym_id 
_atom_site_anisotrop.pdbx_auth_atom_id 
1    N N   . PHE A 1 ? 0.2851 0.2092 0.1754 -0.0165 0.0072  -0.0447 1 PHE A N   
2    C CA  . PHE A 1 ? 0.2100 0.1325 0.1110 -0.0115 -0.0019 -0.0374 1 PHE A CA  
3    C C   . PHE A 1 ? 0.1891 0.1105 0.1133 -0.0063 -0.0007 -0.0366 1 PHE A C   
4    O O   . PHE A 1 ? 0.1820 0.1010 0.1172 -0.0046 0.0039  -0.0454 1 PHE A O   
5    C CB  . PHE A 1 ? 0.2089 0.1324 0.1079 -0.0150 -0.0071 -0.0426 1 PHE A CB  
6    C CG  . PHE A 1 ? 0.2361 0.1650 0.1135 -0.0205 -0.0079 -0.0456 1 PHE A CG  
7    C CD1 . PHE A 1 ? 0.2379 0.1718 0.0993 -0.0186 -0.0140 -0.0364 1 PHE A CD1 
8    C CD2 . PHE A 1 ? 0.2316 0.1602 0.1041 -0.0266 -0.0035 -0.0583 1 PHE A CD2 
9    C CE1 . PHE A 1 ? 0.2377 0.1778 0.0779 -0.0231 -0.0161 -0.0381 1 PHE A CE1 
10   C CE2 . PHE A 1 ? 0.2464 0.1840 0.0997 -0.0324 -0.0042 -0.0609 1 PHE A CE2 
11   C CZ  . PHE A 1 ? 0.2570 0.2023 0.0966 -0.0302 -0.0105 -0.0493 1 PHE A CZ  
22   N N   . MLU A 2 ? 0.1672 0.0915 0.0991 -0.0026 -0.0057 -0.0271 2 MLU A N   
23   C CN  . MLU A 2 ? 0.2066 0.1330 0.1268 -0.0008 -0.0116 -0.0191 2 MLU A CN  
24   C CA  . MLU A 2 ? 0.1751 0.1009 0.1278 0.0011  -0.0057 -0.0257 2 MLU A CA  
25   C C   . MLU A 2 ? 0.2120 0.1427 0.1706 0.0038  -0.0028 -0.0202 2 MLU A C   
26   O O   . MLU A 2 ? 0.1529 0.0899 0.1257 0.0066  -0.0065 -0.0149 2 MLU A O   
27   C CB  . MLU A 2 ? 0.2583 0.1868 0.2181 -0.0002 -0.0147 -0.0211 2 MLU A CB  
28   C CG  . MLU A 2 ? 0.1876 0.1071 0.1422 -0.0056 -0.0169 -0.0277 2 MLU A CG  
29   C CD1 . MLU A 2 ? 0.2219 0.1276 0.1890 -0.0027 -0.0155 -0.0326 2 MLU A CD1 
30   C CD2 . MLU A 2 ? 0.1601 0.0879 0.1122 -0.0124 -0.0259 -0.0229 2 MLU A CD2 
44   N N   . DLY A 3 ? 0.1486 0.0774 0.0951 0.0007  0.0038  -0.0216 3 DLY A N   
45   C CA  . DLY A 3 ? 0.1768 0.1089 0.1272 -0.0002 0.0084  -0.0186 3 DLY A CA  
46   C C   . DLY A 3 ? 0.1583 0.1020 0.1309 0.0032  0.0136  -0.0243 3 DLY A C   
47   O O   . DLY A 3 ? 0.1401 0.0854 0.1183 0.0056  0.0162  -0.0328 3 DLY A O   
48   C CB  . DLY A 3 ? 0.1663 0.0935 0.0953 -0.0090 0.0151  -0.0197 3 DLY A CB  
49   C CG  . DLY A 3 ? 0.3014 0.2132 0.2055 -0.0106 0.0078  -0.0119 3 DLY A CG  
50   C CD  . DLY A 3 ? 0.3141 0.2156 0.1943 -0.0219 0.0129  -0.0087 3 DLY A CD  
51   C CE  . DLY A 3 ? 0.3909 0.2756 0.2417 -0.0240 0.0055  -0.0021 3 DLY A CE  
52   N NZ  . DLY A 3 ? 0.4920 0.3639 0.3398 -0.0131 -0.0071 0.0056  3 DLY A NZ  
66   N N   . SER A 4 ? 0.1241 0.0760 0.1088 0.0045  0.0142  -0.0203 4 SER A N   
67   C CA  . SER A 4 ? 0.1235 0.0906 0.1275 0.0080  0.0194  -0.0258 4 SER A CA  
68   C C   . SER A 4 ? 0.1541 0.1208 0.1755 0.0170  0.0133  -0.0268 4 SER A C   
69   O O   . SER A 4 ? 0.1112 0.0847 0.1444 0.0234  0.0161  -0.0352 4 SER A O   
70   C CB  . SER A 4 ? 0.2282 0.2059 0.2391 0.0056  0.0211  -0.0209 4 SER A CB  
71   O OG  . SER A 4 ? 0.1191 0.0978 0.1404 0.0098  0.0127  -0.0132 4 SER A OG  
77   N N   . DTH A 5 ? 0.1015 0.0605 0.1233 0.0172  0.0041  -0.0188 5 DTH A N   
78   C CA  . DTH A 5 ? 0.1350 0.0902 0.1698 0.0219  -0.0031 -0.0162 5 DTH A CA  
79   C CB  . DTH A 5 ? 0.1347 0.0740 0.1596 0.0180  -0.0104 -0.0147 5 DTH A CB  
80   C CG2 . DTH A 5 ? 0.1970 0.1261 0.2081 0.0169  -0.0058 -0.0247 5 DTH A CG2 
81   O OG1 . DTH A 5 ? 0.1027 0.0489 0.1211 0.0121  -0.0149 -0.0073 5 DTH A OG1 
82   C C   . DTH A 5 ? 0.1041 0.0726 0.1511 0.0215  -0.0075 -0.0067 5 DTH A C   
83   O O   . DTH A 5 ? 0.1128 0.0790 0.1674 0.0224  -0.0148 -0.0011 5 DTH A O   
90   N N   . ALA A 6 ? 0.0909 0.0719 0.1372 0.0188  -0.0033 -0.0052 6 ALA A N   
91   C CA  . ALA A 6 ? 0.0711 0.0680 0.1284 0.0177  -0.0070 0.0018  6 ALA A CA  
92   C C   . ALA A 6 ? 0.1219 0.1203 0.1737 0.0136  -0.0152 0.0072  6 ALA A C   
93   O O   . ALA A 6 ? 0.1333 0.1386 0.1923 0.0110  -0.0222 0.0131  6 ALA A O   
94   C CB  . ALA A 6 ? 0.0897 0.0970 0.1470 0.0154  -0.0001 -0.0005 6 ALA A CB  
100  N N   . LEU A 7 ? 0.1138 0.1074 0.1517 0.0126  -0.0151 0.0050  7 LEU A N   
101  C CA  . LEU A 7 ? 0.0853 0.0860 0.1183 0.0106  -0.0232 0.0070  7 LEU A CA  
102  C C   . LEU A 7 ? 0.1181 0.1102 0.1454 0.0065  -0.0274 0.0077  7 LEU A C   
103  O O   . LEU A 7 ? 0.0609 0.0642 0.0912 0.0005  -0.0342 0.0115  7 LEU A O   
104  C CB  . LEU A 7 ? 0.0957 0.0914 0.1142 0.0142  -0.0240 0.0037  7 LEU A CB  
105  C CG  . LEU A 7 ? 0.0879 0.0986 0.1030 0.0159  -0.0331 0.0027  7 LEU A CG  
106  C CD1 . LEU A 7 ? 0.0444 0.0763 0.0678 0.0129  -0.0286 0.0038  7 LEU A CD1 
107  C CD2 . LEU A 7 ? 0.0721 0.0699 0.0688 0.0224  -0.0357 -0.0005 7 LEU A CD2 
119  N N   . LEU A 8 ? 0.1560 0.1296 0.1739 0.0077  -0.0231 0.0031  8 LEU A N   
120  C CA  . LEU A 8 ? 0.0921 0.0541 0.1023 0.0030  -0.0265 0.0014  8 LEU A CA  
121  C C   . LEU A 8 ? 0.1144 0.0594 0.1291 0.0061  -0.0230 -0.0027 8 LEU A C   
122  O O   . LEU A 8 ? 0.1875 0.1189 0.2013 0.0031  -0.0278 -0.0027 8 LEU A O   
123  C CB  . LEU A 8 ? 0.1039 0.0622 0.0969 0.0023  -0.0262 -0.0031 8 LEU A CB  
124  C CG  . LEU A 8 ? 0.1763 0.1500 0.1638 0.0048  -0.0307 -0.0016 8 LEU A CG  
125  C CD1 . LEU A 8 ? 0.1803 0.1481 0.1491 0.0059  -0.0316 -0.0052 8 LEU A CD1 
126  C CD2 . LEU A 8 ? 0.1664 0.1622 0.1612 -0.0001 -0.0386 0.0013  8 LEU A CD2 
138  N N   . PHE B 1 ? 0.1004 0.1652 0.2049 0.0096  0.0006  -0.0253 1 PHE B N   
139  C CA  . PHE B 1 ? 0.1400 0.1976 0.2468 -0.0029 -0.0046 -0.0322 1 PHE B CA  
140  C C   . PHE B 1 ? 0.0643 0.1239 0.1760 -0.0002 -0.0101 -0.0274 1 PHE B C   
141  O O   . PHE B 1 ? 0.1112 0.1772 0.2204 0.0038  -0.0151 -0.0220 1 PHE B O   
142  C CB  . PHE B 1 ? 0.0521 0.1176 0.1587 -0.0069 -0.0134 -0.0354 1 PHE B CB  
143  C CG  . PHE B 1 ? 0.0838 0.1537 0.1901 -0.0091 -0.0106 -0.0401 1 PHE B CG  
144  C CD1 . PHE B 1 ? 0.0590 0.1279 0.1640 -0.0220 -0.0012 -0.0497 1 PHE B CD1 
145  C CD2 . PHE B 1 ? 0.0729 0.1445 0.1761 -0.0037 -0.0138 -0.0373 1 PHE B CD2 
146  C CE1 . PHE B 1 ? 0.1557 0.2285 0.2584 -0.0255 0.0025  -0.0543 1 PHE B CE1 
147  C CE2 . PHE B 1 ? 0.0481 0.1244 0.1513 -0.0050 -0.0119 -0.0410 1 PHE B CE2 
148  C CZ  . PHE B 1 ? 0.0534 0.1328 0.1586 -0.0137 -0.0051 -0.0489 1 PHE B CZ  
159  N N   . MLU B 2 ? 0.0589 0.1037 0.1590 -0.0069 -0.0059 -0.0279 2 MLU B N   
160  C CN  . MLU B 2 ? 0.0858 0.1070 0.1617 -0.0184 0.0089  -0.0329 2 MLU B CN  
161  C CA  . MLU B 2 ? 0.0513 0.1005 0.1583 -0.0053 -0.0126 -0.0241 2 MLU B CA  
162  C C   . MLU B 2 ? 0.0762 0.1048 0.1644 -0.0004 -0.0015 -0.0167 2 MLU B C   
163  O O   . MLU B 2 ? 0.1574 0.1823 0.2434 -0.0041 -0.0032 -0.0158 2 MLU B O   
164  C CB  . MLU B 2 ? 0.0802 0.1377 0.1862 -0.0134 -0.0182 -0.0278 2 MLU B CB  
165  C CG  . MLU B 2 ? 0.1474 0.2093 0.2513 -0.0058 -0.0235 -0.0223 2 MLU B CG  
166  C CD1 . MLU B 2 ? 0.1219 0.2036 0.2256 -0.0086 -0.0255 -0.0222 2 MLU B CD1 
167  C CD2 . MLU B 2 ? 0.1352 0.1930 0.2393 -0.0018 -0.0231 -0.0231 2 MLU B CD2 
181  N N   . DLY B 3 ? 0.0861 0.1022 0.1584 0.0114  0.0120  -0.0091 3 DLY B N   
182  C CA  . DLY B 3 ? 0.1688 0.1670 0.2207 0.0245  0.0259  0.0026  3 DLY B CA  
183  C C   . DLY B 3 ? 0.1164 0.1532 0.1872 0.0359  0.0146  0.0115  3 DLY B C   
184  O O   . DLY B 3 ? 0.1177 0.1852 0.2068 0.0341  0.0039  0.0088  3 DLY B O   
185  C CB  . DLY B 3 ? 0.2811 0.2468 0.3014 0.0378  0.0511  0.0106  3 DLY B CB  
186  C CG  . DLY B 3 ? 0.3600 0.2832 0.3558 0.0155  0.0655  -0.0034 3 DLY B CG  
187  C CD  . DLY B 3 ? 0.5019 0.3919 0.4736 0.0036  0.0778  -0.0074 3 DLY B CD  
188  C CE  . DLY B 3 ? 0.5432 0.4639 0.5382 -0.0199 0.0564  -0.0209 3 DLY B CE  
189  N NZ  . DLY B 3 ? 0.3354 0.2538 0.3286 -0.0164 0.0547  -0.0158 3 DLY B NZ  
203  N N   . SER B 4 ? 0.0927 0.1280 0.1560 0.0438  0.0185  0.0203  4 SER B N   
204  C CA  . SER B 4 ? 0.1797 0.2581 0.2571 0.0508  0.0100  0.0282  4 SER B CA  
205  C C   . SER B 4 ? 0.0532 0.1437 0.1519 0.0315  -0.0076 0.0171  4 SER B C   
206  O O   . SER B 4 ? 0.0496 0.1603 0.1505 0.0234  -0.0137 0.0122  4 SER B O   
207  C CB  . SER B 4 ? 0.0979 0.1685 0.1537 0.0655  0.0219  0.0417  4 SER B CB  
208  O OG  . SER B 4 ? 0.1000 0.1433 0.1548 0.0572  0.0212  0.0374  4 SER B OG  
214  N N   . DTH B 5 ? 0.0526 0.1170 0.1531 0.0209  -0.0113 0.0094  5 DTH B N   
215  C CA  . DTH B 5 ? 0.1144 0.1795 0.2219 0.0097  -0.0209 0.0036  5 DTH B CA  
216  C CB  . DTH B 5 ? 0.0858 0.1386 0.1931 0.0030  -0.0239 -0.0044 5 DTH B CB  
217  C CG2 . DTH B 5 ? 0.1372 0.1945 0.2442 0.0035  -0.0221 -0.0080 5 DTH B CG2 
218  O OG1 . DTH B 5 ? 0.0456 0.0931 0.1563 0.0002  -0.0243 -0.0066 5 DTH B OG1 
219  C C   . DTH B 5 ? 0.0774 0.1344 0.1854 0.0107  -0.0214 0.0084  5 DTH B C   
220  O O   . DTH B 5 ? 0.0660 0.1173 0.1734 0.0049  -0.0257 0.0060  5 DTH B O   
227  N N   . ALA B 6 ? 0.0614 0.1077 0.1524 0.0196  -0.0106 0.0156  6 ALA B N   
228  C CA  . ALA B 6 ? 0.0883 0.1224 0.1696 0.0204  -0.0073 0.0199  6 ALA B CA  
229  C C   . ALA B 6 ? 0.1652 0.1811 0.2402 0.0075  -0.0071 0.0111  6 ALA B C   
230  O O   . ALA B 6 ? 0.1738 0.1918 0.2504 0.0032  -0.0113 0.0116  6 ALA B O   
231  C CB  . ALA B 6 ? 0.0943 0.1166 0.1527 0.0372  0.0096  0.0316  6 ALA B CB  
237  N N   . LEU B 7 ? 0.1659 0.1711 0.2326 -0.0001 -0.0015 0.0030  7 LEU B N   
238  C CA  . LEU B 7 ? 0.1456 0.1510 0.2056 -0.0178 -0.0010 -0.0077 7 LEU B CA  
239  C C   . LEU B 7 ? 0.1049 0.1405 0.1863 -0.0212 -0.0146 -0.0123 7 LEU B C   
240  O O   . LEU B 7 ? 0.1135 0.1734 0.2017 -0.0264 -0.0215 -0.0137 7 LEU B O   
241  C CB  . LEU B 7 ? 0.1636 0.1368 0.1921 -0.0294 0.0194  -0.0157 7 LEU B CB  
242  C CG  . LEU B 7 ? 0.2405 0.1694 0.2370 -0.0191 0.0424  -0.0084 7 LEU B CG  
243  C CD1 . LEU B 7 ? 0.3258 0.2510 0.3234 0.0056  0.0476  0.0046  7 LEU B CD1 
244  C CD2 . LEU B 7 ? 0.4123 0.2984 0.3680 -0.0406 0.0677  -0.0212 7 LEU B CD2 
256  N N   . LEU B 8 ? 0.0947 0.1322 0.1847 -0.0159 -0.0164 -0.0130 8 LEU B N   
257  C CA  . LEU B 8 ? 0.1297 0.1891 0.2369 -0.0130 -0.0263 -0.0143 8 LEU B CA  
258  C C   . LEU B 8 ? 0.0509 0.1012 0.1585 -0.0032 -0.0268 -0.0096 8 LEU B C   
259  O O   . LEU B 8 ? 0.0747 0.1259 0.1825 0.0001  -0.0283 -0.0093 8 LEU B O   
260  C CB  . LEU B 8 ? 0.0567 0.1256 0.1587 -0.0223 -0.0234 -0.0224 8 LEU B CB  
261  C CG  . LEU B 8 ? 0.1307 0.2162 0.2199 -0.0394 -0.0198 -0.0293 8 LEU B CG  
262  C CD1 . LEU B 8 ? 0.1550 0.2455 0.2334 -0.0490 -0.0148 -0.0363 8 LEU B CD1 
263  C CD2 . LEU B 8 ? 0.0832 0.1961 0.1787 -0.0319 -0.0281 -0.0208 8 LEU B CD2 
275  N N   . PHE C 1 ? 0.0966 0.1100 0.2100 -0.0424 0.0065  -0.0044 1 PHE C N   
276  C CA  . PHE C 1 ? 0.0969 0.1017 0.1849 -0.0399 0.0039  0.0066  1 PHE C CA  
277  C C   . PHE C 1 ? 0.1416 0.1466 0.2267 -0.0322 -0.0080 0.0092  1 PHE C C   
278  O O   . PHE C 1 ? 0.0881 0.0913 0.1779 -0.0284 -0.0170 0.0076  1 PHE C O   
279  C CB  . PHE C 1 ? 0.1194 0.1153 0.1940 -0.0410 0.0046  0.0140  1 PHE C CB  
280  C CG  . PHE C 1 ? 0.1250 0.1132 0.1804 -0.0384 0.0020  0.0247  1 PHE C CG  
281  C CD1 . PHE C 1 ? 0.1210 0.1032 0.1624 -0.0424 0.0067  0.0294  1 PHE C CD1 
282  C CD2 . PHE C 1 ? 0.1129 0.0977 0.1643 -0.0325 -0.0051 0.0293  1 PHE C CD2 
283  C CE1 . PHE C 1 ? 0.1386 0.1144 0.1678 -0.0397 0.0018  0.0389  1 PHE C CE1 
284  C CE2 . PHE C 1 ? 0.1863 0.1659 0.2271 -0.0302 -0.0065 0.0381  1 PHE C CE2 
285  C CZ  . PHE C 1 ? 0.1812 0.1577 0.2135 -0.0333 -0.0042 0.0429  1 PHE C CZ  
296  N N   . MLU C 2 ? 0.1451 0.1489 0.2191 -0.0308 -0.0083 0.0135  2 MLU C N   
297  C CN  . MLU C 2 ? 0.1675 0.1690 0.2321 -0.0359 0.0002  0.0149  2 MLU C CN  
298  C CA  . MLU C 2 ? 0.1063 0.1079 0.1742 -0.0247 -0.0178 0.0169  2 MLU C CA  
299  C C   . MLU C 2 ? 0.1104 0.1169 0.1832 -0.0229 -0.0202 0.0123  2 MLU C C   
300  O O   . MLU C 2 ? 0.1563 0.1602 0.2174 -0.0214 -0.0221 0.0173  2 MLU C O   
301  C CB  . MLU C 2 ? 0.2049 0.1996 0.2563 -0.0245 -0.0167 0.0273  2 MLU C CB  
302  C CG  . MLU C 2 ? 0.1881 0.1779 0.2326 -0.0195 -0.0231 0.0316  2 MLU C CG  
303  C CD1 . MLU C 2 ? 0.1630 0.1476 0.2003 -0.0198 -0.0202 0.0405  2 MLU C CD1 
304  C CD2 . MLU C 2 ? 0.1655 0.1495 0.2113 -0.0169 -0.0286 0.0278  2 MLU C CD2 
318  N N   . DLY C 3 ? 0.0816 0.0950 0.1742 -0.0229 -0.0205 0.0024  3 DLY C N   
319  C CA  . DLY C 3 ? 0.1178 0.1360 0.2187 -0.0215 -0.0206 -0.0033 3 DLY C CA  
320  C C   . DLY C 3 ? 0.0989 0.1136 0.1963 -0.0149 -0.0341 -0.0028 3 DLY C C   
321  O O   . DLY C 3 ? 0.0802 0.0895 0.1767 -0.0117 -0.0439 -0.0026 3 DLY C O   
322  C CB  . DLY C 3 ? 0.1261 0.1536 0.2560 -0.0233 -0.0161 -0.0153 3 DLY C CB  
323  C CG  . DLY C 3 ? 0.2057 0.2334 0.3359 -0.0314 -0.0008 -0.0162 3 DLY C CG  
324  C CD  . DLY C 3 ? 0.2559 0.2913 0.4113 -0.0356 0.0112  -0.0283 3 DLY C CD  
325  C CE  . DLY C 3 ? 0.2122 0.2563 0.3988 -0.0318 0.0044  -0.0373 3 DLY C CE  
326  N NZ  . DLY C 3 ? 0.3714 0.4128 0.5538 -0.0344 0.0045  -0.0342 3 DLY C NZ  
340  N N   . SER C 4 ? 0.0907 0.1057 0.1826 -0.0137 -0.0339 -0.0028 4 SER C N   
341  C CA  . SER C 4 ? 0.0991 0.1096 0.1868 -0.0081 -0.0458 -0.0033 4 SER C CA  
342  C C   . SER C 4 ? 0.0807 0.0813 0.1447 -0.0069 -0.0499 0.0064  4 SER C C   
343  O O   . SER C 4 ? 0.0938 0.0857 0.1503 -0.0033 -0.0599 0.0064  4 SER C O   
344  C CB  . SER C 4 ? 0.0809 0.0947 0.1723 -0.0076 -0.0430 -0.0075 4 SER C CB  
345  O OG  . SER C 4 ? 0.0827 0.0933 0.1542 -0.0113 -0.0359 -0.0002 4 SER C OG  
351  N N   . DTH C 5 ? 0.1042 0.1045 0.1570 -0.0104 -0.0423 0.0143  5 DTH C N   
352  C CA  . DTH C 5 ? 0.0949 0.0880 0.1318 -0.0095 -0.0443 0.0226  5 DTH C CA  
353  C CB  . DTH C 5 ? 0.1139 0.1055 0.1479 -0.0120 -0.0387 0.0291  5 DTH C CB  
354  C CG2 . DTH C 5 ? 0.1037 0.0931 0.1436 -0.0116 -0.0391 0.0256  5 DTH C CG2 
355  O OG1 . DTH C 5 ? 0.1078 0.1033 0.1417 -0.0161 -0.0323 0.0314  5 DTH C OG1 
356  C C   . DTH C 5 ? 0.0976 0.0912 0.1262 -0.0106 -0.0435 0.0264  5 DTH C C   
357  O O   . DTH C 5 ? 0.1595 0.1502 0.1801 -0.0115 -0.0431 0.0337  5 DTH C O   
364  N N   . ALA C 6 ? 0.0814 0.0785 0.1141 -0.0108 -0.0432 0.0206  6 ALA C N   
365  C CA  . ALA C 6 ? 0.1464 0.1412 0.1684 -0.0122 -0.0431 0.0238  6 ALA C CA  
366  C C   . ALA C 6 ? 0.1289 0.1210 0.1411 -0.0172 -0.0386 0.0319  6 ALA C C   
367  O O   . ALA C 6 ? 0.1160 0.1042 0.1187 -0.0181 -0.0423 0.0385  6 ALA C O   
368  C CB  . ALA C 6 ? 0.1564 0.1535 0.1846 -0.0124 -0.0404 0.0155  6 ALA C CB  
374  N N   . LEU C 7 ? 0.0968 0.0894 0.1115 -0.0209 -0.0319 0.0313  7 LEU C N   
375  C CA  . LEU C 7 ? 0.1489 0.1351 0.1528 -0.0257 -0.0301 0.0392  7 LEU C CA  
376  C C   . LEU C 7 ? 0.0931 0.0808 0.1032 -0.0245 -0.0302 0.0434  7 LEU C C   
377  O O   . LEU C 7 ? 0.1211 0.1090 0.1313 -0.0224 -0.0331 0.0475  7 LEU C O   
378  C CB  . LEU C 7 ? 0.1788 0.1584 0.1739 -0.0324 -0.0215 0.0359  7 LEU C CB  
379  C CG  . LEU C 7 ? 0.1204 0.0958 0.1080 -0.0343 -0.0190 0.0312  7 LEU C CG  
380  C CD1 . LEU C 7 ? 0.1388 0.1038 0.1155 -0.0421 -0.0070 0.0266  7 LEU C CD1 
381  C CD2 . LEU C 7 ? 0.1385 0.1068 0.1113 -0.0345 -0.0278 0.0390  7 LEU C CD2 
393  N N   . LEU C 8 ? 0.0928 0.0834 0.1110 -0.0250 -0.0250 0.0384  8 LEU C N   
394  C CA  . LEU C 8 ? 0.1183 0.1091 0.1416 -0.0234 -0.0250 0.0413  8 LEU C CA  
395  C C   . LEU C 8 ? 0.1468 0.1396 0.1762 -0.0181 -0.0295 0.0386  8 LEU C C   
396  O O   . LEU C 8 ? 0.1292 0.1183 0.1582 -0.0161 -0.0302 0.0427  8 LEU C O   
397  C CB  . LEU C 8 ? 0.2061 0.1973 0.2336 -0.0271 -0.0180 0.0371  8 LEU C CB  
398  C CG  . LEU C 8 ? 0.1834 0.1659 0.1985 -0.0338 -0.0129 0.0409  8 LEU C CG  
399  C CD1 . LEU C 8 ? 0.1932 0.1712 0.1985 -0.0382 -0.0094 0.0378  8 LEU C CD1 
400  C CD2 . LEU C 8 ? 0.2413 0.2226 0.2599 -0.0376 -0.0056 0.0375  8 LEU C CD2 
412  N N   . PHE D 1 ? 0.1220 0.1325 0.0942 -0.0197 0.0334  -0.0494 1 PHE D N   
413  C CA  . PHE D 1 ? 0.1114 0.1109 0.0820 -0.0233 0.0362  -0.0466 1 PHE D CA  
414  C C   . PHE D 1 ? 0.1097 0.0996 0.0775 -0.0187 0.0353  -0.0422 1 PHE D C   
415  O O   . PHE D 1 ? 0.1054 0.0964 0.0724 -0.0128 0.0325  -0.0397 1 PHE D O   
416  C CB  . PHE D 1 ? 0.1091 0.1096 0.0788 -0.0239 0.0362  -0.0444 1 PHE D CB  
417  C CG  . PHE D 1 ? 0.1294 0.1407 0.1020 -0.0274 0.0364  -0.0483 1 PHE D CG  
418  C CD1 . PHE D 1 ? 0.1383 0.1522 0.1139 -0.0346 0.0401  -0.0531 1 PHE D CD1 
419  C CD2 . PHE D 1 ? 0.1281 0.1472 0.1012 -0.0241 0.0336  -0.0475 1 PHE D CD2 
420  C CE1 . PHE D 1 ? 0.1461 0.1717 0.1255 -0.0386 0.0405  -0.0574 1 PHE D CE1 
421  C CE2 . PHE D 1 ? 0.1239 0.1539 0.1001 -0.0273 0.0335  -0.0510 1 PHE D CE2 
422  C CZ  . PHE D 1 ? 0.1214 0.1554 0.1007 -0.0344 0.0367  -0.0558 1 PHE D CZ  
433  N N   . MLU D 2 ? 0.1139 0.0941 0.0804 -0.0214 0.0384  -0.0412 2 MLU D N   
434  C CN  . MLU D 2 ? 0.1219 0.0984 0.0896 -0.0288 0.0440  -0.0446 2 MLU D CN  
435  C CA  . MLU D 2 ? 0.1169 0.0897 0.0812 -0.0174 0.0374  -0.0369 2 MLU D CA  
436  C C   . MLU D 2 ? 0.1595 0.1303 0.1242 -0.0161 0.0373  -0.0385 2 MLU D C   
437  O O   . MLU D 2 ? 0.2216 0.1843 0.1846 -0.0144 0.0378  -0.0352 2 MLU D O   
438  C CB  . MLU D 2 ? 0.1895 0.1533 0.1508 -0.0190 0.0405  -0.0332 2 MLU D CB  
439  C CG  . MLU D 2 ? 0.3029 0.2640 0.2628 -0.0141 0.0381  -0.0289 2 MLU D CG  
440  C CD1 . MLU D 2 ? 0.2721 0.2252 0.2276 -0.0146 0.0417  -0.0257 2 MLU D CD1 
441  C CD2 . MLU D 2 ? 0.2439 0.2132 0.2059 -0.0111 0.0346  -0.0290 2 MLU D CD2 
455  N N   . DLY D 3 ? 0.1169 0.0960 0.0835 -0.0162 0.0364  -0.0437 3 DLY D N   
456  C CA  . DLY D 3 ? 0.1399 0.1202 0.1061 -0.0127 0.0350  -0.0456 3 DLY D CA  
457  C C   . DLY D 3 ? 0.1360 0.1195 0.0996 -0.0041 0.0312  -0.0421 3 DLY D C   
458  O O   . DLY D 3 ? 0.1274 0.1138 0.0910 -0.0021 0.0301  -0.0399 3 DLY D O   
459  C CB  . DLY D 3 ? 0.1948 0.1852 0.1641 -0.0157 0.0355  -0.0533 3 DLY D CB  
460  C CG  . DLY D 3 ? 0.1306 0.1174 0.1044 -0.0250 0.0410  -0.0575 3 DLY D CG  
461  C CD  . DLY D 3 ? 0.3644 0.3608 0.3435 -0.0286 0.0421  -0.0667 3 DLY D CD  
462  C CE  . DLY D 3 ? 0.2362 0.2227 0.2184 -0.0343 0.0478  -0.0696 3 DLY D CE  
463  N NZ  . DLY D 3 ? 0.4619 0.4344 0.4387 -0.0300 0.0475  -0.0626 3 DLY D NZ  
477  N N   . SER D 4 ? 0.1387 0.1214 0.1002 0.0011  0.0300  -0.0417 4 SER D N   
478  C CA  . SER D 4 ? 0.1740 0.1600 0.1328 0.0102  0.0278  -0.0385 4 SER D CA  
479  C C   . SER D 4 ? 0.1589 0.1400 0.1213 0.0105  0.0273  -0.0338 4 SER D C   
480  O O   . SER D 4 ? 0.1009 0.0864 0.0657 0.0146  0.0266  -0.0321 4 SER D O   
481  C CB  . SER D 4 ? 0.1932 0.1805 0.1470 0.0160  0.0278  -0.0398 4 SER D CB  
482  O OG  . SER D 4 ? 0.1172 0.1001 0.0737 0.0143  0.0272  -0.0404 4 SER D OG  
488  N N   . DTH D 5 ? 0.1048 0.0763 0.0678 0.0052  0.0291  -0.0317 5 DTH D N   
489  C CA  . DTH D 5 ? 0.1214 0.0860 0.0854 0.0057  0.0295  -0.0264 5 DTH D CA  
490  C CB  . DTH D 5 ? 0.1790 0.1382 0.1426 0.0016  0.0310  -0.0239 5 DTH D CB  
491  C CG2 . DTH D 5 ? 0.1050 0.0702 0.0700 0.0004  0.0304  -0.0259 5 DTH D CG2 
492  O OG1 . DTH D 5 ? 0.1405 0.0933 0.1016 -0.0022 0.0334  -0.0240 5 DTH D OG1 
493  C C   . DTH D 5 ? 0.1203 0.0790 0.0829 0.0064  0.0302  -0.0248 5 DTH D C   
494  O O   . DTH D 5 ? 0.1702 0.1220 0.1318 0.0059  0.0311  -0.0203 5 DTH D O   
501  N N   . ALA D 6 ? 0.1077 0.0708 0.0697 0.0083  0.0294  -0.0292 6 ALA D N   
502  C CA  . ALA D 6 ? 0.1862 0.1452 0.1471 0.0098  0.0297  -0.0288 6 ALA D CA  
503  C C   . ALA D 6 ? 0.1663 0.1141 0.1252 0.0051  0.0327  -0.0265 6 ALA D C   
504  O O   . ALA D 6 ? 0.1535 0.0949 0.1105 0.0061  0.0335  -0.0227 6 ALA D O   
505  C CB  . ALA D 6 ? 0.1311 0.1001 0.0916 0.0137  0.0279  -0.0359 6 ALA D CB  
511  N N   . LEU D 7 ? 0.1709 0.1165 0.1296 0.0000  0.0350  -0.0285 7 LEU D N   
512  C CA  . LEU D 7 ? 0.1794 0.1144 0.1358 -0.0040 0.0394  -0.0255 7 LEU D CA  
513  C C   . LEU D 7 ? 0.1338 0.0665 0.0884 -0.0049 0.0401  -0.0208 7 LEU D C   
514  O O   . LEU D 7 ? 0.1622 0.0899 0.1140 -0.0030 0.0409  -0.0156 7 LEU D O   
515  C CB  . LEU D 7 ? 0.2510 0.1843 0.2089 -0.0091 0.0431  -0.0310 7 LEU D CB  
516  C CG  . LEU D 7 ? 0.1946 0.1163 0.1502 -0.0128 0.0496  -0.0279 7 LEU D CG  
517  C CD1 . LEU D 7 ? 0.1606 0.0745 0.1132 -0.0101 0.0511  -0.0242 7 LEU D CD1 
518  C CD2 . LEU D 7 ? 0.2108 0.1315 0.1702 -0.0188 0.0544  -0.0343 7 LEU D CD2 
530  N N   . LEU D 8 ? 0.1542 0.0920 0.1106 -0.0071 0.0398  -0.0232 8 LEU D N   
531  C CA  . LEU D 8 ? 0.1323 0.0707 0.0879 -0.0070 0.0394  -0.0205 8 LEU D CA  
532  C C   . LEU D 8 ? 0.1449 0.0908 0.1036 -0.0036 0.0354  -0.0204 8 LEU D C   
533  O O   . LEU D 8 ? 0.1210 0.0670 0.0800 -0.0018 0.0345  -0.0178 8 LEU D O   
534  C CB  . LEU D 8 ? 0.1185 0.0583 0.0742 -0.0111 0.0416  -0.0232 8 LEU D CB  
535  C CG  . LEU D 8 ? 0.1735 0.1037 0.1268 -0.0158 0.0486  -0.0239 8 LEU D CG  
536  C CD1 . LEU D 8 ? 0.1419 0.0708 0.0944 -0.0213 0.0535  -0.0262 8 LEU D CD1 
537  C CD2 . LEU D 8 ? 0.2446 0.1619 0.1919 -0.0143 0.0535  -0.0182 8 LEU D CD2 
549  N N   . PHE E 1 ? 0.1800 0.3207 0.3552 -0.0827 -0.0453 -0.0183 1 PHE E N   
550  C CA  . PHE E 1 ? 0.1174 0.2523 0.2686 -0.0734 -0.0398 -0.0290 1 PHE E CA  
551  C C   . PHE E 1 ? 0.1147 0.2510 0.2628 -0.0680 -0.0407 -0.0334 1 PHE E C   
552  O O   . PHE E 1 ? 0.1238 0.2501 0.2711 -0.0704 -0.0520 -0.0324 1 PHE E O   
553  C CB  . PHE E 1 ? 0.1241 0.2281 0.2428 -0.0696 -0.0456 -0.0398 1 PHE E CB  
554  C CG  . PHE E 1 ? 0.1759 0.2756 0.2931 -0.0734 -0.0448 -0.0380 1 PHE E CG  
555  C CD1 . PHE E 1 ? 0.1371 0.2569 0.2545 -0.0719 -0.0302 -0.0371 1 PHE E CD1 
556  C CD2 . PHE E 1 ? 0.1520 0.2308 0.2577 -0.0780 -0.0559 -0.0369 1 PHE E CD2 
557  C CE1 . PHE E 1 ? 0.1254 0.2391 0.2368 -0.0734 -0.0286 -0.0328 1 PHE E CE1 
558  C CE2 . PHE E 1 ? 0.1633 0.2381 0.2677 -0.0817 -0.0551 -0.0357 1 PHE E CE2 
559  C CZ  . PHE E 1 ? 0.1359 0.2287 0.2506 -0.0811 -0.0437 -0.0345 1 PHE E CZ  
570  N N   . MLU E 2 ? 0.1048 0.2551 0.2476 -0.0604 -0.0291 -0.0394 2 MLU E N   
571  C CN  . MLU E 2 ? 0.0997 0.2634 0.2353 -0.0541 -0.0157 -0.0414 2 MLU E CN  
572  C CA  . MLU E 2 ? 0.1467 0.2962 0.2884 -0.0557 -0.0313 -0.0428 2 MLU E CA  
573  C C   . MLU E 2 ? 0.0965 0.2740 0.2566 -0.0515 -0.0220 -0.0383 2 MLU E C   
574  O O   . MLU E 2 ? 0.1514 0.3321 0.3054 -0.0430 -0.0178 -0.0457 2 MLU E O   
575  C CB  . MLU E 2 ? 0.1017 0.2342 0.2183 -0.0486 -0.0301 -0.0542 2 MLU E CB  
576  C CG  . MLU E 2 ? 0.1034 0.2321 0.2187 -0.0455 -0.0355 -0.0553 2 MLU E CG  
577  C CD1 . MLU E 2 ? 0.1004 0.2195 0.1999 -0.0390 -0.0323 -0.0622 2 MLU E CD1 
578  C CD2 . MLU E 2 ? 0.1230 0.2395 0.2343 -0.0487 -0.0482 -0.0528 2 MLU E CD2 
592  N N   . DLY E 3 ? 0.1295 0.3271 0.3141 -0.0562 -0.0193 -0.0243 3 DLY E N   
593  C CA  . DLY E 3 ? 0.1441 0.3697 0.3452 -0.0496 -0.0098 -0.0168 3 DLY E CA  
594  C C   . DLY E 3 ? 0.1547 0.3787 0.3759 -0.0543 -0.0194 -0.0109 3 DLY E C   
595  O O   . DLY E 3 ? 0.1286 0.3394 0.3517 -0.0636 -0.0321 -0.0077 3 DLY E O   
596  C CB  . DLY E 3 ? 0.2879 0.5399 0.5050 -0.0489 0.0015  0.0008  3 DLY E CB  
597  C CG  . DLY E 3 ? 0.4001 0.6467 0.6013 -0.0488 0.0064  0.0022  3 DLY E CG  
598  C CD  . DLY E 3 ? 0.3881 0.6650 0.5858 -0.0342 0.0236  0.0115  3 DLY E CD  
599  C CE  . DLY E 3 ? 0.4482 0.7177 0.6260 -0.0312 0.0285  0.0124  3 DLY E CE  
600  N NZ  . DLY E 3 ? 0.3912 0.6782 0.5922 -0.0387 0.0331  0.0383  3 DLY E NZ  
614  N N   . SER E 4 ? 0.1628 0.4033 0.3922 -0.0466 -0.0139 -0.0099 4 SER E N   
615  C CA  . SER E 4 ? 0.1086 0.3527 0.3612 -0.0498 -0.0212 -0.0040 4 SER E CA  
616  C C   . SER E 4 ? 0.2527 0.4771 0.4863 -0.0535 -0.0354 -0.0115 4 SER E C   
617  O O   . SER E 4 ? 0.1125 0.3368 0.3518 -0.0592 -0.0439 -0.0119 4 SER E O   
618  C CB  . SER E 4 ? 0.1227 0.3895 0.3831 -0.0388 -0.0110 -0.0030 4 SER E CB  
619  O OG  . SER E 4 ? 0.2083 0.4676 0.4462 -0.0298 -0.0110 -0.0158 4 SER E OG  
625  N N   . DTH E 5 ? 0.1187 0.3258 0.3292 -0.0472 -0.0350 -0.0244 5 DTH E N   
626  C CA  . DTH E 5 ? 0.1051 0.2956 0.3026 -0.0462 -0.0451 -0.0311 5 DTH E CA  
627  C CB  . DTH E 5 ? 0.1235 0.2937 0.2959 -0.0447 -0.0467 -0.0398 5 DTH E CB  
628  C CG2 . DTH E 5 ? 0.1100 0.2713 0.2780 -0.0513 -0.0492 -0.0379 5 DTH E CG2 
629  O OG1 . DTH E 5 ? 0.1358 0.3082 0.3013 -0.0381 -0.0371 -0.0454 5 DTH E OG1 
630  C C   . DTH E 5 ? 0.1380 0.3367 0.3393 -0.0383 -0.0421 -0.0339 5 DTH E C   
631  O O   . DTH E 5 ? 0.1276 0.3168 0.3195 -0.0353 -0.0474 -0.0384 5 DTH E O   
638  N N   . ALA E 6 ? 0.1078 0.3259 0.3237 -0.0339 -0.0336 -0.0302 6 ALA E N   
639  C CA  . ALA E 6 ? 0.1715 0.3973 0.3931 -0.0256 -0.0322 -0.0328 6 ALA E CA  
640  C C   . ALA E 6 ? 0.1557 0.3680 0.3627 -0.0188 -0.0319 -0.0425 6 ALA E C   
641  O O   . ALA E 6 ? 0.1416 0.3475 0.3486 -0.0168 -0.0378 -0.0436 6 ALA E O   
642  C CB  . ALA E 6 ? 0.1371 0.3872 0.3737 -0.0188 -0.0225 -0.0287 6 ALA E CB  
648  N N   . LEU E 7 ? 0.1590 0.3687 0.3568 -0.0150 -0.0256 -0.0484 7 LEU E N   
649  C CA  . LEU E 7 ? 0.1473 0.3427 0.3361 -0.0096 -0.0266 -0.0564 7 LEU E CA  
650  C C   . LEU E 7 ? 0.0962 0.2750 0.2699 -0.0160 -0.0288 -0.0571 7 LEU E C   
651  O O   . LEU E 7 ? 0.1370 0.3056 0.3078 -0.0150 -0.0326 -0.0572 7 LEU E O   
652  C CB  . LEU E 7 ? 0.1519 0.3535 0.3406 0.0011  -0.0209 -0.0650 7 LEU E CB  
653  C CG  . LEU E 7 ? 0.0917 0.2770 0.2765 0.0073  -0.0237 -0.0742 7 LEU E CG  
654  C CD1 . LEU E 7 ? 0.0938 0.2699 0.2899 0.0097  -0.0307 -0.0726 7 LEU E CD1 
655  C CD2 . LEU E 7 ? 0.2003 0.3929 0.3832 0.0203  -0.0205 -0.0849 7 LEU E CD2 
667  N N   . LEU E 8 ? 0.0886 0.2667 0.2546 -0.0216 -0.0265 -0.0561 8 LEU E N   
668  C CA  . LEU E 8 ? 0.0903 0.2525 0.2402 -0.0271 -0.0298 -0.0570 8 LEU E CA  
669  C C   . LEU E 8 ? 0.1416 0.3019 0.2920 -0.0341 -0.0377 -0.0515 8 LEU E C   
670  O O   . LEU E 8 ? 0.1501 0.3002 0.2895 -0.0349 -0.0450 -0.0526 8 LEU E O   
671  C CB  . LEU E 8 ? 0.1836 0.3421 0.3240 -0.0273 -0.0240 -0.0616 8 LEU E CB  
672  C CG  . LEU E 8 ? 0.0844 0.2412 0.2245 -0.0186 -0.0198 -0.0700 8 LEU E CG  
673  C CD1 . LEU E 8 ? 0.0830 0.2405 0.2148 -0.0171 -0.0147 -0.0760 8 LEU E CD1 
674  C CD2 . LEU E 8 ? 0.1505 0.2925 0.2870 -0.0177 -0.0236 -0.0705 8 LEU E CD2 
686  N N   . PHE F 1 ? 0.2397 0.1167 0.1182 -0.0047 -0.0402 0.0381  1 PHE F N   
687  C CA  . PHE F 1 ? 0.2540 0.1428 0.1247 -0.0117 -0.0418 0.0400  1 PHE F CA  
688  C C   . PHE F 1 ? 0.2371 0.1234 0.1015 -0.0111 -0.0403 0.0280  1 PHE F C   
689  O O   . PHE F 1 ? 0.2801 0.1420 0.1418 -0.0095 -0.0375 0.0241  1 PHE F O   
690  C CB  . PHE F 1 ? 0.2578 0.1296 0.1275 -0.0175 -0.0409 0.0520  1 PHE F CB  
691  C CG  . PHE F 1 ? 0.2581 0.1411 0.1222 -0.0255 -0.0431 0.0552  1 PHE F CG  
692  C CD1 . PHE F 1 ? 0.2558 0.1691 0.1206 -0.0289 -0.0460 0.0613  1 PHE F CD1 
693  C CD2 . PHE F 1 ? 0.2647 0.1289 0.1229 -0.0297 -0.0425 0.0526  1 PHE F CD2 
694  C CE1 . PHE F 1 ? 0.2587 0.1837 0.1208 -0.0357 -0.0474 0.0658  1 PHE F CE1 
695  C CE2 . PHE F 1 ? 0.2678 0.1439 0.1235 -0.0377 -0.0452 0.0567  1 PHE F CE2 
696  C CZ  . PHE F 1 ? 0.2641 0.1709 0.1229 -0.0405 -0.0473 0.0639  1 PHE F CZ  
707  N N   . MLU F 2 ? 0.2821 0.1934 0.1437 -0.0123 -0.0415 0.0231  2 MLU F N   
708  C CN  . MLU F 2 ? 0.2457 0.1848 0.1069 -0.0143 -0.0441 0.0272  2 MLU F CN  
709  C CA  . MLU F 2 ? 0.2756 0.1866 0.1340 -0.0112 -0.0395 0.0136  2 MLU F CA  
710  C C   . MLU F 2 ? 0.2226 0.1499 0.0832 -0.0052 -0.0378 0.0023  2 MLU F C   
711  O O   . MLU F 2 ? 0.2884 0.2379 0.1466 -0.0064 -0.0372 -0.0003 2 MLU F O   
712  C CB  . MLU F 2 ? 0.2555 0.1809 0.1104 -0.0182 -0.0410 0.0183  2 MLU F CB  
713  C CG  . MLU F 2 ? 0.3375 0.2459 0.1899 -0.0256 -0.0430 0.0276  2 MLU F CG  
714  C CD1 . MLU F 2 ? 0.3969 0.2866 0.2451 -0.0261 -0.0426 0.0214  2 MLU F CD1 
715  C CD2 . MLU F 2 ? 0.4060 0.3367 0.2589 -0.0331 -0.0455 0.0369  2 MLU F CD2 
729  N N   . DLY F 3 ? 0.2256 0.1419 0.0914 0.0013  -0.0363 -0.0042 3 DLY F N   
730  C CA  . DLY F 3 ? 0.2730 0.2030 0.1417 0.0063  -0.0349 -0.0153 3 DLY F CA  
731  C C   . DLY F 3 ? 0.2518 0.1774 0.1213 0.0105  -0.0302 -0.0250 3 DLY F C   
732  O O   . DLY F 3 ? 0.1995 0.1060 0.0691 0.0118  -0.0286 -0.0246 3 DLY F O   
733  C CB  . DLY F 3 ? 0.2186 0.1398 0.0952 0.0112  -0.0357 -0.0176 3 DLY F CB  
734  C CG  . DLY F 3 ? 0.2939 0.2306 0.1704 0.0075  -0.0411 -0.0103 3 DLY F CG  
735  C CD  . DLY F 3 ? 0.3526 0.2730 0.2366 0.0080  -0.0426 0.0005  3 DLY F CD  
736  C CE  . DLY F 3 ? 0.3505 0.2546 0.2455 0.0153  -0.0403 -0.0052 3 DLY F CE  
737  N NZ  . DLY F 3 ? 0.3552 0.2739 0.2568 0.0159  -0.0448 -0.0080 3 DLY F NZ  
751  N N   . SER F 4 ? 0.2385 0.1845 0.1115 0.0120  -0.0271 -0.0324 4 SER F N   
752  C CA  . SER F 4 ? 0.2648 0.2134 0.1502 0.0156  -0.0200 -0.0388 4 SER F CA  
753  C C   . SER F 4 ? 0.2395 0.1922 0.1201 0.0130  -0.0192 -0.0357 4 SER F C   
754  O O   . SER F 4 ? 0.1933 0.1416 0.0819 0.0157  -0.0154 -0.0379 4 SER F O   
755  C CB  . SER F 4 ? 0.1790 0.1442 0.0720 0.0167  -0.0155 -0.0464 4 SER F CB  
756  O OG  . SER F 4 ? 0.1863 0.1693 0.0693 0.0129  -0.0156 -0.0453 4 SER F OG  
762  N N   . DTH F 5 ? 0.2039 0.1670 0.0728 0.0073  -0.0232 -0.0289 5 DTH F N   
763  C CA  . DTH F 5 ? 0.2548 0.2248 0.1198 0.0041  -0.0232 -0.0244 5 DTH F CA  
764  C CB  . DTH F 5 ? 0.2276 0.1928 0.0884 -0.0050 -0.0289 -0.0118 5 DTH F CB  
765  C CG2 . DTH F 5 ? 0.2063 0.1429 0.0646 -0.0059 -0.0319 -0.0100 5 DTH F CG2 
766  O OG1 . DTH F 5 ? 0.3014 0.2832 0.1594 -0.0081 -0.0303 -0.0062 5 DTH F OG1 
767  C C   . DTH F 5 ? 0.2313 0.2282 0.0969 0.0050  -0.0188 -0.0260 5 DTH F C   
768  O O   . DTH F 5 ? 0.2069 0.2167 0.0729 0.0007  -0.0188 -0.0182 5 DTH F O   
775  N N   . ALA F 6 ? 0.2695 0.2719 0.1406 0.0091  -0.0137 -0.0344 6 ALA F N   
776  C CA  . ALA F 6 ? 0.2127 0.2337 0.0847 0.0108  -0.0077 -0.0367 6 ALA F CA  
777  C C   . ALA F 6 ? 0.3159 0.3540 0.1801 0.0059  -0.0099 -0.0270 6 ALA F C   
778  O O   . ALA F 6 ? 0.2854 0.3405 0.1504 0.0059  -0.0056 -0.0230 6 ALA F O   
779  C CB  . ALA F 6 ? 0.2791 0.2975 0.1556 0.0137  -0.0043 -0.0457 6 ALA F CB  
785  N N   . LEU F 7 ? 0.3210 0.3557 0.1795 0.0019  -0.0159 -0.0219 7 LEU F N   
786  C CA  . LEU F 7 ? 0.2888 0.3376 0.1431 -0.0030 -0.0182 -0.0104 7 LEU F CA  
787  C C   . LEU F 7 ? 0.2879 0.3302 0.1423 -0.0096 -0.0242 0.0015  7 LEU F C   
788  O O   . LEU F 7 ? 0.3368 0.3900 0.1936 -0.0141 -0.0239 0.0112  7 LEU F O   
789  C CB  . LEU F 7 ? 0.2518 0.3027 0.1013 -0.0033 -0.0208 -0.0107 7 LEU F CB  
790  C CG  . LEU F 7 ? 0.2317 0.2996 0.0779 -0.0070 -0.0210 -0.0002 7 LEU F CG  
791  C CD1 . LEU F 7 ? 0.2363 0.3214 0.0815 -0.0045 -0.0132 -0.0026 7 LEU F CD1 
792  C CD2 . LEU F 7 ? 0.3506 0.4190 0.1922 -0.0075 -0.0251 0.0004  7 LEU F CD2 
804  N N   . LEU F 8 ? 0.2175 0.2409 0.0703 -0.0109 -0.0292 0.0017  8 LEU F N   
805  C CA  . LEU F 8 ? 0.2270 0.2353 0.0804 -0.0178 -0.0341 0.0118  8 LEU F CA  
806  C C   . LEU F 8 ? 0.2997 0.2880 0.1560 -0.0158 -0.0336 0.0056  8 LEU F C   
807  O O   . LEU F 8 ? 0.2151 0.1945 0.0721 -0.0214 -0.0363 0.0115  8 LEU F O   
808  C CB  . LEU F 8 ? 0.2214 0.2176 0.0735 -0.0196 -0.0382 0.0172  8 LEU F CB  
809  C CG  . LEU F 8 ? 0.2275 0.2414 0.0799 -0.0227 -0.0393 0.0277  8 LEU F CG  
810  C CD1 . LEU F 8 ? 0.3067 0.3458 0.1594 -0.0202 -0.0349 0.0257  8 LEU F CD1 
811  C CD2 . LEU F 8 ? 0.2356 0.2453 0.0867 -0.0206 -0.0419 0.0283  8 LEU F CD2 
823  N N   . PHE G 1 ? 0.2034 0.2143 0.1178 0.0860  -0.0331 -0.0187 1 PHE G N   
824  C CA  . PHE G 1 ? 0.2790 0.2810 0.1941 0.0873  -0.0341 -0.0209 1 PHE G CA  
825  C C   . PHE G 1 ? 0.1835 0.1777 0.0972 0.0870  -0.0345 -0.0219 1 PHE G C   
826  O O   . PHE G 1 ? 0.1662 0.1588 0.0788 0.0854  -0.0347 -0.0209 1 PHE G O   
827  C CB  . PHE G 1 ? 0.1968 0.1978 0.1134 0.0842  -0.0346 -0.0200 1 PHE G CB  
828  C CG  . PHE G 1 ? 0.1743 0.1831 0.0924 0.0841  -0.0343 -0.0189 1 PHE G CG  
829  C CD1 . PHE G 1 ? 0.2116 0.2237 0.1301 0.0880  -0.0348 -0.0201 1 PHE G CD1 
830  C CD2 . PHE G 1 ? 0.2010 0.2138 0.1195 0.0806  -0.0343 -0.0175 1 PHE G CD2 
831  C CE1 . PHE G 1 ? 0.2486 0.2697 0.1689 0.0885  -0.0347 -0.0195 1 PHE G CE1 
832  C CE2 . PHE G 1 ? 0.1698 0.1912 0.0897 0.0798  -0.0341 -0.0165 1 PHE G CE2 
833  C CZ  . PHE G 1 ? 0.2024 0.2289 0.1238 0.0840  -0.0340 -0.0173 1 PHE G CZ  
844  N N   . MLU G 2 ? 0.1682 0.1569 0.0809 0.0884  -0.0358 -0.0237 2 MLU G N   
845  C CN  . MLU G 2 ? 0.1914 0.1780 0.1028 0.0911  -0.0376 -0.0253 2 MLU G CN  
846  C CA  . MLU G 2 ? 0.1685 0.1522 0.0805 0.0877  -0.0365 -0.0245 2 MLU G CA  
847  C C   . MLU G 2 ? 0.1832 0.1648 0.0927 0.0906  -0.0368 -0.0263 2 MLU G C   
848  O O   . MLU G 2 ? 0.1741 0.1508 0.0824 0.0903  -0.0383 -0.0274 2 MLU G O   
849  C CB  . MLU G 2 ? 0.1727 0.1533 0.0855 0.0851  -0.0387 -0.0241 2 MLU G CB  
850  C CG  . MLU G 2 ? 0.2120 0.1975 0.1270 0.0825  -0.0383 -0.0229 2 MLU G CG  
851  C CD1 . MLU G 2 ? 0.3345 0.3220 0.2504 0.0831  -0.0376 -0.0245 2 MLU G CD1 
852  C CD2 . MLU G 2 ? 0.1832 0.1697 0.0983 0.0790  -0.0410 -0.0214 2 MLU G CD2 
866  N N   . DLY G 3 ? 0.1736 0.1614 0.0822 0.0937  -0.0356 -0.0267 3 DLY G N   
867  C CA  . DLY G 3 ? 0.1768 0.1661 0.0833 0.0970  -0.0355 -0.0284 3 DLY G CA  
868  C C   . DLY G 3 ? 0.1754 0.1636 0.0817 0.0939  -0.0349 -0.0257 3 DLY G C   
869  O O   . DLY G 3 ? 0.1737 0.1609 0.0807 0.0907  -0.0350 -0.0233 3 DLY G O   
870  C CB  . DLY G 3 ? 0.1784 0.1804 0.0850 0.1012  -0.0343 -0.0290 3 DLY G CB  
871  C CG  . DLY G 3 ? 0.2729 0.2750 0.1785 0.1056  -0.0358 -0.0329 3 DLY G CG  
872  C CD  . DLY G 3 ? 0.2669 0.2853 0.1733 0.1123  -0.0348 -0.0356 3 DLY G CD  
873  C CE  . DLY G 3 ? 0.4234 0.4388 0.3268 0.1171  -0.0374 -0.0404 3 DLY G CE  
874  N NZ  . DLY G 3 ? 0.4730 0.5091 0.3795 0.1226  -0.0355 -0.0415 3 DLY G NZ  
888  N N   . SER G 4 ? 0.2574 0.2446 0.1618 0.0957  -0.0354 -0.0267 4 SER G N   
889  C CA  . SER G 4 ? 0.2020 0.1869 0.1050 0.0932  -0.0359 -0.0242 4 SER G CA  
890  C C   . SER G 4 ? 0.1784 0.1556 0.0822 0.0919  -0.0372 -0.0257 4 SER G C   
891  O O   . SER G 4 ? 0.2004 0.1741 0.1032 0.0906  -0.0385 -0.0244 4 SER G O   
892  C CB  . SER G 4 ? 0.2432 0.2319 0.1440 0.0956  -0.0360 -0.0246 4 SER G CB  
893  O OG  . SER G 4 ? 0.1932 0.1767 0.0938 0.0985  -0.0370 -0.0288 4 SER G OG  
899  N N   . DTH G 5 ? 0.1937 0.1689 0.0990 0.0920  -0.0378 -0.0282 5 DTH G N   
900  C CA  . DTH G 5 ? 0.1976 0.1710 0.1043 0.0910  -0.0392 -0.0294 5 DTH G CA  
901  C CB  . DTH G 5 ? 0.2228 0.1984 0.1325 0.0891  -0.0397 -0.0293 5 DTH G CB  
902  C CG2 . DTH G 5 ? 0.2177 0.1948 0.1282 0.0883  -0.0385 -0.0281 5 DTH G CG2 
903  O OG1 . DTH G 5 ? 0.1745 0.1481 0.0837 0.0880  -0.0412 -0.0289 5 DTH G OG1 
904  C C   . DTH G 5 ? 0.2021 0.1736 0.1077 0.0920  -0.0409 -0.0311 5 DTH G C   
905  O O   . DTH G 5 ? 0.1785 0.1509 0.0858 0.0908  -0.0427 -0.0316 5 DTH G O   
912  N N   . ALA G 6 ? 0.2073 0.1777 0.1101 0.0944  -0.0409 -0.0320 6 ALA G N   
913  C CA  . ALA G 6 ? 0.2219 0.1894 0.1229 0.0961  -0.0433 -0.0342 6 ALA G CA  
914  C C   . ALA G 6 ? 0.2331 0.1947 0.1331 0.0949  -0.0472 -0.0350 6 ALA G C   
915  O O   . ALA G 6 ? 0.2443 0.2027 0.1436 0.0937  -0.0507 -0.0354 6 ALA G O   
916  C CB  . ALA G 6 ? 0.2128 0.1826 0.1110 0.1003  -0.0425 -0.0356 6 ALA G CB  
922  N N   . LEU G 7 ? 0.2217 0.1811 0.1210 0.0947  -0.0476 -0.0348 7 LEU G N   
923  C CA  . LEU G 7 ? 0.2378 0.1894 0.1354 0.0921  -0.0527 -0.0339 7 LEU G CA  
924  C C   . LEU G 7 ? 0.2861 0.2423 0.1875 0.0867  -0.0524 -0.0299 7 LEU G C   
925  O O   . LEU G 7 ? 0.3324 0.2888 0.2334 0.0817  -0.0561 -0.0275 7 LEU G O   
926  C CB  . LEU G 7 ? 0.2894 0.2351 0.1832 0.0960  -0.0550 -0.0366 7 LEU G CB  
927  C CG  . LEU G 7 ? 0.2431 0.1754 0.1327 0.0938  -0.0626 -0.0358 7 LEU G CG  
928  C CD1 . LEU G 7 ? 0.3930 0.3160 0.2786 0.0924  -0.0688 -0.0365 7 LEU G CD1 
929  C CD2 . LEU G 7 ? 0.2400 0.1668 0.1254 0.0990  -0.0652 -0.0398 7 LEU G CD2 
941  N N   . LEU G 8 ? 0.1867 0.1485 0.0909 0.0872  -0.0483 -0.0291 8 LEU G N   
942  C CA  . LEU G 8 ? 0.1815 0.1498 0.0891 0.0834  -0.0475 -0.0266 8 LEU G CA  
943  C C   . LEU G 8 ? 0.1748 0.1500 0.0855 0.0851  -0.0436 -0.0278 8 LEU G C   
944  O O   . LEU G 8 ? 0.1918 0.1743 0.1052 0.0836  -0.0437 -0.0278 8 LEU G O   
945  C CB  . LEU G 8 ? 0.2077 0.1753 0.1154 0.0829  -0.0471 -0.0251 8 LEU G CB  
946  C CG  . LEU G 8 ? 0.2801 0.2381 0.1838 0.0841  -0.0511 -0.0254 8 LEU G CG  
947  C CD1 . LEU G 8 ? 0.2105 0.1702 0.1152 0.0834  -0.0506 -0.0235 8 LEU G CD1 
948  C CD2 . LEU G 8 ? 0.2475 0.1964 0.1470 0.0802  -0.0580 -0.0235 8 LEU G CD2 
960  N N   . PHE H 1 ? 0.1671 0.1587 0.1853 0.0365  0.0115  0.0149  1 PHE H N   
961  C CA  . PHE H 1 ? 0.0914 0.0836 0.1150 0.0321  0.0110  0.0166  1 PHE H CA  
962  C C   . PHE H 1 ? 0.0698 0.0707 0.0914 0.0288  0.0067  0.0153  1 PHE H C   
963  O O   . PHE H 1 ? 0.0715 0.0758 0.0896 0.0282  0.0042  0.0120  1 PHE H O   
964  C CB  . PHE H 1 ? 0.0775 0.0630 0.1103 0.0296  0.0115  0.0159  1 PHE H CB  
965  C CG  . PHE H 1 ? 0.1023 0.0779 0.1365 0.0318  0.0166  0.0173  1 PHE H CG  
966  C CD1 . PHE H 1 ? 0.0858 0.0564 0.1196 0.0316  0.0215  0.0206  1 PHE H CD1 
967  C CD2 . PHE H 1 ? 0.1128 0.0827 0.1471 0.0336  0.0169  0.0151  1 PHE H CD2 
968  C CE1 . PHE H 1 ? 0.1136 0.0752 0.1447 0.0312  0.0257  0.0213  1 PHE H CE1 
969  C CE2 . PHE H 1 ? 0.0986 0.0584 0.1323 0.0347  0.0214  0.0165  1 PHE H CE2 
970  C CZ  . PHE H 1 ? 0.1322 0.0886 0.1631 0.0326  0.0253  0.0195  1 PHE H CZ  
981  N N   . MLU H 2 ? 0.0676 0.0714 0.0910 0.0264  0.0063  0.0177  2 MLU H N   
982  C CN  . MLU H 2 ? 0.1077 0.1078 0.1345 0.0266  0.0104  0.0207  2 MLU H CN  
983  C CA  . MLU H 2 ? 0.0625 0.0725 0.0832 0.0230  0.0020  0.0171  2 MLU H CA  
984  C C   . MLU H 2 ? 0.0787 0.0949 0.0934 0.0233  0.0031  0.0182  2 MLU H C   
985  O O   . MLU H 2 ? 0.0809 0.1001 0.0953 0.0199  0.0007  0.0194  2 MLU H O   
986  C CB  . MLU H 2 ? 0.0615 0.0696 0.0908 0.0190  -0.0016 0.0186  2 MLU H CB  
987  C CG  . MLU H 2 ? 0.1014 0.1064 0.1333 0.0173  -0.0055 0.0161  2 MLU H CG  
988  C CD1 . MLU H 2 ? 0.0701 0.0786 0.0918 0.0146  -0.0099 0.0139  2 MLU H CD1 
989  C CD2 . MLU H 2 ? 0.1281 0.1299 0.1730 0.0145  -0.0088 0.0176  2 MLU H CD2 
1003 N N   . DLY H 3 ? 0.0596 0.0771 0.0696 0.0272  0.0060  0.0179  3 DLY H N   
1004 C CA  . DLY H 3 ? 0.0626 0.0867 0.0673 0.0274  0.0065  0.0182  3 DLY H CA  
1005 C C   . DLY H 3 ? 0.0649 0.0964 0.0648 0.0260  0.0045  0.0148  3 DLY H C   
1006 O O   . DLY H 3 ? 0.0708 0.1018 0.0703 0.0263  0.0037  0.0119  3 DLY H O   
1007 C CB  . DLY H 3 ? 0.0798 0.1028 0.0810 0.0321  0.0089  0.0189  3 DLY H CB  
1008 C CG  . DLY H 3 ? 0.1403 0.1547 0.1432 0.0323  0.0122  0.0222  3 DLY H CG  
1009 C CD  . DLY H 3 ? 0.0841 0.0933 0.0815 0.0370  0.0136  0.0233  3 DLY H CD  
1010 C CE  . DLY H 3 ? 0.1977 0.1970 0.1942 0.0360  0.0181  0.0265  3 DLY H CE  
1011 N NZ  . DLY H 3 ? 0.1931 0.1861 0.1810 0.0396  0.0188  0.0285  3 DLY H NZ  
1025 N N   . SER H 4 ? 0.0545 0.0924 0.0509 0.0241  0.0045  0.0147  4 SER H N   
1026 C CA  . SER H 4 ? 0.0557 0.1009 0.0474 0.0222  0.0041  0.0110  4 SER H CA  
1027 C C   . SER H 4 ? 0.0593 0.1027 0.0476 0.0168  0.0016  0.0102  4 SER H C   
1028 O O   . SER H 4 ? 0.1015 0.1485 0.0849 0.0150  0.0023  0.0062  4 SER H O   
1029 C CB  . SER H 4 ? 0.0615 0.1136 0.0508 0.0207  0.0051  0.0111  4 SER H CB  
1030 O OG  . SER H 4 ? 0.0725 0.1225 0.0611 0.0163  0.0040  0.0142  4 SER H OG  
1036 N N   . DTH H 5 ? 0.0975 0.1352 0.0884 0.0142  -0.0012 0.0137  5 DTH H N   
1037 C CA  . DTH H 5 ? 0.0647 0.0999 0.0507 0.0087  -0.0052 0.0139  5 DTH H CA  
1038 C CB  . DTH H 5 ? 0.0887 0.1167 0.0797 0.0079  -0.0094 0.0152  5 DTH H CB  
1039 C CG2 . DTH H 5 ? 0.0972 0.1232 0.0915 0.0119  -0.0071 0.0122  5 DTH H CG2 
1040 O OG1 . DTH H 5 ? 0.0806 0.1057 0.0809 0.0085  -0.0104 0.0191  5 DTH H OG1 
1041 C C   . DTH H 5 ? 0.0783 0.1138 0.0626 0.0050  -0.0070 0.0173  5 DTH H C   
1042 O O   . DTH H 5 ? 0.0783 0.1100 0.0597 0.0007  -0.0116 0.0193  5 DTH H O   
1049 N N   . ALA H 6 ? 0.0582 0.0980 0.0446 0.0067  -0.0037 0.0181  6 ALA H N   
1050 C CA  . ALA H 6 ? 0.0843 0.1240 0.0700 0.0034  -0.0044 0.0209  6 ALA H CA  
1051 C C   . ALA H 6 ? 0.0699 0.1029 0.0642 0.0028  -0.0079 0.0250  6 ALA H C   
1052 O O   . ALA H 6 ? 0.0618 0.0909 0.0547 -0.0012 -0.0127 0.0275  6 ALA H O   
1053 C CB  . ALA H 6 ? 0.0667 0.1121 0.0532 0.0056  0.0000  0.0202  6 ALA H CB  
1059 N N   . LEU H 7 ? 0.1238 0.1547 0.1274 0.0064  -0.0054 0.0257  7 LEU H N   
1060 C CA  . LEU H 7 ? 0.0825 0.1078 0.0978 0.0060  -0.0074 0.0284  7 LEU H CA  
1061 C C   . LEU H 7 ? 0.0897 0.1109 0.1093 0.0057  -0.0121 0.0283  7 LEU H C   
1062 O O   . LEU H 7 ? 0.1294 0.1468 0.1560 0.0036  -0.0176 0.0305  7 LEU H O   
1063 C CB  . LEU H 7 ? 0.0624 0.0865 0.0852 0.0092  -0.0016 0.0284  7 LEU H CB  
1064 C CG  . LEU H 7 ? 0.0845 0.1108 0.1053 0.0086  0.0025  0.0288  7 LEU H CG  
1065 C CD1 . LEU H 7 ? 0.1004 0.1238 0.1248 0.0111  0.0088  0.0283  7 LEU H CD1 
1066 C CD2 . LEU H 7 ? 0.0648 0.0891 0.0911 0.0053  -0.0002 0.0311  7 LEU H CD2 
1078 N N   . LEU H 8 ? 0.0562 0.0780 0.0725 0.0080  -0.0106 0.0256  8 LEU H N   
1079 C CA  . LEU H 8 ? 0.1320 0.1501 0.1510 0.0072  -0.0148 0.0246  8 LEU H CA  
1080 C C   . LEU H 8 ? 0.0768 0.0970 0.0830 0.0061  -0.0156 0.0213  8 LEU H C   
1081 O O   . LEU H 8 ? 0.1332 0.1506 0.1355 0.0029  -0.0206 0.0206  8 LEU H O   
1082 C CB  . LEU H 8 ? 0.0575 0.0725 0.0864 0.0107  -0.0111 0.0238  8 LEU H CB  
1083 C CG  . LEU H 8 ? 0.0932 0.1053 0.1364 0.0110  -0.0093 0.0260  8 LEU H CG  
1084 C CD1 . LEU H 8 ? 0.0714 0.0797 0.1211 0.0138  -0.0033 0.0249  8 LEU H CD1 
1085 C CD2 . LEU H 8 ? 0.0942 0.1038 0.1475 0.0080  -0.0167 0.0275  8 LEU H CD2 
# 
